data_4HGV
#
_entry.id   4HGV
#
_cell.length_a   72.163
_cell.length_b   159.965
_cell.length_c   162.041
_cell.angle_alpha   90.00
_cell.angle_beta   90.00
_cell.angle_gamma   90.00
#
_symmetry.space_group_name_H-M   'P 21 21 21'
#
loop_
_entity.id
_entity.type
_entity.pdbx_description
1 polymer 'Fumarate hydratase class II'
2 non-polymer 'SULFATE ION'
3 water water
#
_entity_poly.entity_id   1
_entity_poly.type   'polypeptide(L)'
_entity_poly.pdbx_seq_one_letter_code
;(MSE)HHHHHHSSGVDLGTENLYFQS(MSE)NR(MSE)TKAGIT(MSE)TSTRTETDTFGPIEVASDRYWGAQAQRSLGN
FKIGWEKQPLAIVRALGIVKQAAARAN(MSE)ALGRLDPAIGDAIVKAAQEVIDGKLDEHFPLVVWQTGSGTQSN(MSE)
NANEVVSNRAIELLGGV(MSE)GSKKPVHPNDHVN(MSE)SQSSNDTYPTA(MSE)HIACAERVIHDLLPALKHLHKALE
EKVKAFDHIIKIGRTHTQDATPLTLGQEFSGYAAQVASSIKRIE(MSE)TLPGLCELAQGGTAVGTGLNAPVGFAEKVAE
EIAAITGIGFTSAPNKFEALAAHDS(MSE)VFSHGAINATAAALFKIANDIRFLGSGPRSGLGELSLPENEPGSSI
(MSE)PGKVNPTQCEALTQVCVQVFGNHAALTFAGSQGHFELNVYNPL(MSE)AYNFLQSVQLLADAAISFTDNCVVGIE
AREDNIKAALDRSL(MSE)LVTALAPKIGYDNAAKIAKTAHKNGTTLREEAVGGGYVTDEEFDAVVRPET(MSE)IGPA
;
_entity_poly.pdbx_strand_id   A,B,C,D
#
# COMPACT_ATOMS: atom_id res chain seq x y z
N SER A 35 -12.93 -10.86 -45.02
CA SER A 35 -11.69 -10.67 -45.80
C SER A 35 -10.69 -9.80 -45.04
N THR A 36 -9.47 -9.77 -45.54
CA THR A 36 -8.40 -9.04 -44.87
C THR A 36 -7.63 -8.12 -45.82
N ARG A 37 -6.98 -7.14 -45.20
CA ARG A 37 -6.12 -6.18 -45.87
C ARG A 37 -4.70 -6.43 -45.38
N THR A 38 -3.73 -6.36 -46.28
CA THR A 38 -2.33 -6.52 -45.92
C THR A 38 -1.75 -5.20 -45.45
N GLU A 39 -1.35 -5.18 -44.18
CA GLU A 39 -0.66 -4.04 -43.59
C GLU A 39 0.81 -4.41 -43.38
N THR A 40 1.71 -3.46 -43.52
CA THR A 40 3.14 -3.78 -43.40
C THR A 40 3.86 -2.86 -42.42
N ASP A 41 4.74 -3.45 -41.62
CA ASP A 41 5.76 -2.68 -40.89
C ASP A 41 7.14 -3.22 -41.23
N THR A 42 8.16 -2.86 -40.45
CA THR A 42 9.54 -3.28 -40.72
C THR A 42 9.79 -4.77 -40.50
N PHE A 43 8.88 -5.42 -39.79
CA PHE A 43 8.92 -6.86 -39.60
C PHE A 43 8.34 -7.64 -40.78
N GLY A 44 7.51 -6.98 -41.59
CA GLY A 44 6.87 -7.65 -42.72
C GLY A 44 5.37 -7.42 -42.75
N PRO A 45 4.65 -8.18 -43.62
CA PRO A 45 3.21 -8.06 -43.81
C PRO A 45 2.41 -8.76 -42.69
N ILE A 46 1.21 -8.24 -42.41
CA ILE A 46 0.28 -8.88 -41.49
C ILE A 46 -1.14 -8.53 -41.92
N GLU A 47 -2.04 -9.50 -41.81
CA GLU A 47 -3.41 -9.31 -42.23
C GLU A 47 -4.25 -8.63 -41.13
N VAL A 48 -5.03 -7.63 -41.54
CA VAL A 48 -5.95 -6.90 -40.68
C VAL A 48 -7.34 -7.05 -41.30
N ALA A 49 -8.32 -7.38 -40.47
CA ALA A 49 -9.71 -7.41 -40.90
C ALA A 49 -10.06 -6.17 -41.70
N SER A 50 -10.75 -6.37 -42.82
CA SER A 50 -11.05 -5.29 -43.78
C SER A 50 -11.89 -4.18 -43.20
N ASP A 51 -12.80 -4.53 -42.28
CA ASP A 51 -13.65 -3.53 -41.64
C ASP A 51 -12.97 -2.75 -40.49
N ARG A 52 -11.70 -3.04 -40.20
CA ARG A 52 -10.97 -2.35 -39.13
C ARG A 52 -9.97 -1.32 -39.65
N TYR A 53 -9.86 -0.18 -38.96
CA TYR A 53 -8.98 0.91 -39.38
C TYR A 53 -7.54 0.85 -38.85
N TRP A 54 -7.27 -0.05 -37.92
CA TRP A 54 -5.93 -0.12 -37.36
C TRP A 54 -4.96 -0.81 -38.34
N GLY A 55 -3.67 -0.78 -38.02
CA GLY A 55 -2.65 -1.31 -38.93
C GLY A 55 -1.79 -2.42 -38.36
N ALA A 56 -0.56 -2.49 -38.87
CA ALA A 56 0.35 -3.60 -38.61
C ALA A 56 0.76 -3.69 -37.14
N GLN A 57 1.15 -2.57 -36.55
CA GLN A 57 1.63 -2.56 -35.15
C GLN A 57 0.51 -2.88 -34.17
N ALA A 58 -0.66 -2.31 -34.38
CA ALA A 58 -1.81 -2.67 -33.58
C ALA A 58 -2.13 -4.16 -33.68
N GLN A 59 -2.02 -4.74 -34.88
CA GLN A 59 -2.36 -6.15 -35.06
C GLN A 59 -1.33 -7.07 -34.38
N ARG A 60 -0.04 -6.72 -34.46
CA ARG A 60 1.03 -7.45 -33.75
C ARG A 60 0.88 -7.37 -32.24
N SER A 61 0.41 -6.23 -31.74
CA SER A 61 0.21 -6.03 -30.31
C SER A 61 -0.89 -6.91 -29.71
N LEU A 62 -1.87 -7.27 -30.54
CA LEU A 62 -2.92 -8.19 -30.13
C LEU A 62 -2.36 -9.55 -29.73
N GLY A 63 -1.36 -10.05 -30.46
CA GLY A 63 -0.77 -11.35 -30.12
C GLY A 63 0.37 -11.26 -29.10
N ASN A 64 1.06 -10.13 -29.09
CA ASN A 64 2.18 -9.95 -28.18
C ASN A 64 1.74 -9.74 -26.72
N PHE A 65 0.54 -9.19 -26.53
CA PHE A 65 0.05 -8.86 -25.18
C PHE A 65 -1.33 -9.41 -24.90
N LYS A 66 -1.41 -10.73 -24.79
CA LYS A 66 -2.64 -11.42 -24.48
C LYS A 66 -2.74 -11.53 -22.97
N ILE A 67 -3.02 -10.39 -22.34
CA ILE A 67 -2.94 -10.24 -20.88
C ILE A 67 -4.15 -9.47 -20.37
N GLY A 68 -4.98 -10.13 -19.57
CA GLY A 68 -6.04 -9.50 -18.80
C GLY A 68 -7.37 -9.29 -19.51
N TRP A 69 -8.29 -8.66 -18.80
CA TRP A 69 -9.62 -8.36 -19.35
C TRP A 69 -9.71 -6.93 -19.88
N GLU A 70 -8.78 -6.07 -19.48
CA GLU A 70 -8.97 -4.62 -19.60
C GLU A 70 -8.39 -4.00 -20.87
N LYS A 71 -9.24 -3.32 -21.64
CA LYS A 71 -8.75 -2.57 -22.77
C LYS A 71 -8.40 -1.19 -22.29
N GLN A 72 -7.60 -0.47 -23.07
CA GLN A 72 -7.33 0.93 -22.78
C GLN A 72 -8.67 1.63 -22.52
N PRO A 73 -8.78 2.37 -21.40
CA PRO A 73 -10.02 3.11 -21.12
C PRO A 73 -10.41 4.02 -22.30
N LEU A 74 -11.69 4.19 -22.56
CA LEU A 74 -12.14 5.02 -23.68
C LEU A 74 -11.72 6.50 -23.55
N ALA A 75 -11.52 6.97 -22.32
CA ALA A 75 -11.04 8.35 -22.12
C ALA A 75 -9.62 8.54 -22.68
N ILE A 76 -8.81 7.50 -22.62
CA ILE A 76 -7.47 7.53 -23.21
C ILE A 76 -7.54 7.55 -24.77
N VAL A 77 -8.43 6.74 -25.32
CA VAL A 77 -8.68 6.70 -26.79
C VAL A 77 -9.08 8.10 -27.29
N ARG A 78 -10.04 8.70 -26.60
CA ARG A 78 -10.49 10.06 -26.89
C ARG A 78 -9.31 11.01 -26.83
N ALA A 79 -8.49 10.89 -25.78
CA ALA A 79 -7.38 11.82 -25.57
C ALA A 79 -6.27 11.64 -26.60
N LEU A 80 -6.07 10.40 -27.05
CA LEU A 80 -5.13 10.17 -28.15
C LEU A 80 -5.63 10.89 -29.43
N GLY A 81 -6.93 10.80 -29.67
CA GLY A 81 -7.59 11.57 -30.75
C GLY A 81 -7.30 13.06 -30.64
N ILE A 82 -7.47 13.60 -29.43
CA ILE A 82 -7.20 15.02 -29.17
C ILE A 82 -5.78 15.41 -29.50
N VAL A 83 -4.83 14.58 -29.08
CA VAL A 83 -3.42 14.90 -29.34
C VAL A 83 -3.11 14.89 -30.84
N LYS A 84 -3.64 13.91 -31.55
CA LYS A 84 -3.42 13.81 -32.99
C LYS A 84 -4.02 15.00 -33.76
N GLN A 85 -5.19 15.47 -33.33
CA GLN A 85 -5.82 16.63 -33.94
C GLN A 85 -5.05 17.89 -33.61
N ALA A 86 -4.63 18.01 -32.34
CA ALA A 86 -3.85 19.14 -31.89
C ALA A 86 -2.51 19.21 -32.60
N ALA A 87 -1.85 18.06 -32.76
CA ALA A 87 -0.55 17.99 -33.41
C ALA A 87 -0.63 18.37 -34.89
N ALA A 88 -1.63 17.84 -35.60
CA ALA A 88 -1.90 18.22 -37.01
C ALA A 88 -2.03 19.74 -37.18
N ARG A 89 -2.92 20.36 -36.40
CA ARG A 89 -3.11 21.82 -36.39
C ARG A 89 -1.83 22.57 -36.05
N ALA A 90 -1.11 22.08 -35.03
CA ALA A 90 0.16 22.68 -34.64
C ALA A 90 1.23 22.54 -35.74
N ASN A 91 1.28 21.38 -36.39
CA ASN A 91 2.21 21.15 -37.48
C ASN A 91 1.91 22.01 -38.73
N ALA A 93 0.29 24.96 -38.66
CA ALA A 93 0.56 26.34 -38.26
C ALA A 93 2.04 26.66 -38.34
N LEU A 94 2.88 25.67 -38.08
CA LEU A 94 4.33 25.86 -38.15
C LEU A 94 4.91 25.59 -39.55
N GLY A 95 4.01 25.33 -40.51
CA GLY A 95 4.38 25.13 -41.92
C GLY A 95 5.12 23.83 -42.20
N ARG A 96 4.95 22.84 -41.34
CA ARG A 96 5.66 21.57 -41.50
C ARG A 96 4.77 20.46 -42.06
N LEU A 97 3.47 20.73 -42.14
CA LEU A 97 2.51 19.76 -42.65
C LEU A 97 1.56 20.38 -43.67
N ASP A 98 1.45 19.72 -44.83
CA ASP A 98 0.57 20.16 -45.92
C ASP A 98 -0.91 20.11 -45.52
N PRO A 99 -1.63 21.24 -45.71
CA PRO A 99 -3.06 21.36 -45.43
C PRO A 99 -3.92 20.26 -46.03
N ALA A 100 -3.59 19.79 -47.23
CA ALA A 100 -4.32 18.68 -47.85
C ALA A 100 -4.25 17.41 -47.00
N ILE A 101 -3.13 17.22 -46.29
CA ILE A 101 -2.93 16.05 -45.45
C ILE A 101 -3.55 16.25 -44.06
N GLY A 102 -3.18 17.35 -43.41
CA GLY A 102 -3.63 17.66 -42.05
C GLY A 102 -5.13 17.84 -41.87
N ASP A 103 -5.78 18.50 -42.83
CA ASP A 103 -7.22 18.70 -42.77
C ASP A 103 -7.93 17.37 -42.69
N ALA A 104 -7.36 16.36 -43.36
CA ALA A 104 -7.89 14.99 -43.33
C ALA A 104 -7.63 14.32 -41.97
N ILE A 105 -6.45 14.57 -41.42
CA ILE A 105 -6.08 14.05 -40.10
C ILE A 105 -7.05 14.63 -39.05
N VAL A 106 -7.24 15.94 -39.12
CA VAL A 106 -8.18 16.66 -38.25
C VAL A 106 -9.59 16.08 -38.25
N LYS A 107 -10.13 15.81 -39.42
CA LYS A 107 -11.48 15.25 -39.51
C LYS A 107 -11.52 13.80 -39.05
N ALA A 108 -10.48 13.04 -39.38
CA ALA A 108 -10.42 11.65 -38.95
C ALA A 108 -10.24 11.58 -37.42
N ALA A 109 -9.37 12.44 -36.88
CA ALA A 109 -9.12 12.47 -35.44
C ALA A 109 -10.37 12.93 -34.67
N GLN A 110 -11.19 13.81 -35.28
CA GLN A 110 -12.46 14.23 -34.68
C GLN A 110 -13.38 13.06 -34.40
N GLU A 111 -13.41 12.10 -35.32
CA GLU A 111 -14.21 10.87 -35.14
C GLU A 111 -13.68 10.01 -33.99
N VAL A 112 -12.36 10.06 -33.76
CA VAL A 112 -11.79 9.37 -32.60
C VAL A 112 -12.27 10.09 -31.33
N ILE A 113 -12.12 11.42 -31.31
CA ILE A 113 -12.52 12.29 -30.20
C ILE A 113 -13.99 12.13 -29.83
N ASP A 114 -14.84 11.98 -30.84
CA ASP A 114 -16.29 11.86 -30.62
C ASP A 114 -16.72 10.48 -30.14
N GLY A 115 -15.80 9.53 -30.13
CA GLY A 115 -16.13 8.18 -29.68
C GLY A 115 -16.77 7.33 -30.78
N LYS A 116 -16.56 7.72 -32.03
CA LYS A 116 -17.16 7.00 -33.18
C LYS A 116 -16.33 5.81 -33.64
N LEU A 117 -15.03 5.82 -33.30
CA LEU A 117 -14.08 4.78 -33.74
C LEU A 117 -13.52 3.91 -32.60
N ASP A 118 -14.28 3.80 -31.50
CA ASP A 118 -13.90 3.01 -30.31
C ASP A 118 -13.61 1.53 -30.60
N GLU A 119 -14.37 0.94 -31.52
CA GLU A 119 -14.20 -0.48 -31.83
C GLU A 119 -12.91 -0.78 -32.59
N HIS A 120 -12.16 0.27 -32.95
CA HIS A 120 -10.89 0.12 -33.65
C HIS A 120 -9.67 0.34 -32.74
N PHE A 121 -9.89 0.26 -31.42
CA PHE A 121 -8.80 0.25 -30.45
C PHE A 121 -8.95 -1.00 -29.59
N PRO A 122 -8.36 -2.13 -30.04
CA PRO A 122 -8.61 -3.40 -29.38
C PRO A 122 -7.53 -3.77 -28.37
N LEU A 123 -6.60 -2.87 -28.10
CA LEU A 123 -5.42 -3.22 -27.29
C LEU A 123 -5.65 -3.11 -25.77
N VAL A 124 -5.04 -4.04 -25.03
CA VAL A 124 -5.12 -4.09 -23.59
C VAL A 124 -4.32 -2.98 -22.90
N VAL A 125 -4.69 -2.73 -21.65
CA VAL A 125 -3.88 -1.93 -20.72
C VAL A 125 -2.46 -2.47 -20.62
N TRP A 126 -2.33 -3.78 -20.48
CA TRP A 126 -1.07 -4.43 -20.11
C TRP A 126 -0.10 -4.64 -21.28
N GLN A 127 0.35 -3.51 -21.84
CA GLN A 127 1.22 -3.47 -23.00
C GLN A 127 2.54 -2.80 -22.59
N THR A 128 3.33 -2.36 -23.58
CA THR A 128 4.57 -1.61 -23.34
C THR A 128 4.33 -0.39 -22.45
N GLY A 129 5.22 -0.19 -21.48
CA GLY A 129 5.03 0.79 -20.41
C GLY A 129 5.00 2.25 -20.82
N SER A 130 5.44 2.55 -22.04
CA SER A 130 5.40 3.93 -22.53
C SER A 130 4.04 4.23 -23.14
N GLY A 131 3.25 3.19 -23.37
CA GLY A 131 2.02 3.30 -24.13
C GLY A 131 2.20 3.37 -25.65
N THR A 132 3.38 2.99 -26.14
CA THR A 132 3.73 3.04 -27.57
C THR A 132 2.68 2.37 -28.43
N GLN A 133 2.25 1.18 -28.01
CA GLN A 133 1.37 0.39 -28.86
C GLN A 133 0.03 1.07 -29.09
N SER A 134 -0.48 1.72 -28.04
CA SER A 134 -1.70 2.50 -28.18
C SER A 134 -1.52 3.80 -28.97
N ASN A 135 -0.37 4.45 -28.83
CA ASN A 135 -0.04 5.59 -29.66
C ASN A 135 -0.03 5.19 -31.15
N ASN A 137 -1.49 2.56 -32.47
CA ASN A 137 -2.91 2.29 -32.76
C ASN A 137 -3.64 3.54 -33.23
N ALA A 138 -3.44 4.66 -32.54
CA ALA A 138 -4.10 5.91 -32.89
C ALA A 138 -3.57 6.45 -34.22
N ASN A 139 -2.24 6.43 -34.41
CA ASN A 139 -1.62 6.78 -35.69
C ASN A 139 -2.22 6.02 -36.88
N GLU A 140 -2.35 4.70 -36.74
CA GLU A 140 -2.81 3.84 -37.81
C GLU A 140 -4.30 4.08 -38.10
N VAL A 141 -5.11 4.12 -37.03
CA VAL A 141 -6.53 4.36 -37.19
C VAL A 141 -6.80 5.71 -37.85
N VAL A 142 -6.12 6.75 -37.35
CA VAL A 142 -6.28 8.08 -37.89
C VAL A 142 -5.84 8.13 -39.37
N SER A 143 -4.70 7.51 -39.67
CA SER A 143 -4.15 7.47 -41.03
C SER A 143 -5.05 6.72 -42.01
N ASN A 144 -5.54 5.54 -41.61
CA ASN A 144 -6.43 4.78 -42.49
C ASN A 144 -7.78 5.44 -42.76
N ARG A 145 -8.37 6.05 -41.72
CA ARG A 145 -9.61 6.80 -41.90
C ARG A 145 -9.38 8.03 -42.75
N ALA A 146 -8.26 8.72 -42.52
CA ALA A 146 -7.88 9.88 -43.32
C ALA A 146 -7.68 9.53 -44.79
N ILE A 147 -6.89 8.48 -45.04
CA ILE A 147 -6.73 7.92 -46.39
C ILE A 147 -8.09 7.65 -47.03
N GLU A 148 -9.00 7.00 -46.29
CA GLU A 148 -10.33 6.71 -46.80
C GLU A 148 -11.11 7.97 -47.21
N LEU A 149 -11.06 9.01 -46.36
CA LEU A 149 -11.75 10.27 -46.65
C LEU A 149 -11.19 10.94 -47.89
N LEU A 150 -9.91 10.71 -48.16
CA LEU A 150 -9.25 11.24 -49.35
C LEU A 150 -9.41 10.32 -50.57
N GLY A 151 -10.19 9.25 -50.40
CA GLY A 151 -10.43 8.26 -51.46
C GLY A 151 -9.19 7.47 -51.87
N GLY A 152 -8.28 7.26 -50.92
CA GLY A 152 -7.05 6.50 -51.16
C GLY A 152 -7.18 5.02 -50.84
N VAL A 153 -6.06 4.31 -50.84
CA VAL A 153 -6.04 2.87 -50.54
C VAL A 153 -5.63 2.67 -49.09
N GLY A 155 -4.09 0.92 -45.98
CA GLY A 155 -2.96 -0.01 -45.88
C GLY A 155 -1.73 0.48 -46.64
N SER A 156 -1.92 1.41 -47.58
CA SER A 156 -0.83 1.93 -48.41
C SER A 156 0.00 3.01 -47.73
N LYS A 157 -0.53 3.60 -46.66
CA LYS A 157 0.12 4.73 -46.00
C LYS A 157 0.23 5.96 -46.92
N LYS A 158 -0.66 6.02 -47.90
CA LYS A 158 -0.67 7.14 -48.86
C LYS A 158 -2.10 7.63 -49.06
N PRO A 159 -2.30 8.96 -49.10
CA PRO A 159 -1.27 9.97 -48.88
C PRO A 159 -1.00 10.27 -47.39
N VAL A 160 -1.72 9.62 -46.48
CA VAL A 160 -1.50 9.84 -45.03
C VAL A 160 -0.73 8.69 -44.37
N HIS A 161 0.48 9.00 -43.93
CA HIS A 161 1.38 8.03 -43.32
C HIS A 161 1.25 8.09 -41.80
N PRO A 162 1.03 6.93 -41.13
CA PRO A 162 0.83 6.91 -39.67
C PRO A 162 1.98 7.57 -38.90
N ASN A 163 3.21 7.31 -39.32
CA ASN A 163 4.36 7.88 -38.64
C ASN A 163 4.83 9.25 -39.16
N ASP A 164 4.90 9.40 -40.48
CA ASP A 164 5.46 10.61 -41.07
C ASP A 164 4.50 11.77 -40.90
N HIS A 165 3.20 11.47 -40.96
CA HIS A 165 2.19 12.52 -40.87
C HIS A 165 1.48 12.54 -39.52
N VAL A 166 0.72 11.49 -39.19
CA VAL A 166 -0.06 11.48 -37.94
C VAL A 166 0.81 11.62 -36.67
N ASN A 167 2.03 11.08 -36.71
CA ASN A 167 2.97 11.10 -35.59
C ASN A 167 4.09 12.15 -35.72
N SER A 169 6.42 15.20 -35.36
CA SER A 169 6.86 16.02 -34.24
C SER A 169 6.64 15.34 -32.89
N GLN A 170 6.20 14.09 -32.92
CA GLN A 170 5.91 13.35 -31.71
C GLN A 170 6.82 12.15 -31.50
N SER A 171 6.78 11.64 -30.28
CA SER A 171 7.33 10.36 -29.89
C SER A 171 6.23 9.66 -29.07
N SER A 172 6.30 8.34 -28.97
CA SER A 172 5.35 7.65 -28.08
C SER A 172 5.64 8.03 -26.63
N ASN A 173 6.91 8.32 -26.33
CA ASN A 173 7.33 8.69 -24.98
C ASN A 173 6.66 9.96 -24.49
N ASP A 174 6.37 10.90 -25.39
CA ASP A 174 5.74 12.15 -24.95
C ASP A 174 4.24 12.25 -25.24
N THR A 175 3.74 11.41 -26.14
CA THR A 175 2.33 11.47 -26.52
C THR A 175 1.38 10.74 -25.57
N TYR A 176 1.69 9.49 -25.22
CA TYR A 176 0.80 8.72 -24.35
C TYR A 176 0.64 9.38 -22.97
N PRO A 177 1.75 9.87 -22.37
CA PRO A 177 1.55 10.55 -21.08
C PRO A 177 0.81 11.89 -21.18
N THR A 178 0.88 12.56 -22.33
CA THR A 178 0.06 13.73 -22.59
C THR A 178 -1.40 13.30 -22.61
N ALA A 179 -1.69 12.24 -23.36
CA ALA A 179 -3.03 11.71 -23.44
C ALA A 179 -3.57 11.29 -22.06
N HIS A 181 -2.69 12.57 -19.04
CA HIS A 181 -3.05 13.76 -18.28
C HIS A 181 -4.33 14.41 -18.79
N ILE A 182 -4.50 14.45 -20.10
CA ILE A 182 -5.73 14.97 -20.69
C ILE A 182 -6.94 14.18 -20.19
N ALA A 183 -6.88 12.86 -20.31
CA ALA A 183 -7.97 12.01 -19.90
C ALA A 183 -8.30 12.17 -18.40
N CYS A 184 -7.27 12.12 -17.56
CA CYS A 184 -7.46 12.21 -16.11
C CYS A 184 -8.11 13.52 -15.69
N ALA A 185 -7.60 14.63 -16.23
CA ALA A 185 -8.13 15.96 -15.95
C ALA A 185 -9.56 16.08 -16.46
N GLU A 186 -9.81 15.63 -17.69
CA GLU A 186 -11.16 15.68 -18.28
C GLU A 186 -12.17 14.94 -17.43
N ARG A 187 -11.82 13.73 -17.00
CA ARG A 187 -12.77 12.91 -16.27
C ARG A 187 -13.00 13.46 -14.86
N VAL A 188 -11.95 13.99 -14.22
CA VAL A 188 -12.11 14.62 -12.91
C VAL A 188 -13.07 15.82 -13.05
N ILE A 189 -12.79 16.66 -14.04
CA ILE A 189 -13.54 17.90 -14.26
C ILE A 189 -14.98 17.66 -14.72
N HIS A 190 -15.22 16.66 -15.57
CA HIS A 190 -16.57 16.48 -16.12
C HIS A 190 -17.38 15.42 -15.39
N ASP A 191 -16.70 14.49 -14.71
CA ASP A 191 -17.40 13.40 -14.03
C ASP A 191 -17.36 13.53 -12.50
N LEU A 192 -16.17 13.45 -11.93
CA LEU A 192 -16.02 13.39 -10.47
C LEU A 192 -16.44 14.69 -9.75
N LEU A 193 -15.93 15.84 -10.18
CA LEU A 193 -16.29 17.07 -9.49
C LEU A 193 -17.82 17.37 -9.51
N PRO A 194 -18.49 17.26 -10.68
CA PRO A 194 -19.96 17.38 -10.63
C PRO A 194 -20.69 16.33 -9.78
N ALA A 195 -20.28 15.06 -9.86
CA ALA A 195 -20.84 14.03 -8.97
C ALA A 195 -20.72 14.39 -7.48
N LEU A 196 -19.57 14.91 -7.07
CA LEU A 196 -19.37 15.32 -5.69
C LEU A 196 -20.22 16.54 -5.29
N LYS A 197 -20.37 17.52 -6.19
CA LYS A 197 -21.24 18.68 -5.93
C LYS A 197 -22.71 18.26 -5.82
N HIS A 198 -23.12 17.35 -6.69
CA HIS A 198 -24.43 16.71 -6.60
C HIS A 198 -24.65 16.10 -5.21
N LEU A 199 -23.68 15.32 -4.74
CA LEU A 199 -23.77 14.74 -3.40
C LEU A 199 -23.81 15.82 -2.31
N HIS A 200 -22.92 16.81 -2.41
CA HIS A 200 -22.92 17.90 -1.45
C HIS A 200 -24.30 18.55 -1.34
N LYS A 201 -24.88 18.88 -2.50
CA LYS A 201 -26.20 19.48 -2.58
C LYS A 201 -27.23 18.64 -1.85
N ALA A 202 -27.24 17.33 -2.10
CA ALA A 202 -28.20 16.48 -1.40
C ALA A 202 -27.92 16.38 0.11
N LEU A 203 -26.65 16.49 0.51
CA LEU A 203 -26.34 16.46 1.94
C LEU A 203 -26.80 17.73 2.65
N GLU A 204 -26.61 18.87 2.01
CA GLU A 204 -27.11 20.14 2.52
C GLU A 204 -28.64 20.22 2.68
N GLU A 205 -29.39 19.60 1.77
CA GLU A 205 -30.85 19.46 1.94
C GLU A 205 -31.17 18.77 3.27
N LYS A 206 -30.42 17.72 3.56
CA LYS A 206 -30.66 16.93 4.77
C LYS A 206 -30.26 17.65 6.05
N VAL A 207 -29.20 18.48 5.98
CA VAL A 207 -28.81 19.37 7.07
C VAL A 207 -29.99 20.26 7.48
N LYS A 208 -30.60 20.92 6.50
CA LYS A 208 -31.82 21.73 6.73
C LYS A 208 -33.01 20.92 7.25
N ALA A 209 -33.28 19.76 6.67
CA ALA A 209 -34.40 18.93 7.10
C ALA A 209 -34.25 18.39 8.53
N PHE A 210 -33.01 18.07 8.91
CA PHE A 210 -32.77 17.37 10.16
C PHE A 210 -32.31 18.32 11.28
N ASP A 211 -32.23 19.61 10.97
CA ASP A 211 -31.72 20.60 11.90
C ASP A 211 -32.49 20.74 13.21
N HIS A 212 -33.78 20.39 13.20
CA HIS A 212 -34.64 20.47 14.42
C HIS A 212 -34.55 19.20 15.29
N ILE A 213 -33.90 18.16 14.78
CA ILE A 213 -33.94 16.85 15.43
C ILE A 213 -32.72 16.64 16.32
N ILE A 214 -32.94 16.55 17.63
CA ILE A 214 -31.86 16.38 18.59
C ILE A 214 -31.70 14.91 18.93
N LYS A 215 -30.48 14.41 18.79
CA LYS A 215 -30.22 13.00 19.02
C LYS A 215 -29.07 12.87 20.01
N ILE A 216 -28.86 11.66 20.51
CA ILE A 216 -27.71 11.38 21.34
C ILE A 216 -26.44 11.14 20.50
N GLY A 217 -25.37 11.87 20.80
CA GLY A 217 -24.05 11.66 20.15
C GLY A 217 -23.45 10.30 20.48
N ARG A 218 -22.49 9.86 19.68
CA ARG A 218 -21.74 8.62 19.96
C ARG A 218 -20.26 8.85 19.78
N THR A 219 -19.49 8.57 20.82
CA THR A 219 -18.03 8.66 20.82
C THR A 219 -17.52 7.33 21.38
N HIS A 220 -16.55 6.73 20.68
CA HIS A 220 -16.08 5.39 20.99
C HIS A 220 -17.19 4.35 20.80
N THR A 221 -18.28 4.78 20.16
CA THR A 221 -19.55 4.03 20.00
C THR A 221 -20.42 4.02 21.25
N GLN A 222 -20.01 4.79 22.27
CA GLN A 222 -20.77 4.89 23.51
C GLN A 222 -21.68 6.10 23.48
N ASP A 223 -22.79 6.03 24.23
CA ASP A 223 -23.71 7.16 24.38
C ASP A 223 -22.95 8.40 24.85
N ALA A 224 -23.22 9.55 24.23
CA ALA A 224 -22.51 10.79 24.59
C ALA A 224 -23.48 11.99 24.60
N THR A 225 -22.95 13.20 24.72
CA THR A 225 -23.81 14.38 24.81
C THR A 225 -24.59 14.59 23.50
N PRO A 226 -25.63 15.46 23.51
CA PRO A 226 -26.46 15.54 22.30
C PRO A 226 -25.91 16.42 21.18
N LEU A 227 -26.47 16.21 19.99
CA LEU A 227 -26.30 17.10 18.85
C LEU A 227 -27.51 16.88 17.95
N THR A 228 -27.73 17.77 17.00
CA THR A 228 -28.79 17.53 16.05
C THR A 228 -28.32 16.57 14.96
N LEU A 229 -29.27 15.87 14.36
CA LEU A 229 -29.01 15.08 13.17
C LEU A 229 -28.51 15.99 12.03
N GLY A 230 -29.04 17.22 11.98
CA GLY A 230 -28.54 18.24 11.06
C GLY A 230 -27.08 18.59 11.26
N GLN A 231 -26.65 18.75 12.51
CA GLN A 231 -25.23 18.96 12.82
C GLN A 231 -24.40 17.76 12.33
N GLU A 232 -24.89 16.55 12.56
CA GLU A 232 -24.15 15.36 12.14
C GLU A 232 -23.98 15.36 10.62
N PHE A 233 -25.06 15.65 9.89
CA PHE A 233 -25.00 15.73 8.43
C PHE A 233 -24.19 16.94 7.96
N SER A 234 -24.08 17.97 8.78
CA SER A 234 -23.27 19.13 8.39
C SER A 234 -21.80 18.71 8.30
N GLY A 235 -21.42 17.76 9.15
CA GLY A 235 -20.07 17.17 9.09
C GLY A 235 -19.86 16.44 7.77
N TYR A 236 -20.83 15.63 7.38
CA TYR A 236 -20.71 14.87 6.14
C TYR A 236 -20.61 15.82 4.97
N ALA A 237 -21.47 16.85 4.98
CA ALA A 237 -21.47 17.84 3.90
C ALA A 237 -20.17 18.62 3.82
N ALA A 238 -19.61 18.99 4.98
CA ALA A 238 -18.31 19.69 4.97
C ALA A 238 -17.16 18.77 4.52
N GLN A 239 -17.23 17.48 4.86
CA GLN A 239 -16.24 16.52 4.31
C GLN A 239 -16.28 16.50 2.78
N VAL A 240 -17.47 16.49 2.19
CA VAL A 240 -17.61 16.49 0.72
C VAL A 240 -17.09 17.79 0.08
N ALA A 241 -17.42 18.94 0.69
CA ALA A 241 -16.98 20.24 0.19
C ALA A 241 -15.46 20.35 0.26
N SER A 242 -14.90 19.89 1.37
CA SER A 242 -13.45 19.87 1.54
C SER A 242 -12.76 18.99 0.49
N SER A 243 -13.32 17.82 0.20
CA SER A 243 -12.79 16.90 -0.83
C SER A 243 -12.74 17.59 -2.20
N ILE A 244 -13.84 18.27 -2.54
CA ILE A 244 -13.92 19.06 -3.76
C ILE A 244 -12.76 20.04 -3.88
N LYS A 245 -12.49 20.81 -2.83
CA LYS A 245 -11.42 21.80 -2.85
C LYS A 245 -10.06 21.14 -2.98
N ARG A 246 -9.88 20.00 -2.31
CA ARG A 246 -8.61 19.28 -2.35
C ARG A 246 -8.32 18.79 -3.77
N ILE A 247 -9.31 18.19 -4.42
CA ILE A 247 -9.17 17.72 -5.80
C ILE A 247 -8.85 18.88 -6.76
N GLU A 248 -9.63 19.96 -6.69
CA GLU A 248 -9.43 21.14 -7.55
C GLU A 248 -8.03 21.70 -7.51
N THR A 250 -5.32 20.23 -7.05
CA THR A 250 -4.33 19.38 -7.70
C THR A 250 -4.42 19.43 -9.24
N LEU A 251 -5.42 20.13 -9.76
CA LEU A 251 -5.67 20.15 -11.22
C LEU A 251 -4.62 20.88 -12.04
N PRO A 252 -4.10 22.04 -11.55
CA PRO A 252 -3.04 22.72 -12.32
C PRO A 252 -1.86 21.80 -12.62
N GLY A 253 -1.44 21.04 -11.62
CA GLY A 253 -0.40 20.03 -11.79
C GLY A 253 -0.75 19.02 -12.88
N LEU A 254 -1.99 18.53 -12.88
CA LEU A 254 -2.43 17.57 -13.90
C LEU A 254 -2.54 18.17 -15.29
N CYS A 255 -2.65 19.48 -15.39
CA CYS A 255 -2.88 20.11 -16.68
C CYS A 255 -1.58 20.45 -17.43
N GLU A 256 -0.44 20.20 -16.80
CA GLU A 256 0.86 20.39 -17.45
C GLU A 256 1.22 19.16 -18.30
N LEU A 257 1.54 19.39 -19.58
CA LEU A 257 1.63 18.31 -20.55
C LEU A 257 3.04 18.07 -21.04
N ALA A 258 3.38 16.80 -21.23
CA ALA A 258 4.73 16.41 -21.68
C ALA A 258 4.97 16.61 -23.17
N GLN A 259 3.91 16.86 -23.94
CA GLN A 259 4.01 16.95 -25.40
C GLN A 259 5.06 17.97 -25.83
N GLY A 260 6.02 17.51 -26.61
CA GLY A 260 7.08 18.39 -27.08
C GLY A 260 8.42 17.98 -26.51
N GLY A 261 8.41 17.20 -25.44
CA GLY A 261 9.65 16.62 -24.89
C GLY A 261 10.28 15.59 -25.80
N THR A 262 9.51 15.09 -26.77
CA THR A 262 9.90 13.96 -27.65
C THR A 262 10.56 12.80 -26.89
N ALA A 263 11.58 12.14 -27.47
CA ALA A 263 12.02 10.84 -26.94
C ALA A 263 12.54 10.86 -25.49
N VAL A 264 13.34 11.87 -25.15
CA VAL A 264 14.04 11.90 -23.86
C VAL A 264 13.85 13.19 -23.08
N GLY A 265 13.15 14.17 -23.64
CA GLY A 265 12.89 15.39 -22.89
C GLY A 265 13.45 16.63 -23.54
N THR A 266 14.43 16.45 -24.43
CA THR A 266 15.14 17.59 -25.04
C THR A 266 14.30 18.33 -26.07
N GLY A 267 13.31 17.66 -26.65
CA GLY A 267 12.51 18.26 -27.70
C GLY A 267 13.10 18.13 -29.11
N LEU A 268 14.16 17.34 -29.25
CA LEU A 268 14.76 17.06 -30.55
C LEU A 268 13.74 16.41 -31.49
N ASN A 269 13.72 16.85 -32.75
CA ASN A 269 12.75 16.38 -33.75
C ASN A 269 11.35 17.00 -33.66
N ALA A 270 11.23 18.03 -32.82
CA ALA A 270 10.02 18.84 -32.79
C ALA A 270 10.42 20.24 -33.20
N PRO A 271 9.56 20.91 -33.99
CA PRO A 271 9.82 22.30 -34.37
C PRO A 271 9.89 23.20 -33.15
N VAL A 272 10.78 24.18 -33.17
CA VAL A 272 10.81 25.23 -32.16
C VAL A 272 9.39 25.81 -32.03
N GLY A 273 8.88 25.82 -30.80
CA GLY A 273 7.54 26.31 -30.51
C GLY A 273 6.42 25.31 -30.72
N PHE A 274 6.76 24.04 -30.97
CA PHE A 274 5.73 23.01 -31.10
C PHE A 274 5.11 22.70 -29.73
N ALA A 275 5.95 22.64 -28.70
CA ALA A 275 5.50 22.33 -27.35
C ALA A 275 4.39 23.28 -26.92
N GLU A 276 4.65 24.59 -27.06
CA GLU A 276 3.72 25.65 -26.68
C GLU A 276 2.45 25.64 -27.50
N LYS A 277 2.60 25.51 -28.82
CA LYS A 277 1.48 25.57 -29.73
C LYS A 277 0.54 24.36 -29.58
N VAL A 278 1.10 23.18 -29.42
CA VAL A 278 0.25 21.98 -29.35
C VAL A 278 -0.56 21.98 -28.05
N ALA A 279 0.05 22.47 -26.97
CA ALA A 279 -0.66 22.63 -25.69
C ALA A 279 -1.83 23.61 -25.87
N GLU A 280 -1.57 24.72 -26.57
CA GLU A 280 -2.62 25.69 -26.89
C GLU A 280 -3.76 25.03 -27.67
N GLU A 281 -3.41 24.18 -28.64
CA GLU A 281 -4.40 23.53 -29.50
C GLU A 281 -5.24 22.54 -28.69
N ILE A 282 -4.58 21.84 -27.76
CA ILE A 282 -5.24 20.92 -26.85
C ILE A 282 -6.22 21.65 -25.93
N ALA A 283 -5.76 22.75 -25.32
CA ALA A 283 -6.61 23.63 -24.51
C ALA A 283 -7.87 24.06 -25.28
N ALA A 284 -7.68 24.50 -26.52
CA ALA A 284 -8.80 24.91 -27.38
C ALA A 284 -9.80 23.78 -27.68
N ILE A 285 -9.30 22.56 -27.89
CA ILE A 285 -10.20 21.42 -28.14
C ILE A 285 -11.03 21.06 -26.91
N THR A 286 -10.38 21.04 -25.75
CA THR A 286 -10.99 20.51 -24.51
C THR A 286 -11.78 21.56 -23.73
N GLY A 287 -11.40 22.83 -23.88
CA GLY A 287 -11.97 23.93 -23.09
C GLY A 287 -11.37 23.98 -21.69
N ILE A 288 -10.21 23.35 -21.53
CA ILE A 288 -9.54 23.21 -20.24
C ILE A 288 -8.16 23.87 -20.34
N GLY A 289 -7.71 24.52 -19.26
CA GLY A 289 -6.47 25.29 -19.28
C GLY A 289 -5.19 24.47 -19.25
N PHE A 290 -5.01 23.57 -20.22
CA PHE A 290 -3.77 22.81 -20.37
C PHE A 290 -2.60 23.71 -20.77
N THR A 291 -1.43 23.39 -20.22
CA THR A 291 -0.22 24.12 -20.53
C THR A 291 0.90 23.12 -20.78
N SER A 292 1.98 23.60 -21.41
CA SER A 292 3.18 22.80 -21.64
C SER A 292 4.02 22.77 -20.35
N ALA A 293 4.38 21.57 -19.92
CA ALA A 293 5.17 21.40 -18.69
C ALA A 293 6.51 22.16 -18.75
N PRO A 294 6.82 22.92 -17.68
CA PRO A 294 8.02 23.75 -17.70
C PRO A 294 9.32 22.95 -17.76
N ASN A 295 9.29 21.69 -17.30
CA ASN A 295 10.45 20.81 -17.38
C ASN A 295 10.03 19.47 -17.96
N LYS A 296 10.45 19.20 -19.18
CA LYS A 296 10.06 18.00 -19.92
C LYS A 296 10.71 16.71 -19.39
N PHE A 297 11.84 16.82 -18.72
CA PHE A 297 12.52 15.65 -18.17
C PHE A 297 11.74 15.11 -16.97
N GLU A 298 11.23 16.04 -16.14
CA GLU A 298 10.33 15.77 -15.02
C GLU A 298 9.02 15.16 -15.54
N ALA A 299 8.52 15.69 -16.65
CA ALA A 299 7.24 15.27 -17.20
C ALA A 299 7.32 13.88 -17.83
N LEU A 300 8.51 13.49 -18.32
CA LEU A 300 8.67 12.18 -18.95
C LEU A 300 9.12 11.07 -17.98
N ALA A 301 10.00 11.42 -17.05
CA ALA A 301 10.63 10.46 -16.16
C ALA A 301 9.78 10.14 -14.93
N ALA A 302 8.78 10.98 -14.68
CA ALA A 302 7.92 10.85 -13.50
C ALA A 302 6.51 11.35 -13.78
N HIS A 303 5.56 10.91 -12.96
CA HIS A 303 4.19 11.41 -13.05
C HIS A 303 3.69 11.70 -11.62
N ASP A 304 4.47 12.51 -10.92
CA ASP A 304 4.24 12.81 -9.52
C ASP A 304 2.97 13.65 -9.34
N SER A 305 2.62 14.40 -10.38
CA SER A 305 1.38 15.16 -10.44
C SER A 305 0.18 14.25 -10.31
N VAL A 307 0.27 11.13 -8.93
CA VAL A 307 0.34 10.57 -7.57
C VAL A 307 -0.34 11.57 -6.61
N PHE A 308 0.02 12.86 -6.75
CA PHE A 308 -0.57 13.92 -5.91
C PHE A 308 -2.08 14.10 -6.11
N SER A 309 -2.55 14.21 -7.36
CA SER A 309 -4.01 14.29 -7.61
C SER A 309 -4.75 13.08 -7.09
N HIS A 310 -4.21 11.90 -7.36
CA HIS A 310 -4.86 10.68 -6.89
C HIS A 310 -4.87 10.59 -5.35
N GLY A 311 -3.91 11.24 -4.70
CA GLY A 311 -3.93 11.46 -3.24
C GLY A 311 -5.13 12.29 -2.80
N ALA A 312 -5.57 13.24 -3.63
CA ALA A 312 -6.83 13.95 -3.38
C ALA A 312 -8.03 13.01 -3.55
N ILE A 313 -7.99 12.16 -4.57
CA ILE A 313 -9.04 11.16 -4.79
C ILE A 313 -9.06 10.12 -3.65
N ASN A 314 -7.87 9.69 -3.24
CA ASN A 314 -7.69 8.78 -2.10
C ASN A 314 -8.31 9.35 -0.80
N ALA A 315 -7.97 10.61 -0.52
CA ALA A 315 -8.61 11.34 0.62
C ALA A 315 -10.15 11.43 0.51
N THR A 316 -10.66 11.67 -0.69
CA THR A 316 -12.11 11.71 -0.92
C THR A 316 -12.76 10.36 -0.62
N ALA A 317 -12.16 9.28 -1.13
CA ALA A 317 -12.65 7.92 -0.84
C ALA A 317 -12.70 7.64 0.66
N ALA A 318 -11.70 8.10 1.40
CA ALA A 318 -11.72 7.91 2.85
C ALA A 318 -12.89 8.66 3.53
N ALA A 319 -13.16 9.89 3.06
CA ALA A 319 -14.29 10.69 3.54
C ALA A 319 -15.62 10.01 3.22
N LEU A 320 -15.81 9.67 1.94
CA LEU A 320 -17.04 9.02 1.50
C LEU A 320 -17.25 7.67 2.14
N PHE A 321 -16.18 6.93 2.40
CA PHE A 321 -16.33 5.63 3.06
C PHE A 321 -16.97 5.86 4.44
N LYS A 322 -16.42 6.84 5.16
CA LYS A 322 -16.86 7.13 6.52
C LYS A 322 -18.33 7.55 6.51
N ILE A 323 -18.70 8.45 5.61
CA ILE A 323 -20.10 8.88 5.48
C ILE A 323 -21.06 7.70 5.25
N ALA A 324 -20.76 6.87 4.24
CA ALA A 324 -21.60 5.72 3.92
C ALA A 324 -21.65 4.69 5.03
N ASN A 325 -20.50 4.41 5.66
CA ASN A 325 -20.48 3.51 6.79
C ASN A 325 -21.36 3.99 7.96
N ASP A 326 -21.27 5.28 8.30
CA ASP A 326 -22.14 5.88 9.32
C ASP A 326 -23.62 5.69 8.95
N ILE A 327 -23.98 6.04 7.72
CA ILE A 327 -25.38 5.98 7.28
C ILE A 327 -25.88 4.52 7.32
N ARG A 328 -25.04 3.60 6.87
CA ARG A 328 -25.28 2.16 7.05
C ARG A 328 -25.70 1.81 8.48
N PHE A 329 -24.86 2.20 9.44
CA PHE A 329 -25.12 1.90 10.85
C PHE A 329 -26.30 2.70 11.43
N LEU A 330 -26.44 3.97 11.05
CA LEU A 330 -27.56 4.75 11.56
C LEU A 330 -28.91 4.22 11.07
N GLY A 331 -28.89 3.61 9.88
CA GLY A 331 -30.05 2.99 9.28
C GLY A 331 -30.33 1.60 9.79
N SER A 332 -29.45 1.05 10.63
CA SER A 332 -29.55 -0.33 11.06
C SER A 332 -30.80 -0.63 11.89
N GLY A 333 -31.35 -1.82 11.69
CA GLY A 333 -32.52 -2.27 12.42
C GLY A 333 -33.32 -3.26 11.59
N PRO A 334 -34.65 -3.08 11.52
CA PRO A 334 -35.39 -1.92 12.04
C PRO A 334 -35.56 -1.88 13.57
N ARG A 335 -35.37 -3.01 14.24
CA ARG A 335 -35.70 -3.12 15.66
C ARG A 335 -34.55 -3.40 16.62
N SER A 336 -33.49 -4.04 16.14
CA SER A 336 -32.34 -4.35 17.01
C SER A 336 -31.04 -3.68 16.57
N GLY A 337 -31.17 -2.60 15.81
CA GLY A 337 -30.02 -1.81 15.38
C GLY A 337 -30.01 -0.50 16.12
N LEU A 338 -29.55 0.56 15.45
CA LEU A 338 -29.55 1.90 16.05
C LEU A 338 -30.84 2.63 15.74
N GLY A 339 -31.43 2.37 14.58
CA GLY A 339 -32.80 2.79 14.27
C GLY A 339 -33.03 4.29 14.19
N GLU A 340 -32.03 5.01 13.69
CA GLU A 340 -32.16 6.45 13.62
C GLU A 340 -32.70 6.89 12.29
N LEU A 341 -32.39 6.12 11.24
CA LEU A 341 -32.65 6.51 9.87
C LEU A 341 -33.41 5.43 9.13
N SER A 342 -34.29 5.88 8.24
CA SER A 342 -35.04 4.99 7.39
C SER A 342 -34.51 5.26 5.99
N LEU A 343 -33.80 4.27 5.43
CA LEU A 343 -33.18 4.43 4.11
C LEU A 343 -34.11 3.87 3.05
N PRO A 344 -34.17 4.52 1.88
CA PRO A 344 -35.11 4.05 0.86
C PRO A 344 -34.87 2.58 0.46
N GLU A 345 -35.96 1.88 0.20
CA GLU A 345 -35.92 0.47 -0.18
C GLU A 345 -35.91 0.40 -1.70
N ASN A 346 -34.83 -0.07 -2.29
CA ASN A 346 -34.73 -0.14 -3.75
C ASN A 346 -34.99 -1.54 -4.30
N GLU A 347 -34.57 -2.56 -3.52
CA GLU A 347 -34.65 -3.97 -3.94
C GLU A 347 -35.07 -4.78 -2.72
N PRO A 348 -35.56 -6.02 -2.93
CA PRO A 348 -35.70 -6.92 -1.76
C PRO A 348 -34.34 -7.32 -1.15
N GLY A 349 -34.15 -7.17 0.17
CA GLY A 349 -35.10 -6.46 1.04
C GLY A 349 -35.19 -6.84 2.50
N SER A 350 -35.80 -8.00 2.77
CA SER A 350 -36.23 -8.45 4.11
C SER A 350 -37.39 -7.60 4.62
N LYS A 356 -37.49 -4.27 7.26
CA LYS A 356 -36.05 -4.41 7.04
C LYS A 356 -35.64 -3.95 5.64
N VAL A 357 -34.45 -3.37 5.57
CA VAL A 357 -33.98 -2.61 4.41
C VAL A 357 -32.44 -2.68 4.28
N ASN A 358 -31.90 -3.72 3.63
CA ASN A 358 -30.44 -3.79 3.38
C ASN A 358 -29.86 -2.52 2.73
N PRO A 359 -28.87 -1.87 3.39
CA PRO A 359 -28.29 -0.64 2.87
C PRO A 359 -27.32 -0.89 1.71
N THR A 360 -27.87 -1.30 0.58
CA THR A 360 -27.05 -1.77 -0.55
C THR A 360 -26.26 -0.69 -1.24
N GLN A 361 -26.76 0.55 -1.22
CA GLN A 361 -26.02 1.67 -1.83
C GLN A 361 -24.77 2.04 -1.01
N CYS A 362 -24.88 1.95 0.33
CA CYS A 362 -23.74 2.14 1.22
C CYS A 362 -22.69 1.07 0.92
N GLU A 363 -23.16 -0.15 0.67
CA GLU A 363 -22.23 -1.26 0.39
C GLU A 363 -21.50 -1.08 -0.94
N ALA A 364 -22.22 -0.65 -1.98
CA ALA A 364 -21.56 -0.35 -3.25
C ALA A 364 -20.52 0.74 -3.08
N LEU A 365 -20.89 1.80 -2.36
CA LEU A 365 -19.99 2.94 -2.22
C LEU A 365 -18.77 2.57 -1.36
N THR A 366 -18.99 1.89 -0.25
CA THR A 366 -17.84 1.50 0.58
C THR A 366 -16.90 0.55 -0.19
N GLN A 367 -17.44 -0.39 -0.95
CA GLN A 367 -16.60 -1.31 -1.74
C GLN A 367 -15.72 -0.56 -2.74
N VAL A 368 -16.36 0.35 -3.46
CA VAL A 368 -15.68 1.28 -4.35
C VAL A 368 -14.59 2.11 -3.66
N CYS A 369 -14.86 2.56 -2.43
CA CYS A 369 -13.86 3.36 -1.73
C CYS A 369 -12.63 2.52 -1.38
N VAL A 370 -12.85 1.29 -0.90
CA VAL A 370 -11.71 0.40 -0.64
C VAL A 370 -10.93 0.08 -1.94
N GLN A 371 -11.64 -0.04 -3.06
CA GLN A 371 -10.98 -0.23 -4.37
C GLN A 371 -10.02 0.93 -4.66
N VAL A 372 -10.44 2.16 -4.35
CA VAL A 372 -9.60 3.33 -4.56
C VAL A 372 -8.33 3.29 -3.66
N PHE A 373 -8.45 2.73 -2.45
CA PHE A 373 -7.28 2.68 -1.57
C PHE A 373 -6.21 1.78 -2.20
N GLY A 374 -6.65 0.67 -2.77
CA GLY A 374 -5.78 -0.27 -3.46
C GLY A 374 -5.15 0.31 -4.70
N ASN A 375 -5.95 0.98 -5.52
CA ASN A 375 -5.47 1.70 -6.69
C ASN A 375 -4.40 2.72 -6.33
N HIS A 376 -4.60 3.43 -5.22
CA HIS A 376 -3.66 4.45 -4.82
C HIS A 376 -2.29 3.84 -4.49
N ALA A 377 -2.30 2.66 -3.87
CA ALA A 377 -1.04 2.03 -3.50
C ALA A 377 -0.29 1.63 -4.78
N ALA A 378 -0.99 1.04 -5.74
CA ALA A 378 -0.40 0.61 -7.00
C ALA A 378 0.12 1.81 -7.80
N LEU A 379 -0.70 2.86 -7.85
CA LEU A 379 -0.36 4.10 -8.54
C LEU A 379 0.88 4.77 -7.97
N THR A 380 0.96 4.83 -6.64
CA THR A 380 2.11 5.40 -5.94
C THR A 380 3.37 4.60 -6.25
N PHE A 381 3.30 3.28 -6.10
CA PHE A 381 4.46 2.47 -6.37
C PHE A 381 4.97 2.59 -7.81
N ALA A 382 4.02 2.66 -8.76
CA ALA A 382 4.38 2.83 -10.18
C ALA A 382 5.12 4.14 -10.37
N GLY A 383 4.61 5.16 -9.68
CA GLY A 383 5.20 6.49 -9.71
C GLY A 383 6.63 6.52 -9.24
N SER A 384 6.99 5.57 -8.35
CA SER A 384 8.35 5.52 -7.81
C SER A 384 9.30 4.83 -8.79
N GLN A 385 8.76 4.08 -9.73
CA GLN A 385 9.56 3.16 -10.54
C GLN A 385 10.11 3.70 -11.86
N GLY A 386 10.22 5.01 -12.03
CA GLY A 386 10.82 5.56 -13.24
C GLY A 386 12.29 5.19 -13.33
N HIS A 387 12.78 5.03 -14.55
CA HIS A 387 14.21 4.76 -14.77
C HIS A 387 14.76 5.79 -15.72
N PHE A 388 15.70 6.58 -15.22
CA PHE A 388 16.38 7.57 -16.04
C PHE A 388 15.39 8.49 -16.76
N GLU A 389 15.40 8.52 -18.09
CA GLU A 389 14.61 9.50 -18.83
C GLU A 389 13.12 9.18 -18.95
N LEU A 390 12.71 7.98 -18.56
CA LEU A 390 11.32 7.61 -18.83
C LEU A 390 10.71 6.68 -17.79
N ASN A 391 9.49 7.00 -17.37
CA ASN A 391 8.71 6.10 -16.54
C ASN A 391 7.90 5.23 -17.46
N VAL A 392 8.05 3.91 -17.29
CA VAL A 392 7.40 2.93 -18.17
C VAL A 392 6.37 2.10 -17.42
N TYR A 393 5.55 2.82 -16.65
CA TYR A 393 4.39 2.25 -15.99
C TYR A 393 3.15 3.07 -16.37
N ASN A 394 3.17 3.72 -17.54
CA ASN A 394 2.12 4.67 -17.91
C ASN A 394 0.70 4.06 -17.97
N PRO A 395 0.53 2.95 -18.73
CA PRO A 395 -0.84 2.40 -18.85
C PRO A 395 -1.42 1.97 -17.49
N LEU A 396 -0.59 1.34 -16.65
CA LEU A 396 -0.97 0.98 -15.30
C LEU A 396 -1.47 2.21 -14.52
N ALA A 398 -2.47 5.21 -15.67
CA ALA A 398 -3.65 5.69 -16.39
C ALA A 398 -4.85 4.88 -16.02
N TYR A 399 -4.73 3.57 -16.11
CA TYR A 399 -5.83 2.66 -15.80
C TYR A 399 -6.36 2.82 -14.35
N ASN A 400 -5.45 2.81 -13.38
CA ASN A 400 -5.84 2.94 -11.98
C ASN A 400 -6.49 4.27 -11.65
N PHE A 401 -5.94 5.35 -12.20
CA PHE A 401 -6.48 6.69 -11.98
C PHE A 401 -7.88 6.79 -12.53
N LEU A 402 -8.06 6.34 -13.77
CA LEU A 402 -9.32 6.50 -14.45
C LEU A 402 -10.39 5.59 -13.87
N GLN A 403 -9.98 4.39 -13.44
CA GLN A 403 -10.90 3.50 -12.73
C GLN A 403 -11.36 4.14 -11.40
N SER A 404 -10.41 4.68 -10.62
CA SER A 404 -10.77 5.42 -9.39
C SER A 404 -11.80 6.53 -9.66
N VAL A 405 -11.51 7.37 -10.66
CA VAL A 405 -12.41 8.46 -11.06
C VAL A 405 -13.79 7.94 -11.50
N GLN A 406 -13.81 6.96 -12.39
CA GLN A 406 -15.07 6.39 -12.87
C GLN A 406 -15.91 5.82 -11.70
N LEU A 407 -15.29 4.98 -10.87
CA LEU A 407 -15.99 4.30 -9.80
C LEU A 407 -16.54 5.27 -8.74
N LEU A 408 -15.74 6.24 -8.35
CA LEU A 408 -16.13 7.22 -7.34
C LEU A 408 -17.23 8.16 -7.84
N ALA A 409 -17.08 8.66 -9.06
CA ALA A 409 -18.13 9.47 -9.68
C ALA A 409 -19.44 8.68 -9.78
N ASP A 410 -19.39 7.51 -10.42
CA ASP A 410 -20.58 6.66 -10.54
C ASP A 410 -21.21 6.36 -9.20
N ALA A 411 -20.40 5.97 -8.22
CA ALA A 411 -20.94 5.56 -6.91
C ALA A 411 -21.47 6.76 -6.12
N ALA A 412 -20.80 7.91 -6.21
CA ALA A 412 -21.31 9.11 -5.56
C ALA A 412 -22.70 9.49 -6.07
N ILE A 413 -22.89 9.40 -7.40
CA ILE A 413 -24.17 9.77 -8.02
C ILE A 413 -25.23 8.78 -7.58
N SER A 414 -24.90 7.50 -7.66
CA SER A 414 -25.85 6.47 -7.33
C SER A 414 -26.27 6.51 -5.84
N PHE A 415 -25.30 6.71 -4.95
CA PHE A 415 -25.56 6.82 -3.52
C PHE A 415 -26.45 8.05 -3.24
N THR A 416 -26.17 9.17 -3.90
CA THR A 416 -27.00 10.36 -3.78
C THR A 416 -28.46 10.08 -4.20
N ASP A 417 -28.65 9.60 -5.43
CA ASP A 417 -29.98 9.43 -6.01
C ASP A 417 -30.77 8.30 -5.37
N ASN A 418 -30.12 7.17 -5.11
CA ASN A 418 -30.82 6.00 -4.65
C ASN A 418 -30.75 5.79 -3.15
N CYS A 419 -30.11 6.72 -2.43
CA CYS A 419 -30.11 6.64 -0.98
C CYS A 419 -30.28 8.00 -0.30
N VAL A 420 -29.30 8.89 -0.43
CA VAL A 420 -29.29 10.14 0.34
C VAL A 420 -30.58 10.98 0.22
N VAL A 421 -31.04 11.23 -1.01
CA VAL A 421 -32.18 12.12 -1.23
C VAL A 421 -33.43 11.61 -0.54
N GLY A 422 -33.54 10.29 -0.43
CA GLY A 422 -34.71 9.65 0.17
C GLY A 422 -34.58 9.29 1.64
N ILE A 423 -33.47 9.67 2.28
CA ILE A 423 -33.25 9.31 3.68
C ILE A 423 -34.28 10.04 4.54
N GLU A 424 -34.95 9.29 5.41
CA GLU A 424 -35.89 9.89 6.36
C GLU A 424 -35.48 9.60 7.80
N ALA A 425 -35.64 10.61 8.66
CA ALA A 425 -35.35 10.45 10.07
C ALA A 425 -36.47 9.67 10.74
N ARG A 426 -36.10 8.80 11.67
CA ARG A 426 -37.08 8.11 12.48
C ARG A 426 -37.25 8.88 13.80
N GLU A 427 -38.02 9.96 13.73
CA GLU A 427 -38.05 10.96 14.81
C GLU A 427 -38.56 10.40 16.12
N ASP A 428 -39.54 9.51 16.04
CA ASP A 428 -40.14 8.91 17.25
C ASP A 428 -39.14 7.98 17.95
N ASN A 429 -38.40 7.18 17.17
CA ASN A 429 -37.27 6.39 17.68
C ASN A 429 -36.22 7.24 18.38
N ILE A 430 -35.79 8.30 17.71
CA ILE A 430 -34.73 9.18 18.19
C ILE A 430 -35.16 9.91 19.46
N LYS A 431 -36.37 10.47 19.43
CA LYS A 431 -36.94 11.16 20.59
C LYS A 431 -37.00 10.20 21.78
N ALA A 432 -37.49 8.99 21.54
CA ALA A 432 -37.60 7.99 22.62
C ALA A 432 -36.25 7.61 23.22
N ALA A 433 -35.21 7.50 22.41
CA ALA A 433 -33.87 7.25 22.96
C ALA A 433 -33.35 8.48 23.71
N LEU A 434 -33.67 9.67 23.22
CA LEU A 434 -33.27 10.93 23.86
C LEU A 434 -33.82 11.06 25.30
N ASP A 435 -35.06 10.61 25.49
CA ASP A 435 -35.69 10.62 26.80
C ASP A 435 -35.22 9.47 27.70
N ARG A 436 -34.79 8.36 27.10
CA ARG A 436 -34.24 7.22 27.85
C ARG A 436 -32.79 7.41 28.28
N SER A 437 -32.14 8.41 27.73
CA SER A 437 -30.70 8.59 27.92
C SER A 437 -30.31 9.07 29.32
N LEU A 438 -29.17 8.57 29.78
CA LEU A 438 -28.56 8.99 31.05
C LEU A 438 -27.70 10.23 30.88
N LEU A 440 -28.02 13.26 29.92
CA LEU A 440 -28.51 14.60 30.17
C LEU A 440 -28.54 15.00 31.66
N VAL A 441 -28.06 14.14 32.55
CA VAL A 441 -28.00 14.46 34.00
C VAL A 441 -27.21 15.72 34.29
N THR A 442 -26.15 15.94 33.51
CA THR A 442 -25.29 17.11 33.66
C THR A 442 -26.04 18.46 33.75
N ALA A 443 -27.27 18.51 33.20
CA ALA A 443 -28.10 19.73 33.22
C ALA A 443 -28.70 20.03 34.61
N LEU A 444 -28.85 18.99 35.42
CA LEU A 444 -29.32 19.12 36.79
C LEU A 444 -28.20 19.59 37.72
N ALA A 445 -26.96 19.32 37.34
CA ALA A 445 -25.77 19.58 38.19
C ALA A 445 -25.70 20.99 38.80
N PRO A 446 -25.91 22.06 38.00
CA PRO A 446 -25.88 23.38 38.66
C PRO A 446 -26.96 23.58 39.74
N LYS A 447 -28.15 23.03 39.53
CA LYS A 447 -29.24 23.23 40.51
C LYS A 447 -29.11 22.31 41.73
N ILE A 448 -28.92 21.01 41.50
CA ILE A 448 -28.92 20.02 42.59
C ILE A 448 -27.51 19.60 43.08
N GLY A 449 -26.46 20.05 42.39
CA GLY A 449 -25.08 19.68 42.75
C GLY A 449 -24.55 18.42 42.07
N TYR A 450 -23.23 18.37 41.86
CA TYR A 450 -22.58 17.30 41.09
C TYR A 450 -22.66 15.88 41.65
N ASP A 451 -23.00 15.74 42.94
CA ASP A 451 -23.05 14.43 43.58
C ASP A 451 -24.47 13.85 43.58
N ASN A 452 -25.46 14.73 43.58
CA ASN A 452 -26.87 14.30 43.55
C ASN A 452 -27.35 13.94 42.16
N ALA A 453 -26.73 14.53 41.14
CA ALA A 453 -27.01 14.19 39.75
C ALA A 453 -26.54 12.77 39.43
N ALA A 454 -25.32 12.45 39.89
CA ALA A 454 -24.73 11.12 39.74
C ALA A 454 -25.56 10.04 40.45
N LYS A 455 -26.11 10.38 41.62
CA LYS A 455 -26.96 9.46 42.37
C LYS A 455 -28.24 9.15 41.59
N ILE A 456 -28.76 10.16 40.91
CA ILE A 456 -29.89 9.99 39.99
C ILE A 456 -29.51 9.05 38.84
N ALA A 457 -28.33 9.28 38.26
CA ALA A 457 -27.88 8.51 37.11
C ALA A 457 -27.65 7.02 37.44
N LYS A 458 -26.89 6.75 38.50
CA LYS A 458 -26.59 5.37 38.92
C LYS A 458 -27.87 4.56 39.22
N THR A 459 -28.85 5.22 39.83
CA THR A 459 -30.09 4.58 40.22
C THR A 459 -30.90 4.27 38.99
N ALA A 460 -31.02 5.26 38.10
CA ALA A 460 -31.59 5.05 36.77
C ALA A 460 -30.88 3.88 36.06
N HIS A 461 -29.56 3.88 36.10
CA HIS A 461 -28.74 2.83 35.48
C HIS A 461 -29.06 1.45 36.06
N LYS A 462 -29.01 1.31 37.38
CA LYS A 462 -29.27 0.03 38.04
C LYS A 462 -30.72 -0.43 37.87
N ASN A 463 -31.67 0.50 38.03
CA ASN A 463 -33.09 0.17 37.98
C ASN A 463 -33.60 0.00 36.56
N GLY A 464 -32.90 0.59 35.59
CA GLY A 464 -33.37 0.60 34.20
C GLY A 464 -34.47 1.62 33.99
N THR A 465 -34.42 2.68 34.78
CA THR A 465 -35.44 3.73 34.77
C THR A 465 -34.89 4.99 34.10
N THR A 466 -35.77 5.95 33.82
CA THR A 466 -35.35 7.20 33.19
C THR A 466 -34.82 8.19 34.21
N LEU A 467 -34.19 9.26 33.73
CA LEU A 467 -33.71 10.32 34.59
C LEU A 467 -34.87 11.03 35.32
N ARG A 468 -36.00 11.19 34.63
CA ARG A 468 -37.18 11.85 35.19
C ARG A 468 -37.73 11.09 36.41
N GLU A 469 -38.03 9.80 36.20
CA GLU A 469 -38.57 8.92 37.24
C GLU A 469 -37.74 8.95 38.53
N GLU A 470 -36.42 9.04 38.40
CA GLU A 470 -35.53 9.05 39.55
C GLU A 470 -35.31 10.44 40.14
N ALA A 471 -35.32 11.48 39.30
CA ALA A 471 -35.15 12.85 39.78
C ALA A 471 -36.41 13.40 40.45
N VAL A 472 -37.57 13.17 39.84
CA VAL A 472 -38.83 13.62 40.40
C VAL A 472 -39.26 12.67 41.52
N GLY A 473 -39.17 11.37 41.26
CA GLY A 473 -39.56 10.32 42.22
C GLY A 473 -38.66 10.16 43.45
N GLY A 474 -37.54 10.87 43.45
CA GLY A 474 -36.64 10.90 44.61
C GLY A 474 -36.68 12.25 45.33
N GLY A 475 -37.55 13.14 44.86
CA GLY A 475 -37.75 14.46 45.47
C GLY A 475 -36.61 15.45 45.35
N TYR A 476 -35.72 15.23 44.37
CA TYR A 476 -34.61 16.12 44.11
C TYR A 476 -35.11 17.34 43.36
N VAL A 477 -36.20 17.15 42.62
CA VAL A 477 -36.74 18.17 41.75
C VAL A 477 -38.19 17.85 41.43
N THR A 478 -39.00 18.90 41.20
CA THR A 478 -40.39 18.71 40.77
C THR A 478 -40.45 18.46 39.27
N ASP A 479 -41.55 17.86 38.83
CA ASP A 479 -41.79 17.61 37.41
C ASP A 479 -41.57 18.86 36.55
N GLU A 480 -42.06 20.01 37.03
CA GLU A 480 -41.95 21.29 36.33
C GLU A 480 -40.51 21.79 36.30
N GLU A 481 -39.79 21.58 37.39
CA GLU A 481 -38.37 21.96 37.44
C GLU A 481 -37.55 21.09 36.49
N PHE A 482 -37.88 19.80 36.41
CA PHE A 482 -37.16 18.88 35.53
C PHE A 482 -37.27 19.31 34.07
N ASP A 483 -38.48 19.64 33.64
CA ASP A 483 -38.69 20.15 32.29
C ASP A 483 -38.05 21.52 32.08
N ALA A 484 -37.86 22.27 33.17
CA ALA A 484 -37.24 23.58 33.09
C ALA A 484 -35.73 23.52 32.90
N VAL A 485 -35.06 22.55 33.55
CA VAL A 485 -33.59 22.50 33.48
C VAL A 485 -33.07 21.53 32.42
N VAL A 486 -33.73 20.38 32.28
CA VAL A 486 -33.27 19.31 31.38
C VAL A 486 -33.80 19.59 29.97
N ARG A 487 -33.12 20.48 29.28
CA ARG A 487 -33.57 20.95 27.97
C ARG A 487 -32.47 20.70 26.96
N PRO A 488 -32.61 19.61 26.19
CA PRO A 488 -31.59 19.21 25.22
C PRO A 488 -31.20 20.35 24.26
N GLU A 489 -32.16 21.19 23.90
CA GLU A 489 -31.92 22.27 22.93
C GLU A 489 -30.97 23.37 23.42
N THR A 490 -30.66 23.37 24.71
CA THR A 490 -29.71 24.32 25.30
C THR A 490 -28.31 23.68 25.51
N ILE A 492 -26.65 21.98 22.95
CA ILE A 492 -26.10 21.69 21.62
C ILE A 492 -25.24 22.84 21.05
N GLY A 493 -24.66 23.64 21.94
CA GLY A 493 -23.81 24.77 21.54
C GLY A 493 -22.94 25.33 22.66
N PRO A 494 -21.97 26.20 22.32
CA PRO A 494 -21.06 26.81 23.29
C PRO A 494 -21.81 27.36 24.51
N ALA A 495 -21.18 27.21 25.67
CA ALA A 495 -21.82 27.20 26.98
C ALA A 495 -21.00 27.99 28.00
N SER B 35 10.96 5.24 46.22
CA SER B 35 9.93 6.00 47.00
C SER B 35 8.85 6.56 46.10
N THR B 36 7.62 6.52 46.58
CA THR B 36 6.50 6.85 45.74
C THR B 36 5.52 7.81 46.40
N ARG B 37 4.74 8.47 45.57
CA ARG B 37 3.70 9.39 45.98
C ARG B 37 2.36 8.77 45.65
N THR B 38 1.37 8.94 46.51
CA THR B 38 0.05 8.37 46.26
C THR B 38 -0.77 9.33 45.41
N GLU B 39 -1.23 8.87 44.25
CA GLU B 39 -2.09 9.66 43.39
C GLU B 39 -3.46 9.01 43.35
N THR B 40 -4.48 9.80 43.09
CA THR B 40 -5.85 9.32 43.21
C THR B 40 -6.73 9.64 42.01
N ASP B 41 -7.56 8.67 41.62
CA ASP B 41 -8.62 8.88 40.62
C ASP B 41 -9.89 8.15 41.10
N THR B 42 -10.94 8.15 40.29
CA THR B 42 -12.21 7.61 40.75
C THR B 42 -12.16 6.09 41.07
N PHE B 43 -11.17 5.39 40.51
CA PHE B 43 -10.91 3.98 40.82
C PHE B 43 -10.22 3.78 42.17
N GLY B 44 -9.44 4.78 42.60
CA GLY B 44 -8.70 4.65 43.84
C GLY B 44 -7.27 5.14 43.74
N PRO B 45 -6.46 4.82 44.76
CA PRO B 45 -5.10 5.33 44.80
C PRO B 45 -4.16 4.45 44.01
N ILE B 46 -3.05 5.03 43.58
CA ILE B 46 -2.02 4.29 42.90
C ILE B 46 -0.73 5.04 43.11
N GLU B 47 0.37 4.31 43.27
CA GLU B 47 1.68 4.90 43.56
C GLU B 47 2.40 5.37 42.30
N VAL B 48 3.03 6.52 42.38
CA VAL B 48 3.82 7.08 41.29
C VAL B 48 5.15 7.44 41.90
N ALA B 49 6.25 7.13 41.20
CA ALA B 49 7.59 7.49 41.64
C ALA B 49 7.61 8.99 41.95
N SER B 50 8.06 9.34 43.17
CA SER B 50 8.13 10.74 43.64
C SER B 50 8.85 11.61 42.64
N ASP B 51 9.74 10.96 41.90
CA ASP B 51 10.54 11.49 40.81
C ASP B 51 9.72 12.05 39.64
N ARG B 52 8.51 11.54 39.47
CA ARG B 52 7.70 11.80 38.27
C ARG B 52 6.57 12.78 38.50
N TYR B 53 6.32 13.63 37.50
CA TYR B 53 5.26 14.61 37.54
C TYR B 53 3.89 14.09 37.11
N TRP B 54 3.82 12.88 36.56
CA TRP B 54 2.55 12.37 36.07
C TRP B 54 1.69 11.86 37.23
N GLY B 55 0.44 11.52 36.94
CA GLY B 55 -0.49 11.18 37.99
C GLY B 55 -1.11 9.82 37.85
N ALA B 56 -2.30 9.68 38.41
CA ALA B 56 -3.01 8.41 38.48
C ALA B 56 -3.35 7.81 37.10
N GLN B 57 -3.86 8.64 36.18
CA GLN B 57 -4.32 8.16 34.86
C GLN B 57 -3.17 7.62 34.05
N ALA B 58 -2.07 8.37 34.03
CA ALA B 58 -0.88 7.98 33.31
C ALA B 58 -0.30 6.70 33.90
N GLN B 59 -0.27 6.62 35.24
CA GLN B 59 0.26 5.44 35.90
C GLN B 59 -0.57 4.23 35.53
N ARG B 60 -1.89 4.36 35.60
CA ARG B 60 -2.77 3.28 35.15
C ARG B 60 -2.55 2.84 33.69
N SER B 61 -2.38 3.81 32.79
CA SER B 61 -2.21 3.55 31.35
C SER B 61 -0.91 2.81 31.08
N LEU B 62 0.10 3.02 31.93
CA LEU B 62 1.32 2.22 31.82
C LEU B 62 0.99 0.71 31.86
N GLY B 63 0.05 0.31 32.71
CA GLY B 63 -0.27 -1.13 32.88
C GLY B 63 -1.28 -1.66 31.87
N ASN B 64 -2.22 -0.78 31.51
CA ASN B 64 -3.33 -1.13 30.63
C ASN B 64 -2.95 -1.26 29.16
N PHE B 65 -1.88 -0.57 28.77
CA PHE B 65 -1.45 -0.55 27.37
C PHE B 65 0.03 -0.93 27.24
N LYS B 66 0.34 -2.18 27.56
CA LYS B 66 1.71 -2.67 27.44
C LYS B 66 1.90 -3.20 26.03
N ILE B 67 1.97 -2.29 25.08
CA ILE B 67 1.93 -2.64 23.65
C ILE B 67 3.00 -1.89 22.91
N GLY B 68 3.94 -2.64 22.33
CA GLY B 68 4.90 -2.10 21.36
C GLY B 68 6.11 -1.37 21.92
N TRP B 69 6.89 -0.76 21.02
CA TRP B 69 8.12 -0.07 21.37
C TRP B 69 7.94 1.44 21.43
N GLU B 70 6.89 1.94 20.79
CA GLU B 70 6.77 3.35 20.45
C GLU B 70 6.05 4.15 21.52
N LYS B 71 6.73 5.18 22.05
CA LYS B 71 6.09 6.16 22.91
C LYS B 71 5.49 7.24 22.04
N GLN B 72 4.58 8.03 22.58
CA GLN B 72 4.04 9.20 21.85
C GLN B 72 5.21 10.02 21.31
N PRO B 73 5.15 10.42 20.02
CA PRO B 73 6.19 11.28 19.48
C PRO B 73 6.39 12.52 20.34
N LEU B 74 7.63 12.92 20.53
CA LEU B 74 7.93 14.11 21.32
C LEU B 74 7.30 15.38 20.74
N ALA B 75 7.13 15.44 19.41
CA ALA B 75 6.36 16.53 18.78
C ALA B 75 4.90 16.60 19.31
N ILE B 76 4.28 15.46 19.57
CA ILE B 76 2.94 15.41 20.18
C ILE B 76 2.98 15.91 21.65
N VAL B 77 4.01 15.55 22.39
CA VAL B 77 4.19 16.04 23.77
C VAL B 77 4.27 17.57 23.79
N ARG B 78 5.10 18.13 22.91
CA ARG B 78 5.26 19.57 22.79
C ARG B 78 3.93 20.25 22.48
N ALA B 79 3.21 19.72 21.49
CA ALA B 79 1.94 20.32 21.04
C ALA B 79 0.85 20.29 22.11
N LEU B 80 0.84 19.24 22.93
CA LEU B 80 -0.05 19.13 24.07
C LEU B 80 0.24 20.24 25.09
N GLY B 81 1.53 20.46 25.37
CA GLY B 81 2.02 21.60 26.13
C GLY B 81 1.52 22.93 25.59
N ILE B 82 1.68 23.13 24.28
CA ILE B 82 1.12 24.28 23.56
C ILE B 82 -0.40 24.47 23.76
N VAL B 83 -1.19 23.40 23.62
CA VAL B 83 -2.64 23.54 23.83
C VAL B 83 -2.97 23.96 25.27
N LYS B 84 -2.35 23.30 26.25
CA LYS B 84 -2.59 23.64 27.67
C LYS B 84 -2.16 25.06 28.01
N GLN B 85 -1.04 25.52 27.45
CA GLN B 85 -0.65 26.92 27.61
C GLN B 85 -1.68 27.88 27.02
N ALA B 86 -2.09 27.59 25.79
CA ALA B 86 -3.03 28.43 25.06
C ALA B 86 -4.43 28.44 25.70
N ALA B 87 -4.86 27.29 26.18
CA ALA B 87 -6.15 27.18 26.86
C ALA B 87 -6.17 27.99 28.15
N ALA B 88 -5.10 27.91 28.94
CA ALA B 88 -5.02 28.67 30.19
C ALA B 88 -5.13 30.17 29.89
N ARG B 89 -4.38 30.64 28.89
CA ARG B 89 -4.46 32.04 28.49
C ARG B 89 -5.84 32.42 27.97
N ALA B 90 -6.40 31.59 27.08
CA ALA B 90 -7.75 31.82 26.59
C ALA B 90 -8.75 31.83 27.76
N ASN B 91 -8.60 30.87 28.68
CA ASN B 91 -9.50 30.76 29.82
C ASN B 91 -9.44 31.96 30.78
N ALA B 93 -8.40 35.11 29.84
CA ALA B 93 -8.89 36.28 29.10
C ALA B 93 -10.42 36.29 29.04
N LEU B 94 -11.03 35.11 29.17
CA LEU B 94 -12.48 35.00 29.21
C LEU B 94 -13.04 35.00 30.63
N GLY B 95 -12.18 35.33 31.60
CA GLY B 95 -12.58 35.43 33.00
C GLY B 95 -12.98 34.13 33.71
N ARG B 96 -12.56 32.99 33.14
CA ARG B 96 -12.95 31.69 33.69
C ARG B 96 -11.89 31.09 34.59
N LEU B 97 -10.68 31.61 34.50
CA LEU B 97 -9.56 31.04 35.22
C LEU B 97 -8.83 32.11 36.02
N ASP B 98 -8.70 31.87 37.31
CA ASP B 98 -7.98 32.77 38.20
C ASP B 98 -6.48 32.83 37.83
N PRO B 99 -5.96 34.06 37.57
CA PRO B 99 -4.56 34.31 37.20
C PRO B 99 -3.50 33.66 38.08
N ALA B 100 -3.79 33.46 39.36
CA ALA B 100 -2.87 32.72 40.25
C ALA B 100 -2.69 31.27 39.77
N ILE B 101 -3.78 30.62 39.39
CA ILE B 101 -3.71 29.25 38.86
C ILE B 101 -3.16 29.29 37.44
N GLY B 102 -3.78 30.09 36.57
CA GLY B 102 -3.40 30.22 35.17
C GLY B 102 -1.92 30.51 34.92
N ASP B 103 -1.36 31.45 35.69
CA ASP B 103 0.03 31.84 35.47
C ASP B 103 0.99 30.69 35.76
N ALA B 104 0.68 29.91 36.80
CA ALA B 104 1.45 28.71 37.13
C ALA B 104 1.33 27.67 36.01
N ILE B 105 0.11 27.45 35.53
CA ILE B 105 -0.12 26.55 34.37
C ILE B 105 0.75 26.91 33.16
N VAL B 106 0.69 28.18 32.76
CA VAL B 106 1.44 28.74 31.64
C VAL B 106 2.95 28.45 31.75
N LYS B 107 3.53 28.62 32.95
CA LYS B 107 4.94 28.35 33.21
C LYS B 107 5.27 26.86 33.21
N ALA B 108 4.40 26.07 33.84
CA ALA B 108 4.58 24.63 33.87
C ALA B 108 4.53 24.10 32.42
N ALA B 109 3.52 24.54 31.67
CA ALA B 109 3.33 24.16 30.27
C ALA B 109 4.52 24.57 29.35
N GLN B 110 5.12 25.72 29.63
CA GLN B 110 6.28 26.20 28.90
C GLN B 110 7.43 25.22 28.95
N GLU B 111 7.56 24.53 30.08
CA GLU B 111 8.59 23.52 30.25
C GLU B 111 8.31 22.28 29.40
N VAL B 112 7.03 21.88 29.31
CA VAL B 112 6.62 20.81 28.40
C VAL B 112 6.94 21.21 26.95
N ILE B 113 6.49 22.41 26.55
CA ILE B 113 6.76 22.99 25.24
C ILE B 113 8.25 22.95 24.84
N ASP B 114 9.11 23.29 25.81
CA ASP B 114 10.55 23.43 25.59
C ASP B 114 11.34 22.11 25.63
N GLY B 115 10.64 20.97 25.77
CA GLY B 115 11.32 19.67 25.83
C GLY B 115 11.91 19.27 27.19
N LYS B 116 11.69 20.11 28.20
CA LYS B 116 12.30 19.89 29.53
C LYS B 116 11.64 18.75 30.32
N LEU B 117 10.40 18.41 29.97
CA LEU B 117 9.67 17.40 30.74
C LEU B 117 9.35 16.12 29.97
N ASP B 118 10.04 15.92 28.85
CA ASP B 118 9.86 14.74 28.00
C ASP B 118 9.82 13.43 28.78
N GLU B 119 10.64 13.33 29.83
CA GLU B 119 10.74 12.07 30.58
C GLU B 119 9.51 11.79 31.42
N HIS B 120 8.59 12.74 31.44
CA HIS B 120 7.35 12.60 32.21
C HIS B 120 6.15 12.18 31.37
N PHE B 121 6.44 11.72 30.15
CA PHE B 121 5.42 11.20 29.26
C PHE B 121 5.83 9.79 28.84
N PRO B 122 5.44 8.79 29.63
CA PRO B 122 5.95 7.45 29.43
C PRO B 122 4.98 6.54 28.67
N LEU B 123 3.95 7.13 28.05
CA LEU B 123 2.88 6.32 27.46
C LEU B 123 3.14 5.97 26.00
N VAL B 124 2.61 4.82 25.59
CA VAL B 124 2.77 4.34 24.23
C VAL B 124 1.77 4.97 23.27
N VAL B 125 2.09 4.84 21.98
CA VAL B 125 1.20 5.18 20.86
C VAL B 125 -0.09 4.40 20.97
N TRP B 126 0.02 3.11 21.24
CA TRP B 126 -1.07 2.15 21.11
C TRP B 126 -1.99 2.16 22.33
N GLN B 127 -2.68 3.29 22.47
CA GLN B 127 -3.56 3.54 23.61
C GLN B 127 -4.99 3.83 23.09
N THR B 128 -5.84 4.34 23.97
CA THR B 128 -7.20 4.77 23.60
C THR B 128 -7.14 5.65 22.37
N GLY B 129 -8.07 5.38 21.44
CA GLY B 129 -7.99 5.92 20.09
C GLY B 129 -8.26 7.40 19.95
N SER B 130 -8.74 8.04 21.02
CA SER B 130 -8.96 9.48 21.02
C SER B 130 -7.71 10.20 21.50
N GLY B 131 -6.74 9.46 22.02
CA GLY B 131 -5.57 10.09 22.63
C GLY B 131 -5.81 10.54 24.07
N THR B 132 -6.90 10.05 24.67
CA THR B 132 -7.31 10.49 26.01
C THR B 132 -6.20 10.35 27.05
N GLN B 133 -5.51 9.20 27.03
CA GLN B 133 -4.54 8.90 28.08
C GLN B 133 -3.39 9.89 28.06
N SER B 134 -2.95 10.26 26.86
CA SER B 134 -1.90 11.26 26.71
C SER B 134 -2.37 12.68 27.03
N ASN B 135 -3.61 13.03 26.68
CA ASN B 135 -4.22 14.27 27.19
C ASN B 135 -4.16 14.32 28.74
N ASN B 137 -2.22 12.48 30.71
CA ASN B 137 -0.79 12.61 30.99
C ASN B 137 -0.36 14.08 31.00
N ALA B 138 -0.75 14.84 29.97
CA ALA B 138 -0.40 16.26 29.92
C ALA B 138 -1.05 17.07 31.07
N ASN B 139 -2.33 16.80 31.34
CA ASN B 139 -3.04 17.51 32.41
C ASN B 139 -2.35 17.31 33.76
N GLU B 140 -1.95 16.07 34.03
CA GLU B 140 -1.36 15.67 35.31
C GLU B 140 0.03 16.25 35.48
N VAL B 141 0.83 16.16 34.43
CA VAL B 141 2.19 16.68 34.46
C VAL B 141 2.21 18.19 34.70
N VAL B 142 1.40 18.92 33.93
CA VAL B 142 1.29 20.37 34.04
C VAL B 142 0.72 20.79 35.42
N SER B 143 -0.31 20.08 35.88
CA SER B 143 -0.88 20.32 37.19
C SER B 143 0.13 20.13 38.32
N ASN B 144 0.83 18.99 38.33
CA ASN B 144 1.85 18.73 39.36
C ASN B 144 3.04 19.70 39.38
N ARG B 145 3.55 20.02 38.19
CA ARG B 145 4.64 20.97 38.08
C ARG B 145 4.17 22.37 38.50
N ALA B 146 2.94 22.72 38.14
CA ALA B 146 2.32 23.98 38.55
C ALA B 146 2.18 24.07 40.08
N ILE B 147 1.75 22.98 40.69
CA ILE B 147 1.58 22.85 42.15
C ILE B 147 2.91 23.09 42.86
N GLU B 148 3.95 22.45 42.33
CA GLU B 148 5.30 22.59 42.83
C GLU B 148 5.82 24.02 42.66
N LEU B 149 5.49 24.66 41.55
CA LEU B 149 5.82 26.07 41.39
C LEU B 149 5.13 26.92 42.46
N LEU B 150 3.97 26.47 42.95
CA LEU B 150 3.22 27.23 43.93
C LEU B 150 3.48 26.81 45.37
N GLY B 151 4.39 25.85 45.55
CA GLY B 151 4.72 25.33 46.88
C GLY B 151 3.64 24.49 47.52
N GLY B 152 2.78 23.88 46.71
CA GLY B 152 1.75 22.97 47.24
C GLY B 152 2.23 21.53 47.29
N VAL B 153 1.32 20.63 47.61
CA VAL B 153 1.63 19.21 47.70
C VAL B 153 1.27 18.49 46.40
N GLY B 155 0.30 15.61 43.90
CA GLY B 155 -0.65 14.53 44.10
C GLY B 155 -1.96 14.96 44.73
N SER B 156 -2.01 16.18 45.27
CA SER B 156 -3.20 16.65 45.98
C SER B 156 -4.22 17.37 45.07
N LYS B 157 -3.80 17.71 43.85
CA LYS B 157 -4.66 18.41 42.88
C LYS B 157 -5.05 19.82 43.35
N LYS B 158 -4.24 20.37 44.25
CA LYS B 158 -4.48 21.66 44.86
C LYS B 158 -3.17 22.42 44.90
N PRO B 159 -3.18 23.71 44.52
CA PRO B 159 -4.37 24.44 44.09
C PRO B 159 -4.64 24.34 42.59
N VAL B 160 -3.86 23.53 41.86
CA VAL B 160 -4.04 23.34 40.41
C VAL B 160 -4.55 21.92 40.12
N HIS B 161 -5.83 21.82 39.77
CA HIS B 161 -6.50 20.56 39.49
C HIS B 161 -6.26 20.17 38.02
N PRO B 162 -5.85 18.91 37.77
CA PRO B 162 -5.54 18.45 36.41
C PRO B 162 -6.76 18.50 35.49
N ASN B 163 -7.92 18.08 35.99
CA ASN B 163 -9.16 18.15 35.20
C ASN B 163 -9.84 19.54 35.21
N ASP B 164 -10.05 20.10 36.41
CA ASP B 164 -10.85 21.32 36.58
C ASP B 164 -10.18 22.59 36.06
N HIS B 165 -8.85 22.60 36.06
CA HIS B 165 -8.08 23.77 35.63
C HIS B 165 -7.25 23.57 34.37
N VAL B 166 -6.37 22.57 34.36
CA VAL B 166 -5.52 22.34 33.20
C VAL B 166 -6.38 21.91 32.00
N ASN B 167 -7.39 21.08 32.27
CA ASN B 167 -8.31 20.60 31.23
C ASN B 167 -9.56 21.46 31.01
N SER B 169 -12.51 23.75 29.89
CA SER B 169 -13.12 24.12 28.61
C SER B 169 -12.71 23.17 27.46
N GLN B 170 -12.05 22.08 27.80
CA GLN B 170 -11.65 21.15 26.77
C GLN B 170 -12.09 19.72 27.08
N SER B 171 -11.90 18.85 26.10
CA SER B 171 -12.19 17.44 26.23
C SER B 171 -11.00 16.68 25.60
N SER B 172 -10.84 15.39 25.93
CA SER B 172 -9.81 14.60 25.26
C SER B 172 -10.06 14.56 23.75
N ASN B 173 -11.35 14.60 23.41
CA ASN B 173 -11.80 14.46 22.03
C ASN B 173 -11.37 15.61 21.16
N ASP B 174 -11.31 16.82 21.72
CA ASP B 174 -10.90 17.97 20.92
C ASP B 174 -9.46 18.43 21.14
N THR B 175 -8.84 18.02 22.24
CA THR B 175 -7.45 18.42 22.53
C THR B 175 -6.38 17.61 21.75
N TYR B 176 -6.48 16.29 21.78
CA TYR B 176 -5.49 15.43 21.13
C TYR B 176 -5.45 15.65 19.59
N PRO B 177 -6.62 15.68 18.93
CA PRO B 177 -6.55 16.02 17.50
C PRO B 177 -6.01 17.44 17.24
N THR B 178 -6.22 18.37 18.16
CA THR B 178 -5.59 19.69 18.01
C THR B 178 -4.08 19.59 18.11
N ALA B 179 -3.59 18.85 19.10
CA ALA B 179 -2.16 18.64 19.26
C ALA B 179 -1.57 17.87 18.05
N HIS B 181 -2.61 18.08 14.82
CA HIS B 181 -2.41 19.05 13.75
C HIS B 181 -1.26 20.01 14.00
N ILE B 182 -1.12 20.48 15.24
CA ILE B 182 -0.03 21.40 15.58
C ILE B 182 1.32 20.72 15.33
N ALA B 183 1.47 19.50 15.84
CA ALA B 183 2.73 18.77 15.67
C ALA B 183 3.03 18.48 14.20
N CYS B 184 2.04 17.99 13.46
CA CYS B 184 2.21 17.67 12.05
C CYS B 184 2.59 18.91 11.24
N ALA B 185 1.88 20.01 11.44
CA ALA B 185 2.22 21.27 10.76
C ALA B 185 3.60 21.82 11.16
N GLU B 186 3.90 21.80 12.46
CA GLU B 186 5.21 22.24 12.94
C GLU B 186 6.36 21.44 12.32
N ARG B 187 6.23 20.12 12.29
CA ARG B 187 7.34 19.28 11.80
C ARG B 187 7.50 19.42 10.30
N VAL B 188 6.41 19.63 9.58
CA VAL B 188 6.50 19.86 8.14
C VAL B 188 7.17 21.21 7.83
N ILE B 189 6.72 22.25 8.52
CA ILE B 189 7.25 23.61 8.35
C ILE B 189 8.70 23.76 8.80
N HIS B 190 9.05 23.21 9.95
CA HIS B 190 10.39 23.40 10.49
C HIS B 190 11.42 22.34 10.08
N ASP B 191 10.96 21.13 9.77
CA ASP B 191 11.88 20.03 9.47
C ASP B 191 11.84 19.62 7.99
N LEU B 192 10.67 19.25 7.47
CA LEU B 192 10.61 18.67 6.12
C LEU B 192 10.82 19.72 5.01
N LEU B 193 10.06 20.80 5.04
CA LEU B 193 10.21 21.85 4.05
C LEU B 193 11.64 22.39 3.93
N PRO B 194 12.30 22.78 5.06
CA PRO B 194 13.69 23.21 4.90
C PRO B 194 14.65 22.09 4.42
N ALA B 195 14.39 20.85 4.80
CA ALA B 195 15.18 19.71 4.31
C ALA B 195 15.08 19.56 2.79
N LEU B 196 13.89 19.68 2.23
CA LEU B 196 13.70 19.59 0.78
C LEU B 196 14.30 20.79 0.02
N LYS B 197 14.25 21.97 0.62
CA LYS B 197 14.85 23.16 0.03
C LYS B 197 16.36 23.03 -0.02
N HIS B 198 16.95 22.49 1.05
CA HIS B 198 18.38 22.19 1.13
C HIS B 198 18.79 21.20 0.02
N LEU B 199 18.03 20.12 -0.14
CA LEU B 199 18.24 19.17 -1.24
C LEU B 199 18.12 19.84 -2.60
N HIS B 200 17.04 20.61 -2.80
CA HIS B 200 16.82 21.34 -4.06
C HIS B 200 18.01 22.21 -4.46
N LYS B 201 18.56 22.96 -3.50
CA LYS B 201 19.72 23.80 -3.80
C LYS B 201 20.94 22.99 -4.26
N ALA B 202 21.18 21.87 -3.58
CA ALA B 202 22.32 21.01 -3.87
C ALA B 202 22.18 20.39 -5.26
N LEU B 203 20.95 20.05 -5.63
CA LEU B 203 20.65 19.55 -6.97
C LEU B 203 20.85 20.62 -8.04
N GLU B 204 20.34 21.83 -7.80
CA GLU B 204 20.51 22.95 -8.73
C GLU B 204 21.97 23.30 -8.98
N GLU B 205 22.80 23.23 -7.94
CA GLU B 205 24.24 23.39 -8.13
C GLU B 205 24.82 22.38 -9.13
N LYS B 206 24.38 21.13 -9.03
CA LYS B 206 24.85 20.07 -9.93
C LYS B 206 24.30 20.23 -11.35
N VAL B 207 23.12 20.84 -11.46
CA VAL B 207 22.56 21.20 -12.74
C VAL B 207 23.56 22.11 -13.46
N LYS B 208 24.05 23.12 -12.75
CA LYS B 208 24.96 24.10 -13.33
C LYS B 208 26.34 23.49 -13.63
N ALA B 209 26.87 22.74 -12.67
CA ALA B 209 28.17 22.09 -12.84
C ALA B 209 28.17 21.08 -13.99
N PHE B 210 27.06 20.39 -14.20
CA PHE B 210 26.99 19.31 -15.20
C PHE B 210 26.34 19.75 -16.52
N ASP B 211 26.04 21.03 -16.65
CA ASP B 211 25.40 21.57 -17.84
C ASP B 211 26.16 21.29 -19.17
N HIS B 212 27.49 21.21 -19.10
CA HIS B 212 28.34 21.02 -20.29
C HIS B 212 28.61 19.56 -20.63
N ILE B 213 28.04 18.63 -19.85
CA ILE B 213 28.36 17.20 -20.03
C ILE B 213 27.27 16.53 -20.83
N ILE B 214 27.57 16.13 -22.07
CA ILE B 214 26.60 15.45 -22.91
C ILE B 214 26.69 13.93 -22.74
N LYS B 215 25.55 13.30 -22.50
CA LYS B 215 25.53 11.86 -22.28
C LYS B 215 24.44 11.20 -23.10
N ILE B 216 24.48 9.88 -23.18
CA ILE B 216 23.44 9.13 -23.87
C ILE B 216 22.23 8.96 -22.94
N GLY B 217 21.05 9.29 -23.44
CA GLY B 217 19.82 9.06 -22.68
C GLY B 217 19.47 7.59 -22.59
N ARG B 218 18.64 7.24 -21.62
CA ARG B 218 18.11 5.87 -21.52
C ARG B 218 16.60 5.89 -21.38
N THR B 219 15.93 5.18 -22.28
CA THR B 219 14.48 5.03 -22.24
C THR B 219 14.20 3.54 -22.35
N HIS B 220 13.34 3.02 -21.46
CA HIS B 220 13.15 1.57 -21.31
C HIS B 220 14.47 0.86 -20.89
N THR B 221 15.42 1.67 -20.39
CA THR B 221 16.82 1.23 -20.10
C THR B 221 17.69 1.00 -21.35
N GLN B 222 17.12 1.21 -22.54
CA GLN B 222 17.88 1.12 -23.79
C GLN B 222 18.55 2.45 -24.14
N ASP B 223 19.71 2.36 -24.81
CA ASP B 223 20.41 3.53 -25.34
C ASP B 223 19.43 4.41 -26.10
N ALA B 224 19.46 5.73 -25.86
CA ALA B 224 18.57 6.67 -26.54
C ALA B 224 19.32 7.94 -26.98
N THR B 225 18.62 8.91 -27.53
CA THR B 225 19.19 10.20 -27.96
C THR B 225 19.85 10.96 -26.79
N PRO B 226 20.77 11.90 -27.07
CA PRO B 226 21.51 12.48 -25.96
C PRO B 226 20.80 13.60 -25.17
N LEU B 227 21.36 13.91 -24.01
CA LEU B 227 20.93 15.01 -23.16
C LEU B 227 22.10 15.29 -22.27
N THR B 228 22.14 16.45 -21.64
CA THR B 228 23.24 16.75 -20.75
C THR B 228 22.95 16.15 -19.38
N LEU B 229 24.00 15.86 -18.63
CA LEU B 229 23.85 15.42 -17.26
C LEU B 229 23.15 16.50 -16.44
N GLY B 230 23.38 17.76 -16.82
CA GLY B 230 22.70 18.92 -16.23
C GLY B 230 21.20 18.91 -16.44
N GLN B 231 20.77 18.68 -17.67
CA GLN B 231 19.36 18.49 -18.00
C GLN B 231 18.72 17.37 -17.18
N GLU B 232 19.44 16.25 -17.03
CA GLU B 232 18.92 15.10 -16.29
C GLU B 232 18.72 15.48 -14.82
N PHE B 233 19.68 16.21 -14.27
CA PHE B 233 19.58 16.71 -12.90
C PHE B 233 18.55 17.82 -12.73
N SER B 234 18.26 18.57 -13.80
CA SER B 234 17.24 19.60 -13.77
C SER B 234 15.87 18.96 -13.55
N GLY B 235 15.72 17.72 -14.03
CA GLY B 235 14.54 16.90 -13.76
C GLY B 235 14.37 16.57 -12.30
N TYR B 236 15.44 16.10 -11.66
CA TYR B 236 15.43 15.80 -10.23
C TYR B 236 15.08 17.04 -9.39
N ALA B 237 15.77 18.14 -9.66
CA ALA B 237 15.52 19.40 -9.00
C ALA B 237 14.06 19.80 -9.14
N ALA B 238 13.52 19.71 -10.35
CA ALA B 238 12.14 20.15 -10.60
C ALA B 238 11.14 19.27 -9.83
N GLN B 239 11.48 17.98 -9.69
CA GLN B 239 10.65 17.08 -8.90
C GLN B 239 10.62 17.50 -7.43
N VAL B 240 11.78 17.88 -6.90
CA VAL B 240 11.86 18.36 -5.51
C VAL B 240 11.12 19.69 -5.34
N ALA B 241 11.37 20.64 -6.24
CA ALA B 241 10.68 21.93 -6.24
C ALA B 241 9.16 21.76 -6.30
N SER B 242 8.69 20.87 -7.18
CA SER B 242 7.25 20.58 -7.25
C SER B 242 6.73 19.92 -5.97
N SER B 243 7.53 19.03 -5.39
CA SER B 243 7.14 18.34 -4.14
C SER B 243 6.89 19.36 -3.00
N ILE B 244 7.74 20.40 -2.93
CA ILE B 244 7.62 21.44 -1.91
C ILE B 244 6.29 22.16 -2.06
N LYS B 245 5.95 22.54 -3.29
CA LYS B 245 4.72 23.28 -3.57
C LYS B 245 3.49 22.42 -3.26
N ARG B 246 3.60 21.13 -3.51
CA ARG B 246 2.49 20.22 -3.21
C ARG B 246 2.25 20.16 -1.71
N ILE B 247 3.33 20.01 -0.93
CA ILE B 247 3.21 20.00 0.52
C ILE B 247 2.63 21.33 1.07
N GLU B 248 3.17 22.47 0.64
CA GLU B 248 2.76 23.79 1.11
C GLU B 248 1.28 24.02 0.95
N THR B 250 -1.08 21.91 1.05
CA THR B 250 -1.91 21.18 1.99
C THR B 250 -1.87 21.76 3.42
N LEU B 251 -0.98 22.73 3.67
CA LEU B 251 -0.82 23.29 5.03
C LEU B 251 -2.06 23.99 5.61
N PRO B 252 -2.71 24.89 4.83
CA PRO B 252 -3.94 25.55 5.34
C PRO B 252 -4.95 24.59 5.97
N GLY B 253 -5.15 23.41 5.36
CA GLY B 253 -6.00 22.35 5.92
C GLY B 253 -5.47 21.76 7.23
N LEU B 254 -4.17 21.48 7.29
CA LEU B 254 -3.57 21.07 8.57
C LEU B 254 -3.68 22.13 9.65
N CYS B 255 -3.71 23.40 9.26
CA CYS B 255 -3.70 24.47 10.25
C CYS B 255 -5.09 24.76 10.85
N GLU B 256 -6.13 24.05 10.38
CA GLU B 256 -7.47 24.18 10.96
C GLU B 256 -7.61 23.26 12.15
N LEU B 257 -7.96 23.82 13.31
CA LEU B 257 -7.91 23.07 14.56
C LEU B 257 -9.26 22.75 15.17
N ALA B 258 -9.35 21.55 15.73
CA ALA B 258 -10.60 21.04 16.32
C ALA B 258 -10.94 21.67 17.67
N GLN B 259 -9.99 22.34 18.32
CA GLN B 259 -10.17 22.86 19.68
C GLN B 259 -11.40 23.75 19.82
N GLY B 260 -12.26 23.38 20.76
CA GLY B 260 -13.53 24.06 20.97
C GLY B 260 -14.72 23.23 20.56
N GLY B 261 -14.47 22.12 19.88
CA GLY B 261 -15.57 21.22 19.53
C GLY B 261 -16.04 20.46 20.75
N THR B 262 -15.20 20.45 21.78
CA THR B 262 -15.41 19.64 23.00
C THR B 262 -15.75 18.19 22.69
N ALA B 263 -16.69 17.59 23.42
CA ALA B 263 -16.87 16.14 23.36
C ALA B 263 -17.37 15.56 22.03
N VAL B 264 -18.35 16.22 21.41
CA VAL B 264 -18.99 15.67 20.22
C VAL B 264 -19.02 16.66 19.06
N GLY B 265 -18.42 17.83 19.23
CA GLY B 265 -18.36 18.82 18.16
C GLY B 265 -19.23 20.06 18.39
N THR B 266 -20.19 19.98 19.33
CA THR B 266 -21.16 21.07 19.55
C THR B 266 -20.54 22.26 20.26
N GLY B 267 -19.47 22.03 21.00
CA GLY B 267 -18.86 23.08 21.80
C GLY B 267 -19.45 23.22 23.21
N LEU B 268 -20.35 22.31 23.60
CA LEU B 268 -20.87 22.31 24.97
C LEU B 268 -19.71 22.25 25.97
N ASN B 269 -19.84 23.08 27.02
CA ASN B 269 -18.87 23.23 28.13
C ASN B 269 -17.61 24.03 27.77
N ALA B 270 -17.63 24.67 26.61
CA ALA B 270 -16.62 25.68 26.31
C ALA B 270 -17.33 27.02 26.27
N PRO B 271 -16.69 28.07 26.81
CA PRO B 271 -17.26 29.43 26.74
C PRO B 271 -17.40 29.92 25.29
N VAL B 272 -18.45 30.69 25.02
CA VAL B 272 -18.55 31.40 23.74
C VAL B 272 -17.24 32.16 23.49
N GLY B 273 -16.71 32.03 22.28
CA GLY B 273 -15.44 32.67 21.95
C GLY B 273 -14.20 31.87 22.29
N PHE B 274 -14.32 30.78 23.03
CA PHE B 274 -13.15 29.97 23.41
C PHE B 274 -12.44 29.36 22.20
N ALA B 275 -13.24 28.80 21.29
CA ALA B 275 -12.70 28.16 20.09
C ALA B 275 -11.76 29.10 19.34
N GLU B 276 -12.22 30.34 19.15
CA GLU B 276 -11.51 31.34 18.38
C GLU B 276 -10.30 31.87 19.13
N LYS B 277 -10.50 32.14 20.42
CA LYS B 277 -9.45 32.65 21.26
C LYS B 277 -8.27 31.69 21.42
N VAL B 278 -8.57 30.43 21.69
CA VAL B 278 -7.53 29.43 21.92
C VAL B 278 -6.70 29.21 20.65
N ALA B 279 -7.35 29.25 19.49
CA ALA B 279 -6.65 29.14 18.20
C ALA B 279 -5.69 30.32 17.98
N GLU B 280 -6.13 31.54 18.31
CA GLU B 280 -5.27 32.74 18.28
C GLU B 280 -4.07 32.58 19.21
N GLU B 281 -4.30 32.10 20.43
CA GLU B 281 -3.21 31.88 21.37
C GLU B 281 -2.19 30.86 20.82
N ILE B 282 -2.70 29.77 20.24
CA ILE B 282 -1.83 28.74 19.62
C ILE B 282 -1.00 29.34 18.50
N ALA B 283 -1.65 30.11 17.63
CA ALA B 283 -0.98 30.83 16.55
C ALA B 283 0.13 31.72 17.09
N ALA B 284 -0.13 32.45 18.17
CA ALA B 284 0.89 33.31 18.78
C ALA B 284 2.05 32.49 19.36
N ILE B 285 1.75 31.37 20.01
CA ILE B 285 2.81 30.51 20.57
C ILE B 285 3.74 29.93 19.49
N THR B 286 3.19 29.61 18.33
CA THR B 286 3.91 28.82 17.33
C THR B 286 4.49 29.68 16.21
N GLY B 287 3.92 30.88 16.02
CA GLY B 287 4.34 31.73 14.90
C GLY B 287 3.81 31.23 13.57
N ILE B 288 2.83 30.32 13.63
CA ILE B 288 2.21 29.70 12.47
C ILE B 288 0.71 30.06 12.46
N GLY B 289 0.15 30.26 11.26
CA GLY B 289 -1.23 30.73 11.12
C GLY B 289 -2.33 29.71 11.37
N PHE B 290 -2.30 29.07 12.54
CA PHE B 290 -3.40 28.21 12.96
C PHE B 290 -4.73 28.97 13.09
N THR B 291 -5.82 28.33 12.68
CA THR B 291 -7.19 28.89 12.78
C THR B 291 -8.09 27.84 13.42
N SER B 292 -9.29 28.25 13.83
CA SER B 292 -10.31 27.33 14.33
C SER B 292 -11.05 26.73 13.13
N ALA B 293 -11.26 25.41 13.12
CA ALA B 293 -11.91 24.73 11.98
C ALA B 293 -13.34 25.25 11.81
N PRO B 294 -13.77 25.50 10.56
CA PRO B 294 -15.13 26.06 10.43
C PRO B 294 -16.26 25.09 10.81
N ASN B 295 -15.99 23.79 10.74
CA ASN B 295 -16.96 22.75 11.12
C ASN B 295 -16.32 21.77 12.12
N LYS B 296 -16.79 21.79 13.35
CA LYS B 296 -16.13 21.01 14.40
C LYS B 296 -16.48 19.54 14.33
N PHE B 297 -17.61 19.23 13.68
CA PHE B 297 -18.01 17.82 13.54
C PHE B 297 -17.08 17.11 12.54
N GLU B 298 -16.87 17.73 11.38
CA GLU B 298 -15.86 17.29 10.41
C GLU B 298 -14.48 17.17 11.05
N ALA B 299 -14.17 18.07 11.98
CA ALA B 299 -12.84 18.11 12.63
C ALA B 299 -12.59 17.01 13.69
N LEU B 300 -13.66 16.44 14.25
CA LEU B 300 -13.55 15.34 15.24
C LEU B 300 -13.79 13.96 14.65
N ALA B 301 -14.76 13.89 13.75
CA ALA B 301 -15.21 12.63 13.16
C ALA B 301 -14.27 12.09 12.08
N ALA B 302 -13.37 12.93 11.59
CA ALA B 302 -12.51 12.56 10.46
C ALA B 302 -11.27 13.43 10.52
N HIS B 303 -10.20 12.95 9.89
CA HIS B 303 -8.98 13.74 9.77
C HIS B 303 -8.50 13.71 8.31
N ASP B 304 -9.41 14.09 7.43
CA ASP B 304 -9.17 14.01 5.98
C ASP B 304 -8.03 14.91 5.54
N SER B 305 -7.86 16.04 6.23
CA SER B 305 -6.80 16.98 5.89
C SER B 305 -5.42 16.37 6.18
N VAL B 307 -4.96 13.00 5.81
CA VAL B 307 -4.85 12.05 4.69
C VAL B 307 -4.35 12.77 3.44
N PHE B 308 -4.93 13.95 3.17
CA PHE B 308 -4.51 14.79 2.04
C PHE B 308 -3.05 15.28 2.14
N SER B 309 -2.65 15.80 3.30
CA SER B 309 -1.28 16.24 3.52
C SER B 309 -0.29 15.11 3.34
N HIS B 310 -0.60 13.97 3.95
CA HIS B 310 0.28 12.83 3.84
C HIS B 310 0.33 12.35 2.39
N GLY B 311 -0.75 12.60 1.65
CA GLY B 311 -0.78 12.43 0.19
C GLY B 311 0.32 13.21 -0.51
N ALA B 312 0.58 14.43 -0.06
CA ALA B 312 1.71 15.21 -0.59
C ALA B 312 3.04 14.61 -0.14
N ILE B 313 3.06 14.07 1.07
CA ILE B 313 4.29 13.44 1.61
C ILE B 313 4.59 12.15 0.83
N ASN B 314 3.55 11.36 0.60
CA ASN B 314 3.58 10.14 -0.20
C ASN B 314 4.12 10.42 -1.62
N ALA B 315 3.67 11.52 -2.22
CA ALA B 315 4.10 11.89 -3.58
C ALA B 315 5.56 12.34 -3.59
N THR B 316 5.97 13.00 -2.51
CA THR B 316 7.38 13.37 -2.32
C THR B 316 8.23 12.11 -2.12
N ALA B 317 7.72 11.14 -1.37
CA ALA B 317 8.47 9.88 -1.25
C ALA B 317 8.69 9.17 -2.59
N ALA B 318 7.71 9.26 -3.48
CA ALA B 318 7.81 8.60 -4.79
C ALA B 318 8.87 9.30 -5.67
N ALA B 319 8.89 10.62 -5.60
CA ALA B 319 9.86 11.42 -6.36
C ALA B 319 11.28 11.19 -5.85
N LEU B 320 11.46 11.26 -4.54
CA LEU B 320 12.76 11.05 -3.91
C LEU B 320 13.29 9.64 -4.16
N PHE B 321 12.39 8.66 -4.10
CA PHE B 321 12.79 7.30 -4.39
C PHE B 321 13.41 7.19 -5.79
N LYS B 322 12.70 7.69 -6.80
CA LYS B 322 13.15 7.65 -8.19
C LYS B 322 14.50 8.34 -8.35
N ILE B 323 14.66 9.50 -7.70
CA ILE B 323 15.92 10.23 -7.76
C ILE B 323 17.07 9.41 -7.17
N ALA B 324 16.86 8.85 -5.98
CA ALA B 324 17.92 8.06 -5.31
C ALA B 324 18.24 6.77 -6.07
N ASN B 325 17.20 6.17 -6.66
CA ASN B 325 17.37 4.95 -7.46
C ASN B 325 18.14 5.27 -8.75
N ASP B 326 17.83 6.37 -9.40
CA ASP B 326 18.59 6.80 -10.57
C ASP B 326 20.09 6.96 -10.23
N ILE B 327 20.35 7.70 -9.17
CA ILE B 327 21.72 7.98 -8.74
C ILE B 327 22.46 6.69 -8.38
N ARG B 328 21.80 5.81 -7.63
CA ARG B 328 22.31 4.47 -7.35
C ARG B 328 22.82 3.79 -8.66
N PHE B 329 21.97 3.73 -9.69
CA PHE B 329 22.35 3.07 -10.93
C PHE B 329 23.38 3.83 -11.76
N LEU B 330 23.29 5.15 -11.78
CA LEU B 330 24.27 5.97 -12.49
C LEU B 330 25.67 5.87 -11.87
N GLY B 331 25.75 5.58 -10.57
CA GLY B 331 27.02 5.35 -9.90
C GLY B 331 27.51 3.91 -9.94
N SER B 332 26.74 3.00 -10.54
CA SER B 332 27.10 1.59 -10.59
C SER B 332 28.45 1.37 -11.30
N GLY B 333 29.21 0.40 -10.82
CA GLY B 333 30.55 0.16 -11.35
C GLY B 333 31.50 -0.46 -10.33
N PRO B 334 32.79 -0.12 -10.44
CA PRO B 334 33.31 0.91 -11.36
C PRO B 334 33.49 0.47 -12.82
N ARG B 335 33.41 -0.83 -13.12
CA ARG B 335 33.71 -1.31 -14.48
C ARG B 335 32.54 -1.93 -15.24
N SER B 336 31.67 -2.66 -14.52
CA SER B 336 30.58 -3.40 -15.16
C SER B 336 29.19 -2.83 -14.89
N GLY B 337 29.12 -1.54 -14.62
CA GLY B 337 27.86 -0.85 -14.39
C GLY B 337 27.67 0.22 -15.44
N LEU B 338 26.91 1.26 -15.11
CA LEU B 338 26.70 2.38 -16.02
C LEU B 338 27.86 3.38 -16.01
N GLY B 339 28.53 3.50 -14.85
CA GLY B 339 29.79 4.26 -14.73
C GLY B 339 29.73 5.74 -15.07
N GLU B 340 28.61 6.40 -14.81
CA GLU B 340 28.46 7.82 -15.12
C GLU B 340 28.83 8.75 -13.96
N LEU B 341 28.60 8.31 -12.74
CA LEU B 341 28.85 9.14 -11.56
C LEU B 341 29.84 8.47 -10.62
N SER B 342 30.64 9.29 -9.94
CA SER B 342 31.47 8.82 -8.85
C SER B 342 30.85 9.39 -7.57
N LEU B 343 30.35 8.51 -6.71
CA LEU B 343 29.63 8.94 -5.50
C LEU B 343 30.62 8.99 -4.33
N PRO B 344 30.44 9.92 -3.38
CA PRO B 344 31.40 9.97 -2.26
C PRO B 344 31.44 8.66 -1.45
N GLU B 345 32.64 8.23 -1.04
CA GLU B 345 32.80 7.04 -0.20
C GLU B 345 32.85 7.46 1.25
N ASN B 346 31.92 6.97 2.07
CA ASN B 346 31.85 7.36 3.48
C ASN B 346 32.30 6.26 4.41
N GLU B 347 32.10 5.01 3.96
CA GLU B 347 32.37 3.82 4.76
C GLU B 347 33.60 3.14 4.17
N PRO B 348 34.40 2.46 5.02
CA PRO B 348 35.62 1.76 4.59
C PRO B 348 35.37 0.74 3.48
N LYS B 356 35.24 1.03 -6.20
CA LYS B 356 34.09 0.32 -5.66
C LYS B 356 33.49 1.04 -4.46
N VAL B 357 32.37 1.72 -4.68
CA VAL B 357 31.70 2.52 -3.66
C VAL B 357 30.22 2.11 -3.54
N ASN B 358 29.83 1.45 -2.43
CA ASN B 358 28.41 1.17 -2.20
C ASN B 358 27.63 2.46 -1.96
N PRO B 359 26.50 2.65 -2.68
CA PRO B 359 25.69 3.85 -2.58
C PRO B 359 24.75 3.80 -1.36
N THR B 360 25.36 3.89 -0.18
CA THR B 360 24.68 3.59 1.08
C THR B 360 23.64 4.65 1.45
N GLN B 361 23.90 5.90 1.07
CA GLN B 361 22.93 6.97 1.29
C GLN B 361 21.69 6.80 0.41
N CYS B 362 21.90 6.40 -0.84
CA CYS B 362 20.80 5.99 -1.73
C CYS B 362 19.95 4.88 -1.10
N GLU B 363 20.61 3.92 -0.47
CA GLU B 363 19.90 2.81 0.15
C GLU B 363 19.10 3.24 1.38
N ALA B 364 19.65 4.16 2.17
CA ALA B 364 18.94 4.68 3.33
C ALA B 364 17.69 5.42 2.86
N LEU B 365 17.85 6.31 1.89
CA LEU B 365 16.75 7.13 1.38
C LEU B 365 15.65 6.30 0.75
N THR B 366 16.01 5.35 -0.12
CA THR B 366 14.97 4.49 -0.74
C THR B 366 14.21 3.61 0.28
N GLN B 367 14.90 3.16 1.34
CA GLN B 367 14.19 2.39 2.36
C GLN B 367 13.17 3.29 3.07
N VAL B 368 13.59 4.51 3.37
CA VAL B 368 12.72 5.51 4.00
C VAL B 368 11.48 5.80 3.13
N CYS B 369 11.66 5.91 1.82
CA CYS B 369 10.55 6.24 0.92
C CYS B 369 9.51 5.12 0.90
N VAL B 370 9.98 3.88 0.92
CA VAL B 370 9.08 2.70 0.96
C VAL B 370 8.33 2.64 2.30
N GLN B 371 9.02 2.93 3.40
CA GLN B 371 8.37 3.07 4.70
C GLN B 371 7.20 4.05 4.61
N VAL B 372 7.41 5.20 3.96
CA VAL B 372 6.35 6.19 3.78
C VAL B 372 5.16 5.66 2.99
N PHE B 373 5.41 4.85 1.98
CA PHE B 373 4.32 4.25 1.20
C PHE B 373 3.45 3.38 2.10
N GLY B 374 4.09 2.61 2.98
CA GLY B 374 3.38 1.78 3.94
C GLY B 374 2.62 2.62 4.96
N ASN B 375 3.27 3.67 5.47
CA ASN B 375 2.65 4.58 6.44
C ASN B 375 1.39 5.23 5.83
N HIS B 376 1.46 5.54 4.53
CA HIS B 376 0.34 6.19 3.86
C HIS B 376 -0.90 5.32 3.75
N ALA B 377 -0.70 4.02 3.52
CA ALA B 377 -1.79 3.06 3.48
C ALA B 377 -2.46 2.95 4.87
N ALA B 378 -1.65 2.85 5.93
CA ALA B 378 -2.19 2.81 7.31
C ALA B 378 -2.97 4.08 7.62
N LEU B 379 -2.39 5.22 7.25
CA LEU B 379 -3.01 6.48 7.61
C LEU B 379 -4.34 6.68 6.87
N THR B 380 -4.35 6.31 5.59
CA THR B 380 -5.56 6.33 4.77
C THR B 380 -6.67 5.43 5.34
N PHE B 381 -6.34 4.20 5.67
CA PHE B 381 -7.34 3.32 6.24
C PHE B 381 -7.87 3.78 7.60
N ALA B 382 -6.97 4.20 8.49
CA ALA B 382 -7.38 4.77 9.78
C ALA B 382 -8.33 5.96 9.55
N GLY B 383 -7.97 6.82 8.60
CA GLY B 383 -8.83 7.92 8.18
C GLY B 383 -10.25 7.57 7.74
N SER B 384 -10.44 6.41 7.14
CA SER B 384 -11.74 5.95 6.67
C SER B 384 -12.63 5.41 7.81
N GLN B 385 -11.99 5.08 8.93
CA GLN B 385 -12.61 4.29 10.01
C GLN B 385 -13.27 5.07 11.16
N GLY B 386 -13.57 6.34 10.95
CA GLY B 386 -14.36 7.11 11.95
C GLY B 386 -15.72 6.51 12.21
N HIS B 387 -16.21 6.66 13.44
CA HIS B 387 -17.55 6.21 13.76
C HIS B 387 -18.32 7.37 14.38
N PHE B 388 -19.39 7.79 13.71
CA PHE B 388 -20.29 8.82 14.23
C PHE B 388 -19.53 10.09 14.59
N GLU B 389 -19.51 10.46 15.86
CA GLU B 389 -18.97 11.76 16.21
C GLU B 389 -17.45 11.81 16.34
N LEU B 390 -16.80 10.65 16.35
CA LEU B 390 -15.37 10.63 16.67
C LEU B 390 -14.55 9.58 15.94
N ASN B 391 -13.47 10.01 15.31
CA ASN B 391 -12.45 9.08 14.83
C ASN B 391 -11.55 8.66 15.99
N VAL B 392 -11.50 7.36 16.25
CA VAL B 392 -10.67 6.81 17.33
C VAL B 392 -9.47 6.00 16.79
N TYR B 393 -8.77 6.61 15.83
CA TYR B 393 -7.48 6.12 15.35
C TYR B 393 -6.45 7.24 15.39
N ASN B 394 -6.60 8.18 16.34
CA ASN B 394 -5.74 9.38 16.36
C ASN B 394 -4.25 9.08 16.61
N PRO B 395 -3.94 8.29 17.66
CA PRO B 395 -2.50 8.10 17.90
C PRO B 395 -1.82 7.38 16.72
N LEU B 396 -2.52 6.42 16.13
CA LEU B 396 -1.99 5.70 14.98
C LEU B 396 -1.67 6.67 13.85
N ALA B 398 -1.30 10.06 14.02
CA ALA B 398 -0.25 10.99 14.43
C ALA B 398 1.11 10.30 14.32
N TYR B 399 1.21 9.07 14.80
CA TYR B 399 2.50 8.33 14.76
C TYR B 399 3.01 8.14 13.33
N ASN B 400 2.15 7.67 12.45
CA ASN B 400 2.52 7.48 11.04
C ASN B 400 2.91 8.77 10.32
N PHE B 401 2.08 9.80 10.44
CA PHE B 401 2.38 11.07 9.79
C PHE B 401 3.73 11.59 10.26
N LEU B 402 3.93 11.64 11.58
CA LEU B 402 5.14 12.19 12.16
C LEU B 402 6.38 11.34 11.86
N GLN B 403 6.24 10.02 11.90
CA GLN B 403 7.35 9.17 11.46
C GLN B 403 7.79 9.47 10.01
N SER B 404 6.84 9.53 9.09
CA SER B 404 7.11 9.91 7.69
C SER B 404 7.89 11.21 7.57
N VAL B 405 7.40 12.21 8.30
CA VAL B 405 8.02 13.51 8.24
C VAL B 405 9.44 13.45 8.75
N GLN B 406 9.64 12.78 9.89
CA GLN B 406 10.96 12.67 10.51
C GLN B 406 11.93 11.91 9.59
N LEU B 407 11.47 10.79 9.02
CA LEU B 407 12.36 9.99 8.18
C LEU B 407 12.72 10.70 6.88
N LEU B 408 11.70 11.25 6.21
CA LEU B 408 11.92 11.97 4.95
C LEU B 408 12.84 13.15 5.14
N ALA B 409 12.62 13.92 6.21
CA ALA B 409 13.45 15.08 6.49
C ALA B 409 14.89 14.70 6.78
N ASP B 410 15.08 13.75 7.69
CA ASP B 410 16.43 13.29 8.08
C ASP B 410 17.16 12.64 6.89
N ALA B 411 16.45 11.87 6.06
CA ALA B 411 17.10 11.19 4.93
C ALA B 411 17.45 12.16 3.81
N ALA B 412 16.54 13.09 3.50
CA ALA B 412 16.82 14.17 2.56
C ALA B 412 18.11 14.93 2.91
N ILE B 413 18.21 15.37 4.17
CA ILE B 413 19.41 16.06 4.68
C ILE B 413 20.66 15.18 4.53
N SER B 414 20.59 13.94 5.02
CA SER B 414 21.71 13.00 4.94
C SER B 414 22.10 12.66 3.50
N PHE B 415 21.10 12.51 2.63
CA PHE B 415 21.34 12.24 1.23
C PHE B 415 22.02 13.43 0.56
N THR B 416 21.58 14.64 0.92
CA THR B 416 22.19 15.86 0.39
C THR B 416 23.65 15.99 0.81
N ASP B 417 23.89 15.92 2.12
CA ASP B 417 25.19 16.24 2.70
C ASP B 417 26.20 15.14 2.46
N ASN B 418 25.74 13.89 2.52
CA ASN B 418 26.67 12.78 2.40
C ASN B 418 26.70 12.14 1.02
N CYS B 419 25.89 12.64 0.09
CA CYS B 419 25.92 12.07 -1.25
C CYS B 419 25.91 13.16 -2.30
N VAL B 420 24.77 13.84 -2.45
CA VAL B 420 24.57 14.78 -3.54
C VAL B 420 25.71 15.81 -3.70
N VAL B 421 26.09 16.47 -2.60
CA VAL B 421 27.07 17.60 -2.72
C VAL B 421 28.40 17.14 -3.29
N GLY B 422 28.76 15.89 -3.00
CA GLY B 422 30.05 15.35 -3.38
C GLY B 422 30.06 14.53 -4.65
N ILE B 423 28.93 14.49 -5.37
CA ILE B 423 28.88 13.70 -6.60
C ILE B 423 29.75 14.33 -7.69
N GLU B 424 30.54 13.47 -8.34
CA GLU B 424 31.40 13.85 -9.45
C GLU B 424 30.96 13.08 -10.70
N ALA B 425 30.95 13.77 -11.84
CA ALA B 425 30.70 13.13 -13.12
C ALA B 425 31.98 12.39 -13.60
N ARG B 426 31.84 11.19 -14.15
CA ARG B 426 32.98 10.48 -14.76
C ARG B 426 33.04 10.82 -16.25
N GLU B 427 33.64 11.98 -16.53
CA GLU B 427 33.57 12.58 -17.86
C GLU B 427 34.24 11.76 -18.96
N ASP B 428 35.38 11.16 -18.64
CA ASP B 428 36.05 10.24 -19.56
C ASP B 428 35.18 9.04 -19.92
N ASN B 429 34.56 8.42 -18.92
CA ASN B 429 33.61 7.32 -19.13
C ASN B 429 32.43 7.75 -20.00
N ILE B 430 31.88 8.92 -19.70
CA ILE B 430 30.69 9.41 -20.40
C ILE B 430 31.03 9.70 -21.88
N LYS B 431 32.16 10.38 -22.11
CA LYS B 431 32.63 10.70 -23.46
C LYS B 431 32.96 9.43 -24.27
N ALA B 432 33.68 8.49 -23.64
CA ALA B 432 33.94 7.20 -24.27
C ALA B 432 32.66 6.55 -24.75
N ALA B 433 31.66 6.49 -23.86
CA ALA B 433 30.37 5.89 -24.19
C ALA B 433 29.67 6.68 -25.30
N LEU B 434 29.73 8.00 -25.22
CA LEU B 434 29.17 8.86 -26.25
C LEU B 434 29.73 8.52 -27.64
N ASP B 435 31.05 8.33 -27.71
CA ASP B 435 31.72 7.99 -28.96
C ASP B 435 31.46 6.57 -29.44
N ARG B 436 31.19 5.64 -28.51
CA ARG B 436 30.87 4.26 -28.88
C ARG B 436 29.38 4.04 -29.21
N SER B 437 28.55 5.05 -28.99
CA SER B 437 27.12 4.87 -29.18
C SER B 437 26.72 4.80 -30.65
N LEU B 438 25.67 4.01 -30.92
CA LEU B 438 25.10 3.91 -32.26
C LEU B 438 23.98 4.94 -32.45
N LEU B 440 23.87 8.16 -32.40
CA LEU B 440 24.16 9.36 -33.17
C LEU B 440 24.11 9.18 -34.70
N VAL B 441 23.75 8.00 -35.19
CA VAL B 441 23.70 7.74 -36.65
C VAL B 441 22.81 8.70 -37.43
N THR B 442 21.67 9.04 -36.84
CA THR B 442 20.69 9.96 -37.43
C THR B 442 21.30 11.27 -37.95
N ALA B 443 22.41 11.70 -37.34
CA ALA B 443 23.07 12.95 -37.75
C ALA B 443 23.78 12.87 -39.10
N LEU B 444 24.11 11.64 -39.53
CA LEU B 444 24.70 11.41 -40.85
C LEU B 444 23.64 11.39 -41.96
N ALA B 445 22.41 10.98 -41.61
CA ALA B 445 21.31 10.83 -42.57
C ALA B 445 21.09 12.05 -43.50
N PRO B 446 21.09 13.30 -42.94
CA PRO B 446 20.99 14.48 -43.81
C PRO B 446 21.91 14.43 -45.04
N LYS B 447 23.20 14.20 -44.82
CA LYS B 447 24.21 14.31 -45.88
C LYS B 447 24.33 13.06 -46.77
N ILE B 448 24.00 11.90 -46.23
CA ILE B 448 24.33 10.60 -46.83
C ILE B 448 23.11 9.72 -47.13
N GLY B 449 21.96 10.10 -46.57
CA GLY B 449 20.72 9.38 -46.79
C GLY B 449 20.51 8.27 -45.79
N TYR B 450 19.24 7.89 -45.62
CA TYR B 450 18.79 6.94 -44.62
C TYR B 450 19.40 5.55 -44.78
N ASP B 451 19.35 5.01 -45.99
CA ASP B 451 19.79 3.64 -46.24
C ASP B 451 21.28 3.42 -45.95
N ASN B 452 22.10 4.45 -46.23
CA ASN B 452 23.54 4.42 -45.98
C ASN B 452 23.86 4.50 -44.48
N ALA B 453 23.25 5.47 -43.79
CA ALA B 453 23.31 5.60 -42.33
C ALA B 453 22.92 4.29 -41.64
N ALA B 454 21.82 3.69 -42.11
CA ALA B 454 21.36 2.39 -41.61
C ALA B 454 22.41 1.29 -41.83
N LYS B 455 23.07 1.33 -42.98
CA LYS B 455 24.13 0.38 -43.31
C LYS B 455 25.35 0.57 -42.42
N ILE B 456 25.69 1.83 -42.12
CA ILE B 456 26.75 2.18 -41.16
C ILE B 456 26.44 1.55 -39.79
N ALA B 457 25.22 1.77 -39.33
CA ALA B 457 24.79 1.35 -38.01
C ALA B 457 24.81 -0.17 -37.84
N LYS B 458 24.22 -0.88 -38.81
CA LYS B 458 24.17 -2.35 -38.78
C LYS B 458 25.55 -2.98 -38.81
N THR B 459 26.42 -2.44 -39.65
CA THR B 459 27.79 -2.94 -39.78
C THR B 459 28.54 -2.67 -38.48
N ALA B 460 28.45 -1.44 -37.98
CA ALA B 460 29.00 -1.09 -36.66
C ALA B 460 28.47 -2.02 -35.57
N HIS B 461 27.15 -2.26 -35.57
CA HIS B 461 26.51 -3.18 -34.62
C HIS B 461 27.06 -4.61 -34.73
N LYS B 462 27.21 -5.10 -35.96
CA LYS B 462 27.72 -6.46 -36.17
C LYS B 462 29.20 -6.61 -35.83
N ASN B 463 30.00 -5.62 -36.24
CA ASN B 463 31.45 -5.69 -36.14
C ASN B 463 32.01 -5.39 -34.75
N GLY B 464 31.19 -4.78 -33.89
CA GLY B 464 31.68 -4.26 -32.61
C GLY B 464 32.45 -2.96 -32.73
N THR B 465 32.21 -2.22 -33.81
CA THR B 465 32.96 -0.99 -34.10
C THR B 465 32.15 0.29 -33.90
N THR B 466 32.85 1.42 -34.02
CA THR B 466 32.22 2.72 -33.89
C THR B 466 31.61 3.16 -35.20
N LEU B 467 30.77 4.18 -35.12
CA LEU B 467 30.18 4.80 -36.31
C LEU B 467 31.27 5.47 -37.15
N ARG B 468 32.23 6.12 -36.50
CA ARG B 468 33.35 6.79 -37.19
C ARG B 468 34.16 5.77 -38.00
N GLU B 469 34.45 4.62 -37.40
CA GLU B 469 35.14 3.53 -38.09
C GLU B 469 34.37 2.99 -39.31
N GLU B 470 33.04 2.93 -39.23
CA GLU B 470 32.22 2.45 -40.37
C GLU B 470 31.88 3.53 -41.39
N ALA B 471 31.80 4.79 -40.92
CA ALA B 471 31.58 5.94 -41.79
C ALA B 471 32.81 6.34 -42.62
N VAL B 472 33.95 6.48 -41.95
CA VAL B 472 35.19 6.95 -42.59
C VAL B 472 35.88 5.80 -43.30
N GLY B 473 35.91 4.65 -42.65
CA GLY B 473 36.52 3.45 -43.20
C GLY B 473 35.72 2.76 -44.27
N GLY B 474 34.50 3.23 -44.51
CA GLY B 474 33.64 2.74 -45.60
C GLY B 474 33.57 3.74 -46.74
N GLY B 475 34.26 4.87 -46.58
CA GLY B 475 34.35 5.89 -47.64
C GLY B 475 33.18 6.85 -47.74
N TYR B 476 32.11 6.59 -46.97
CA TYR B 476 30.92 7.46 -46.96
C TYR B 476 31.25 8.91 -46.65
N VAL B 477 32.22 9.12 -45.77
CA VAL B 477 32.54 10.47 -45.32
C VAL B 477 34.02 10.56 -44.93
N THR B 478 34.59 11.77 -44.98
CA THR B 478 35.94 11.96 -44.46
C THR B 478 35.85 12.27 -42.97
N ASP B 479 36.99 12.18 -42.29
CA ASP B 479 37.09 12.42 -40.86
C ASP B 479 36.77 13.87 -40.51
N GLU B 480 37.12 14.76 -41.44
CA GLU B 480 36.77 16.18 -41.38
C GLU B 480 35.25 16.38 -41.42
N GLU B 481 34.59 15.69 -42.36
CA GLU B 481 33.13 15.77 -42.52
C GLU B 481 32.37 15.10 -41.37
N PHE B 482 32.88 13.95 -40.89
CA PHE B 482 32.27 13.24 -39.75
C PHE B 482 32.18 14.15 -38.52
N ASP B 483 33.29 14.81 -38.19
CA ASP B 483 33.33 15.76 -37.09
C ASP B 483 32.46 17.00 -37.31
N ALA B 484 32.22 17.34 -38.58
CA ALA B 484 31.41 18.50 -38.91
C ALA B 484 29.91 18.17 -38.89
N VAL B 485 29.56 16.92 -39.16
CA VAL B 485 28.16 16.50 -39.24
C VAL B 485 27.62 16.01 -37.89
N VAL B 486 28.33 15.04 -37.31
CA VAL B 486 27.94 14.42 -36.04
C VAL B 486 28.30 15.33 -34.85
N ARG B 487 27.39 16.22 -34.49
CA ARG B 487 27.62 17.17 -33.41
C ARG B 487 26.60 16.95 -32.27
N PRO B 488 27.01 16.23 -31.20
CA PRO B 488 26.10 15.99 -30.07
C PRO B 488 25.51 17.27 -29.45
N GLU B 489 26.27 18.36 -29.44
CA GLU B 489 25.81 19.66 -28.91
C GLU B 489 24.60 20.23 -29.63
N THR B 490 24.35 19.79 -30.86
CA THR B 490 23.20 20.27 -31.62
C THR B 490 22.02 19.30 -31.58
N ILE B 492 20.64 18.23 -28.46
CA ILE B 492 20.07 18.29 -27.12
C ILE B 492 19.15 19.50 -26.97
N GLY B 493 18.52 19.89 -28.07
CA GLY B 493 17.62 21.03 -28.05
C GLY B 493 16.59 20.96 -29.17
N PRO B 494 15.58 21.81 -29.09
CA PRO B 494 14.51 21.85 -30.10
C PRO B 494 14.92 22.69 -31.30
N SER C 35 36.68 10.78 28.04
CA SER C 35 37.54 9.57 28.14
C SER C 35 37.29 8.62 26.98
N THR C 36 38.25 8.55 26.04
CA THR C 36 38.10 7.75 24.83
C THR C 36 39.29 6.84 24.56
N ARG C 37 39.09 5.87 23.67
CA ARG C 37 40.18 5.15 23.02
C ARG C 37 40.10 5.43 21.52
N THR C 38 41.20 5.20 20.82
CA THR C 38 41.23 5.42 19.36
C THR C 38 41.05 4.09 18.66
N GLU C 39 40.07 4.05 17.75
CA GLU C 39 39.79 2.87 16.94
C GLU C 39 40.15 3.19 15.50
N THR C 40 40.46 2.16 14.72
CA THR C 40 40.92 2.37 13.36
C THR C 40 40.23 1.45 12.36
N ASP C 41 39.97 1.98 11.17
CA ASP C 41 39.63 1.16 10.01
C ASP C 41 40.33 1.69 8.76
N THR C 42 40.07 1.06 7.61
CA THR C 42 40.76 1.42 6.38
C THR C 42 40.62 2.92 6.05
N PHE C 43 39.58 3.56 6.59
CA PHE C 43 39.38 5.00 6.39
C PHE C 43 40.19 5.90 7.33
N GLY C 44 40.75 5.32 8.39
CA GLY C 44 41.53 6.10 9.35
C GLY C 44 41.08 5.95 10.78
N PRO C 45 41.66 6.73 11.70
CA PRO C 45 41.36 6.64 13.12
C PRO C 45 40.15 7.49 13.55
N ILE C 46 39.46 7.01 14.59
CA ILE C 46 38.28 7.68 15.14
C ILE C 46 38.15 7.34 16.64
N GLU C 47 37.85 8.35 17.45
CA GLU C 47 37.74 8.18 18.91
C GLU C 47 36.40 7.51 19.28
N VAL C 48 36.47 6.54 20.19
CA VAL C 48 35.28 5.86 20.70
C VAL C 48 35.29 5.95 22.23
N ALA C 49 34.14 6.30 22.82
CA ALA C 49 34.00 6.31 24.28
C ALA C 49 34.52 5.00 24.89
N SER C 50 35.41 5.14 25.88
CA SER C 50 36.12 4.01 26.50
C SER C 50 35.20 2.93 27.06
N ASP C 51 34.05 3.35 27.56
CA ASP C 51 33.07 2.44 28.19
C ASP C 51 32.19 1.72 27.16
N ARG C 52 32.37 2.05 25.88
CA ARG C 52 31.65 1.39 24.77
C ARG C 52 32.47 0.28 24.10
N TYR C 53 31.81 -0.82 23.75
CA TYR C 53 32.47 -1.99 23.13
C TYR C 53 32.57 -1.93 21.60
N TRP C 54 31.88 -1.00 20.97
CA TRP C 54 31.88 -0.92 19.51
C TRP C 54 33.18 -0.32 18.95
N GLY C 55 33.33 -0.36 17.63
CA GLY C 55 34.59 0.06 17.00
C GLY C 55 34.48 1.20 16.02
N ALA C 56 35.47 1.25 15.12
CA ALA C 56 35.57 2.33 14.15
C ALA C 56 34.33 2.41 13.28
N GLN C 57 33.96 1.30 12.66
CA GLN C 57 32.86 1.34 11.69
C GLN C 57 31.55 1.80 12.32
N ALA C 58 31.16 1.22 13.45
CA ALA C 58 29.96 1.65 14.17
C ALA C 58 29.98 3.15 14.51
N GLN C 59 31.10 3.63 15.04
CA GLN C 59 31.26 5.07 15.31
C GLN C 59 31.05 5.94 14.07
N ARG C 60 31.58 5.51 12.93
CA ARG C 60 31.37 6.19 11.64
C ARG C 60 29.90 6.23 11.22
N SER C 61 29.20 5.12 11.42
CA SER C 61 27.80 5.00 11.04
C SER C 61 26.85 5.88 11.86
N LEU C 62 27.21 6.12 13.12
CA LEU C 62 26.49 7.08 13.98
C LEU C 62 26.45 8.47 13.36
N GLY C 63 27.59 8.91 12.85
CA GLY C 63 27.70 10.19 12.19
C GLY C 63 27.09 10.23 10.81
N ASN C 64 27.21 9.14 10.07
CA ASN C 64 26.78 9.09 8.65
C ASN C 64 25.28 8.83 8.43
N PHE C 65 24.64 8.16 9.38
CA PHE C 65 23.22 7.81 9.26
C PHE C 65 22.39 8.36 10.42
N LYS C 66 22.24 9.68 10.48
CA LYS C 66 21.45 10.35 11.52
C LYS C 66 20.01 10.39 11.06
N ILE C 67 19.37 9.23 11.03
CA ILE C 67 18.06 9.12 10.39
C ILE C 67 17.03 8.43 11.27
N GLY C 68 16.02 9.18 11.69
CA GLY C 68 14.87 8.61 12.38
C GLY C 68 15.04 8.27 13.84
N TRP C 69 14.02 7.64 14.43
CA TRP C 69 13.99 7.35 15.86
C TRP C 69 14.43 5.93 16.16
N GLU C 70 14.40 5.06 15.14
CA GLU C 70 14.40 3.62 15.36
C GLU C 70 15.80 3.01 15.28
N LYS C 71 16.27 2.45 16.40
CA LYS C 71 17.49 1.65 16.39
C LYS C 71 17.13 0.25 15.89
N GLN C 72 18.14 -0.54 15.53
CA GLN C 72 17.93 -1.94 15.16
C GLN C 72 17.15 -2.65 16.27
N PRO C 73 16.09 -3.38 15.91
CA PRO C 73 15.34 -4.16 16.88
C PRO C 73 16.27 -5.05 17.70
N LEU C 74 16.04 -5.12 19.02
CA LEU C 74 16.89 -5.93 19.89
C LEU C 74 16.88 -7.41 19.54
N ALA C 75 15.83 -7.86 18.84
CA ALA C 75 15.75 -9.24 18.38
C ALA C 75 16.78 -9.49 17.26
N ILE C 76 17.09 -8.45 16.48
CA ILE C 76 18.15 -8.51 15.45
C ILE C 76 19.55 -8.49 16.11
N VAL C 77 19.72 -7.66 17.14
CA VAL C 77 20.97 -7.65 17.92
C VAL C 77 21.28 -9.06 18.47
N ARG C 78 20.30 -9.66 19.14
CA ARG C 78 20.39 -11.03 19.64
C ARG C 78 20.73 -12.07 18.53
N ALA C 79 20.02 -12.01 17.42
CA ALA C 79 20.26 -12.88 16.26
C ALA C 79 21.68 -12.71 15.66
N LEU C 80 22.20 -11.49 15.64
CA LEU C 80 23.56 -11.27 15.19
C LEU C 80 24.54 -11.93 16.15
N GLY C 81 24.20 -11.96 17.43
CA GLY C 81 24.98 -12.70 18.44
C GLY C 81 24.98 -14.19 18.20
N ILE C 82 23.81 -14.73 17.87
CA ILE C 82 23.64 -16.14 17.56
C ILE C 82 24.51 -16.56 16.37
N VAL C 83 24.46 -15.80 15.28
CA VAL C 83 25.28 -16.08 14.11
C VAL C 83 26.81 -16.01 14.40
N LYS C 84 27.25 -15.01 15.18
CA LYS C 84 28.70 -14.89 15.45
C LYS C 84 29.18 -16.06 16.30
N GLN C 85 28.36 -16.45 17.27
CA GLN C 85 28.60 -17.64 18.06
C GLN C 85 28.59 -18.96 17.27
N ALA C 86 27.61 -19.11 16.38
CA ALA C 86 27.48 -20.33 15.60
C ALA C 86 28.63 -20.42 14.59
N ALA C 87 28.99 -19.28 13.99
CA ALA C 87 30.09 -19.21 13.05
C ALA C 87 31.40 -19.64 13.72
N ALA C 88 31.67 -19.11 14.93
CA ALA C 88 32.87 -19.46 15.67
C ALA C 88 32.95 -20.98 15.83
N ARG C 89 31.86 -21.58 16.31
CA ARG C 89 31.76 -23.02 16.53
C ARG C 89 31.95 -23.83 15.24
N ALA C 90 31.35 -23.37 14.14
CA ALA C 90 31.52 -24.05 12.87
C ALA C 90 32.95 -23.87 12.35
N ASN C 91 33.51 -22.67 12.47
CA ASN C 91 34.89 -22.42 12.04
C ASN C 91 35.92 -23.23 12.83
N ALA C 93 35.23 -26.26 14.37
CA ALA C 93 34.99 -27.63 13.93
C ALA C 93 35.60 -27.94 12.55
N LEU C 94 35.69 -26.93 11.70
CA LEU C 94 36.21 -27.11 10.34
C LEU C 94 37.68 -26.73 10.25
N GLY C 95 38.32 -26.52 11.39
CA GLY C 95 39.76 -26.29 11.45
C GLY C 95 40.26 -24.97 10.92
N ARG C 96 39.40 -23.95 10.95
CA ARG C 96 39.79 -22.66 10.41
C ARG C 96 40.12 -21.66 11.52
N LEU C 97 39.76 -21.99 12.75
CA LEU C 97 39.85 -21.06 13.87
C LEU C 97 40.48 -21.66 15.13
N ASP C 98 41.52 -20.99 15.63
CA ASP C 98 42.18 -21.30 16.90
C ASP C 98 41.17 -21.30 18.06
N PRO C 99 41.01 -22.44 18.75
CA PRO C 99 40.05 -22.50 19.87
C PRO C 99 40.32 -21.48 21.00
N ALA C 100 41.55 -21.00 21.14
CA ALA C 100 41.86 -19.91 22.07
C ALA C 100 41.10 -18.62 21.69
N ILE C 101 41.10 -18.31 20.40
CA ILE C 101 40.32 -17.19 19.88
C ILE C 101 38.82 -17.51 19.87
N GLY C 102 38.48 -18.69 19.35
CA GLY C 102 37.10 -19.09 19.16
C GLY C 102 36.27 -19.16 20.43
N ASP C 103 36.82 -19.78 21.47
CA ASP C 103 36.12 -19.87 22.76
C ASP C 103 35.82 -18.52 23.40
N ALA C 104 36.70 -17.56 23.17
CA ALA C 104 36.50 -16.19 23.67
C ALA C 104 35.39 -15.49 22.87
N ILE C 105 35.36 -15.71 21.57
CA ILE C 105 34.27 -15.23 20.72
C ILE C 105 32.94 -15.80 21.20
N VAL C 106 32.92 -17.11 21.47
CA VAL C 106 31.72 -17.79 21.92
C VAL C 106 31.15 -17.18 23.21
N LYS C 107 32.02 -16.95 24.19
CA LYS C 107 31.64 -16.36 25.48
C LYS C 107 31.15 -14.92 25.28
N ALA C 108 31.87 -14.14 24.49
CA ALA C 108 31.52 -12.74 24.24
C ALA C 108 30.17 -12.64 23.52
N ALA C 109 29.96 -13.52 22.53
CA ALA C 109 28.73 -13.52 21.75
C ALA C 109 27.54 -13.95 22.60
N GLN C 110 27.78 -14.82 23.59
CA GLN C 110 26.73 -15.23 24.52
C GLN C 110 26.14 -14.04 25.25
N GLU C 111 26.99 -13.08 25.61
CA GLU C 111 26.55 -11.84 26.25
C GLU C 111 25.66 -10.98 25.33
N VAL C 112 25.98 -10.99 24.04
CA VAL C 112 25.10 -10.35 23.05
C VAL C 112 23.76 -11.09 23.00
N ILE C 113 23.82 -12.41 22.83
CA ILE C 113 22.64 -13.27 22.80
C ILE C 113 21.72 -13.06 23.99
N ASP C 114 22.30 -12.97 25.19
CA ASP C 114 21.55 -12.86 26.44
C ASP C 114 21.01 -11.45 26.65
N GLY C 115 21.31 -10.52 25.75
CA GLY C 115 20.81 -9.15 25.84
C GLY C 115 21.56 -8.25 26.82
N LYS C 116 22.76 -8.65 27.21
CA LYS C 116 23.57 -7.88 28.18
C LYS C 116 24.36 -6.74 27.55
N LEU C 117 24.44 -6.70 26.23
CA LEU C 117 25.28 -5.70 25.54
C LEU C 117 24.47 -4.80 24.59
N ASP C 118 23.15 -4.83 24.78
CA ASP C 118 22.20 -4.03 23.98
C ASP C 118 22.61 -2.57 23.82
N GLU C 119 23.17 -1.97 24.87
CA GLU C 119 23.60 -0.56 24.82
C GLU C 119 24.80 -0.30 23.91
N HIS C 120 25.44 -1.37 23.44
CA HIS C 120 26.59 -1.21 22.58
C HIS C 120 26.23 -1.37 21.10
N PHE C 121 24.94 -1.22 20.83
CA PHE C 121 24.39 -1.21 19.47
C PHE C 121 23.57 0.05 19.26
N PRO C 122 24.25 1.14 18.84
CA PRO C 122 23.58 2.42 18.76
C PRO C 122 23.08 2.79 17.37
N LEU C 123 23.16 1.88 16.40
CA LEU C 123 22.85 2.25 15.02
C LEU C 123 21.36 2.18 14.71
N VAL C 124 20.94 2.98 13.75
CA VAL C 124 19.56 3.05 13.30
C VAL C 124 19.24 1.95 12.29
N VAL C 125 17.94 1.70 12.13
CA VAL C 125 17.43 0.86 11.05
C VAL C 125 17.83 1.45 9.69
N TRP C 126 17.76 2.76 9.57
CA TRP C 126 17.86 3.42 8.28
C TRP C 126 19.30 3.55 7.80
N GLN C 127 19.94 2.39 7.58
CA GLN C 127 21.36 2.31 7.21
C GLN C 127 21.52 1.57 5.88
N THR C 128 22.74 1.15 5.56
CA THR C 128 22.98 0.38 4.34
C THR C 128 21.98 -0.77 4.26
N GLY C 129 21.43 -0.97 3.07
CA GLY C 129 20.34 -1.91 2.86
C GLY C 129 20.68 -3.37 3.03
N SER C 130 21.97 -3.69 3.10
CA SER C 130 22.38 -5.05 3.36
C SER C 130 22.56 -5.27 4.87
N GLY C 131 22.47 -4.21 5.67
CA GLY C 131 22.71 -4.32 7.11
C GLY C 131 24.19 -4.44 7.50
N THR C 132 25.07 -3.95 6.63
CA THR C 132 26.54 -4.06 6.82
C THR C 132 27.01 -3.37 8.09
N GLN C 133 26.44 -2.20 8.36
CA GLN C 133 26.87 -1.41 9.52
C GLN C 133 26.61 -2.17 10.81
N SER C 134 25.45 -2.83 10.92
CA SER C 134 25.09 -3.59 12.12
C SER C 134 25.86 -4.91 12.22
N ASN C 135 26.05 -5.60 11.11
CA ASN C 135 26.96 -6.72 11.08
C ASN C 135 28.36 -6.34 11.61
N ASN C 137 29.02 -3.74 13.52
CA ASN C 137 28.76 -3.39 14.91
C ASN C 137 28.88 -4.64 15.79
N ALA C 138 28.23 -5.73 15.37
CA ALA C 138 28.35 -7.02 16.05
C ALA C 138 29.79 -7.57 16.05
N ASN C 139 30.49 -7.49 14.93
CA ASN C 139 31.89 -7.95 14.88
C ASN C 139 32.77 -7.21 15.89
N GLU C 140 32.66 -5.88 15.89
CA GLU C 140 33.43 -4.99 16.74
C GLU C 140 33.15 -5.24 18.22
N VAL C 141 31.86 -5.29 18.57
CA VAL C 141 31.48 -5.56 19.95
C VAL C 141 31.96 -6.93 20.43
N VAL C 142 31.68 -7.97 19.67
CA VAL C 142 32.13 -9.31 20.05
C VAL C 142 33.66 -9.35 20.14
N SER C 143 34.34 -8.65 19.22
CA SER C 143 35.79 -8.61 19.22
C SER C 143 36.34 -7.91 20.46
N ASN C 144 35.88 -6.68 20.73
CA ASN C 144 36.33 -5.93 21.90
C ASN C 144 36.05 -6.60 23.24
N ARG C 145 34.86 -7.18 23.39
CA ARG C 145 34.55 -7.93 24.60
C ARG C 145 35.40 -9.20 24.79
N ALA C 146 35.69 -9.89 23.67
CA ALA C 146 36.53 -11.07 23.70
C ALA C 146 37.99 -10.68 24.00
N ILE C 147 38.43 -9.56 23.46
CA ILE C 147 39.73 -9.02 23.77
C ILE C 147 39.82 -8.80 25.29
N GLU C 148 38.78 -8.19 25.85
CA GLU C 148 38.75 -7.89 27.27
C GLU C 148 38.82 -9.14 28.09
N LEU C 149 38.07 -10.16 27.69
CA LEU C 149 38.06 -11.44 28.39
C LEU C 149 39.43 -12.12 28.34
N LEU C 150 40.21 -11.84 27.30
CA LEU C 150 41.53 -12.45 27.16
C LEU C 150 42.64 -11.57 27.75
N GLY C 151 42.25 -10.42 28.29
CA GLY C 151 43.18 -9.48 28.90
C GLY C 151 44.00 -8.65 27.92
N GLY C 152 43.52 -8.54 26.68
CA GLY C 152 44.18 -7.72 25.64
C GLY C 152 43.81 -6.25 25.70
N VAL C 153 44.23 -5.48 24.71
CA VAL C 153 43.94 -4.04 24.68
C VAL C 153 42.80 -3.76 23.70
N GLY C 155 40.36 -2.13 21.10
CA GLY C 155 40.62 -1.29 19.93
C GLY C 155 41.84 -1.70 19.11
N SER C 156 42.62 -2.63 19.62
CA SER C 156 43.86 -3.05 18.96
C SER C 156 43.62 -4.17 17.96
N LYS C 157 42.45 -4.82 18.04
CA LYS C 157 42.07 -5.94 17.15
C LYS C 157 42.89 -7.21 17.41
N LYS C 158 43.54 -7.26 18.59
CA LYS C 158 44.39 -8.39 18.98
C LYS C 158 44.07 -8.77 20.42
N PRO C 159 43.92 -10.08 20.69
CA PRO C 159 44.08 -11.20 19.76
C PRO C 159 42.82 -11.64 18.95
N VAL C 160 41.69 -10.96 19.16
CA VAL C 160 40.46 -11.24 18.40
C VAL C 160 40.19 -10.10 17.41
N HIS C 161 40.36 -10.38 16.13
CA HIS C 161 40.14 -9.38 15.08
C HIS C 161 38.65 -9.39 14.64
N PRO C 162 38.04 -8.19 14.51
CA PRO C 162 36.62 -8.11 14.11
C PRO C 162 36.35 -8.72 12.74
N ASN C 163 37.18 -8.41 11.75
CA ASN C 163 36.99 -8.98 10.41
C ASN C 163 37.58 -10.40 10.25
N ASP C 164 38.85 -10.58 10.64
CA ASP C 164 39.56 -11.83 10.36
C ASP C 164 39.04 -12.99 11.19
N HIS C 165 38.60 -12.70 12.42
CA HIS C 165 38.08 -13.76 13.31
C HIS C 165 36.55 -13.76 13.50
N VAL C 166 35.99 -12.64 13.95
CA VAL C 166 34.56 -12.65 14.27
C VAL C 166 33.73 -12.78 12.99
N ASN C 167 34.13 -12.04 11.95
CA ASN C 167 33.49 -12.13 10.63
C ASN C 167 33.99 -13.28 9.74
N SER C 169 34.55 -16.32 7.44
CA SER C 169 33.75 -17.20 6.60
C SER C 169 32.40 -16.58 6.23
N GLN C 170 32.24 -15.31 6.52
CA GLN C 170 30.97 -14.66 6.25
C GLN C 170 31.10 -13.34 5.52
N SER C 171 29.99 -12.93 4.92
CA SER C 171 29.83 -11.59 4.38
C SER C 171 28.69 -10.95 5.17
N SER C 172 28.58 -9.63 5.13
CA SER C 172 27.39 -8.98 5.68
C SER C 172 26.17 -9.39 4.86
N ASN C 173 26.42 -9.63 3.57
CA ASN C 173 25.36 -9.97 2.64
C ASN C 173 24.63 -11.24 3.05
N ASP C 174 25.33 -12.17 3.70
CA ASP C 174 24.64 -13.39 4.13
C ASP C 174 24.35 -13.48 5.63
N THR C 175 25.06 -12.67 6.41
CA THR C 175 24.92 -12.69 7.87
C THR C 175 23.68 -11.91 8.34
N TYR C 176 23.46 -10.71 7.81
CA TYR C 176 22.28 -9.92 8.20
C TYR C 176 20.96 -10.64 7.81
N PRO C 177 20.84 -11.11 6.55
CA PRO C 177 19.61 -11.85 6.20
C PRO C 177 19.41 -13.10 7.04
N THR C 178 20.50 -13.72 7.47
CA THR C 178 20.38 -14.88 8.36
C THR C 178 19.82 -14.43 9.71
N ALA C 179 20.35 -13.32 10.22
CA ALA C 179 19.94 -12.76 11.51
C ALA C 179 18.46 -12.35 11.46
N HIS C 181 16.05 -13.74 9.60
CA HIS C 181 15.21 -14.92 9.63
C HIS C 181 15.15 -15.50 11.01
N ILE C 182 16.32 -15.62 11.65
CA ILE C 182 16.36 -16.09 13.02
C ILE C 182 15.47 -15.23 13.92
N ALA C 183 15.67 -13.92 13.88
CA ALA C 183 14.88 -13.02 14.74
C ALA C 183 13.39 -13.16 14.46
N CYS C 184 13.03 -13.16 13.16
CA CYS C 184 11.61 -13.24 12.79
C CYS C 184 10.96 -14.53 13.26
N ALA C 185 11.59 -15.67 12.96
CA ALA C 185 11.11 -16.98 13.45
C ALA C 185 11.01 -17.04 14.97
N GLU C 186 12.07 -16.61 15.66
CA GLU C 186 12.09 -16.61 17.12
C GLU C 186 10.91 -15.83 17.74
N ARG C 187 10.63 -14.65 17.21
CA ARG C 187 9.57 -13.81 17.78
C ARG C 187 8.22 -14.38 17.42
N VAL C 188 8.08 -14.92 16.21
CA VAL C 188 6.83 -15.59 15.89
C VAL C 188 6.60 -16.77 16.81
N ILE C 189 7.64 -17.58 17.00
CA ILE C 189 7.48 -18.82 17.76
C ILE C 189 7.32 -18.58 19.28
N HIS C 190 8.12 -17.67 19.84
CA HIS C 190 8.07 -17.42 21.28
C HIS C 190 7.06 -16.34 21.71
N ASP C 191 6.79 -15.35 20.85
CA ASP C 191 5.86 -14.24 21.25
C ASP C 191 4.49 -14.34 20.60
N LEU C 192 4.43 -14.32 19.26
CA LEU C 192 3.16 -14.21 18.57
C LEU C 192 2.27 -15.46 18.71
N LEU C 193 2.81 -16.63 18.40
CA LEU C 193 2.00 -17.85 18.49
C LEU C 193 1.45 -18.19 19.88
N PRO C 194 2.26 -18.08 20.96
CA PRO C 194 1.67 -18.23 22.30
C PRO C 194 0.58 -17.19 22.63
N ALA C 195 0.81 -15.93 22.25
CA ALA C 195 -0.20 -14.88 22.40
C ALA C 195 -1.52 -15.27 21.74
N LEU C 196 -1.47 -15.70 20.48
CA LEU C 196 -2.69 -16.11 19.79
C LEU C 196 -3.38 -17.33 20.42
N LYS C 197 -2.60 -18.27 20.94
CA LYS C 197 -3.18 -19.45 21.62
C LYS C 197 -3.87 -19.05 22.92
N HIS C 198 -3.26 -18.10 23.62
CA HIS C 198 -3.84 -17.51 24.83
C HIS C 198 -5.17 -16.85 24.50
N LEU C 199 -5.22 -16.11 23.39
CA LEU C 199 -6.45 -15.46 22.97
C LEU C 199 -7.51 -16.50 22.61
N HIS C 200 -7.08 -17.53 21.89
CA HIS C 200 -7.98 -18.57 21.44
C HIS C 200 -8.64 -19.27 22.63
N LYS C 201 -7.84 -19.61 23.64
CA LYS C 201 -8.34 -20.29 24.84
C LYS C 201 -9.38 -19.45 25.55
N ALA C 202 -9.13 -18.15 25.65
CA ALA C 202 -10.11 -17.23 26.28
C ALA C 202 -11.42 -17.15 25.49
N LEU C 203 -11.32 -17.12 24.17
CA LEU C 203 -12.51 -17.11 23.30
C LEU C 203 -13.32 -18.40 23.43
N GLU C 204 -12.63 -19.54 23.57
CA GLU C 204 -13.30 -20.84 23.78
C GLU C 204 -14.05 -20.93 25.11
N GLU C 205 -13.45 -20.39 26.17
CA GLU C 205 -14.16 -20.23 27.44
C GLU C 205 -15.48 -19.47 27.23
N LYS C 206 -15.45 -18.39 26.45
CA LYS C 206 -16.65 -17.59 26.19
C LYS C 206 -17.68 -18.32 25.34
N VAL C 207 -17.22 -19.12 24.38
CA VAL C 207 -18.12 -19.96 23.58
C VAL C 207 -18.94 -20.85 24.51
N LYS C 208 -18.28 -21.45 25.51
CA LYS C 208 -18.94 -22.37 26.43
C LYS C 208 -19.88 -21.62 27.38
N ALA C 209 -19.42 -20.49 27.91
CA ALA C 209 -20.23 -19.67 28.81
C ALA C 209 -21.47 -19.06 28.15
N PHE C 210 -21.35 -18.70 26.87
CA PHE C 210 -22.43 -17.98 26.17
C PHE C 210 -23.28 -18.87 25.26
N ASP C 211 -23.07 -20.18 25.28
CA ASP C 211 -23.76 -21.10 24.35
C ASP C 211 -25.29 -21.20 24.51
N HIS C 212 -25.79 -20.88 25.69
CA HIS C 212 -27.23 -20.95 25.94
C HIS C 212 -27.91 -19.62 25.63
N ILE C 213 -27.14 -18.58 25.32
CA ILE C 213 -27.70 -17.24 25.12
C ILE C 213 -28.09 -17.03 23.66
N ILE C 214 -29.40 -16.92 23.42
CA ILE C 214 -29.90 -16.75 22.08
C ILE C 214 -30.07 -15.27 21.79
N LYS C 215 -29.49 -14.83 20.68
CA LYS C 215 -29.58 -13.42 20.29
C LYS C 215 -29.96 -13.31 18.83
N ILE C 216 -30.18 -12.07 18.39
CA ILE C 216 -30.54 -11.80 17.04
C ILE C 216 -29.31 -11.58 16.15
N GLY C 217 -29.23 -12.34 15.06
CA GLY C 217 -28.18 -12.15 14.07
C GLY C 217 -28.32 -10.83 13.34
N ARG C 218 -27.23 -10.36 12.75
CA ARG C 218 -27.23 -9.14 11.96
C ARG C 218 -26.44 -9.36 10.68
N THR C 219 -27.09 -9.13 9.56
CA THR C 219 -26.49 -9.25 8.23
C THR C 219 -26.78 -7.93 7.52
N HIS C 220 -25.75 -7.33 6.93
CA HIS C 220 -25.85 -5.97 6.34
C HIS C 220 -26.09 -4.91 7.42
N THR C 221 -25.88 -5.31 8.67
CA THR C 221 -26.27 -4.58 9.91
C THR C 221 -27.78 -4.61 10.22
N GLN C 222 -28.54 -5.35 9.43
CA GLN C 222 -29.99 -5.43 9.61
C GLN C 222 -30.35 -6.64 10.48
N ASP C 223 -31.48 -6.54 11.19
CA ASP C 223 -31.97 -7.65 12.01
C ASP C 223 -32.10 -8.87 11.10
N ALA C 224 -31.67 -10.03 11.59
CA ALA C 224 -31.82 -11.30 10.83
C ALA C 224 -32.23 -12.42 11.79
N THR C 225 -32.07 -13.67 11.38
CA THR C 225 -32.50 -14.81 12.19
C THR C 225 -31.59 -15.07 13.40
N PRO C 226 -32.03 -15.91 14.35
CA PRO C 226 -31.24 -16.08 15.58
C PRO C 226 -30.01 -16.99 15.51
N LEU C 227 -29.07 -16.72 16.41
CA LEU C 227 -27.94 -17.60 16.68
C LEU C 227 -27.58 -17.37 18.14
N THR C 228 -26.83 -18.29 18.74
CA THR C 228 -26.34 -18.03 20.08
C THR C 228 -25.10 -17.12 20.05
N LEU C 229 -24.91 -16.42 21.16
CA LEU C 229 -23.72 -15.62 21.39
C LEU C 229 -22.50 -16.54 21.44
N GLY C 230 -22.72 -17.76 21.93
CA GLY C 230 -21.70 -18.79 21.91
C GLY C 230 -21.27 -19.15 20.48
N GLN C 231 -22.24 -19.28 19.57
CA GLN C 231 -21.99 -19.55 18.15
C GLN C 231 -21.21 -18.41 17.48
N GLU C 232 -21.65 -17.18 17.71
CA GLU C 232 -20.93 -15.99 17.23
C GLU C 232 -19.48 -16.00 17.71
N PHE C 233 -19.29 -16.30 19.00
CA PHE C 233 -17.94 -16.36 19.56
C PHE C 233 -17.15 -17.55 19.00
N SER C 234 -17.84 -18.61 18.57
CA SER C 234 -17.15 -19.76 17.97
C SER C 234 -16.53 -19.37 16.60
N GLY C 235 -17.16 -18.42 15.92
CA GLY C 235 -16.60 -17.82 14.70
C GLY C 235 -15.29 -17.12 15.00
N TYR C 236 -15.30 -16.28 16.05
CA TYR C 236 -14.08 -15.58 16.48
C TYR C 236 -12.98 -16.57 16.84
N ALA C 237 -13.32 -17.57 17.64
CA ALA C 237 -12.35 -18.59 18.02
C ALA C 237 -11.77 -19.31 16.80
N ALA C 238 -12.63 -19.67 15.85
CA ALA C 238 -12.18 -20.38 14.66
C ALA C 238 -11.25 -19.50 13.82
N GLN C 239 -11.56 -18.20 13.70
CA GLN C 239 -10.67 -17.29 12.98
C GLN C 239 -9.26 -17.25 13.59
N VAL C 240 -9.19 -17.24 14.92
CA VAL C 240 -7.91 -17.22 15.62
C VAL C 240 -7.13 -18.54 15.43
N ALA C 241 -7.81 -19.68 15.56
CA ALA C 241 -7.17 -20.99 15.35
C ALA C 241 -6.63 -21.11 13.92
N SER C 242 -7.43 -20.68 12.96
CA SER C 242 -7.02 -20.69 11.56
C SER C 242 -5.78 -19.81 11.33
N SER C 243 -5.76 -18.62 11.94
CA SER C 243 -4.61 -17.73 11.85
C SER C 243 -3.36 -18.42 12.37
N ILE C 244 -3.50 -19.09 13.51
CA ILE C 244 -2.39 -19.86 14.08
C ILE C 244 -1.82 -20.85 13.05
N LYS C 245 -2.70 -21.66 12.47
CA LYS C 245 -2.32 -22.63 11.42
C LYS C 245 -1.68 -21.97 10.19
N ARG C 246 -2.21 -20.82 9.74
CA ARG C 246 -1.62 -20.12 8.60
C ARG C 246 -0.19 -19.67 8.87
N ILE C 247 0.03 -19.10 10.05
CA ILE C 247 1.37 -18.69 10.45
C ILE C 247 2.35 -19.87 10.50
N GLU C 248 1.95 -20.94 11.20
CA GLU C 248 2.78 -22.15 11.37
C GLU C 248 3.26 -22.72 10.06
N THR C 250 3.88 -21.19 7.40
CA THR C 250 4.91 -20.37 6.76
C THR C 250 6.28 -20.44 7.43
N LEU C 251 6.34 -21.10 8.58
CA LEU C 251 7.60 -21.15 9.35
C LEU C 251 8.75 -21.91 8.67
N PRO C 252 8.46 -23.06 8.01
CA PRO C 252 9.59 -23.74 7.33
C PRO C 252 10.37 -22.84 6.35
N GLY C 253 9.66 -22.05 5.55
CA GLY C 253 10.30 -21.05 4.69
C GLY C 253 11.19 -20.10 5.48
N LEU C 254 10.69 -19.61 6.60
CA LEU C 254 11.41 -18.65 7.43
C LEU C 254 12.68 -19.23 8.03
N CYS C 255 12.67 -20.54 8.25
CA CYS C 255 13.76 -21.23 8.89
C CYS C 255 14.87 -21.72 7.93
N GLU C 256 14.79 -21.32 6.67
CA GLU C 256 15.87 -21.56 5.72
C GLU C 256 16.76 -20.34 5.70
N LEU C 257 18.07 -20.55 5.88
CA LEU C 257 19.02 -19.47 6.16
C LEU C 257 20.00 -19.22 5.02
N ALA C 258 20.29 -17.95 4.81
CA ALA C 258 21.23 -17.51 3.79
C ALA C 258 22.69 -17.84 4.11
N GLN C 259 23.00 -18.09 5.38
CA GLN C 259 24.38 -18.18 5.86
C GLN C 259 25.22 -19.20 5.10
N GLY C 260 26.31 -18.73 4.51
CA GLY C 260 27.20 -19.61 3.77
C GLY C 260 27.19 -19.27 2.30
N GLY C 261 26.29 -18.37 1.90
CA GLY C 261 26.25 -17.92 0.49
C GLY C 261 27.35 -16.91 0.24
N THR C 262 27.89 -16.36 1.33
CA THR C 262 28.86 -15.27 1.28
C THR C 262 28.41 -14.09 0.40
N ALA C 263 29.33 -13.46 -0.31
CA ALA C 263 29.06 -12.16 -0.94
C ALA C 263 27.98 -12.13 -2.04
N VAL C 264 27.96 -13.16 -2.89
CA VAL C 264 27.04 -13.14 -4.05
C VAL C 264 26.20 -14.41 -4.14
N GLY C 265 26.44 -15.34 -3.22
CA GLY C 265 25.68 -16.60 -3.19
C GLY C 265 26.47 -17.84 -3.55
N THR C 266 27.69 -17.66 -4.06
CA THR C 266 28.52 -18.80 -4.53
C THR C 266 29.14 -19.63 -3.39
N GLY C 267 29.18 -19.06 -2.20
CA GLY C 267 29.91 -19.67 -1.08
C GLY C 267 31.42 -19.45 -1.11
N LEU C 268 31.91 -18.61 -2.02
CA LEU C 268 33.33 -18.27 -2.09
C LEU C 268 33.83 -17.70 -0.77
N ASN C 269 35.02 -18.12 -0.35
CA ASN C 269 35.66 -17.66 0.89
C ASN C 269 34.98 -18.19 2.15
N ALA C 270 34.21 -19.26 1.98
CA ALA C 270 33.71 -20.05 3.09
C ALA C 270 34.27 -21.47 2.92
N PRO C 271 34.56 -22.15 4.04
CA PRO C 271 35.00 -23.55 3.99
C PRO C 271 33.92 -24.44 3.41
N VAL C 272 34.35 -25.52 2.77
CA VAL C 272 33.41 -26.55 2.30
C VAL C 272 32.70 -27.12 3.52
N GLY C 273 31.36 -27.21 3.46
CA GLY C 273 30.58 -27.72 4.58
C GLY C 273 30.10 -26.66 5.59
N PHE C 274 30.60 -25.44 5.46
CA PHE C 274 30.28 -24.34 6.40
C PHE C 274 28.78 -24.03 6.47
N ALA C 275 28.16 -23.88 5.29
CA ALA C 275 26.72 -23.61 5.18
C ALA C 275 25.89 -24.57 6.03
N GLU C 276 26.12 -25.88 5.87
CA GLU C 276 25.36 -26.88 6.62
C GLU C 276 25.68 -26.84 8.12
N LYS C 277 26.96 -26.78 8.45
CA LYS C 277 27.44 -26.83 9.82
C LYS C 277 26.95 -25.63 10.66
N VAL C 278 27.05 -24.43 10.11
CA VAL C 278 26.63 -23.24 10.83
C VAL C 278 25.09 -23.21 11.10
N ALA C 279 24.30 -23.79 10.17
CA ALA C 279 22.86 -23.94 10.39
C ALA C 279 22.55 -24.91 11.52
N GLU C 280 23.30 -26.03 11.57
CA GLU C 280 23.16 -26.97 12.69
C GLU C 280 23.49 -26.28 14.02
N GLU C 281 24.55 -25.47 14.03
CA GLU C 281 24.96 -24.76 15.23
C GLU C 281 23.88 -23.77 15.65
N ILE C 282 23.32 -23.03 14.66
CA ILE C 282 22.23 -22.08 14.93
C ILE C 282 21.02 -22.79 15.50
N ALA C 283 20.65 -23.92 14.88
CA ALA C 283 19.54 -24.74 15.37
C ALA C 283 19.76 -25.17 16.82
N ALA C 284 20.97 -25.62 17.15
CA ALA C 284 21.27 -26.08 18.52
C ALA C 284 21.18 -24.94 19.55
N ILE C 285 21.69 -23.75 19.19
CA ILE C 285 21.56 -22.58 20.07
C ILE C 285 20.09 -22.17 20.33
N THR C 286 19.28 -22.15 19.27
CA THR C 286 17.91 -21.61 19.36
C THR C 286 16.87 -22.64 19.80
N GLY C 287 17.18 -23.93 19.56
CA GLY C 287 16.19 -24.99 19.76
C GLY C 287 15.10 -24.98 18.70
N ILE C 288 15.35 -24.28 17.60
CA ILE C 288 14.41 -24.22 16.47
C ILE C 288 15.08 -24.88 15.26
N GLY C 289 14.31 -25.69 14.52
CA GLY C 289 14.81 -26.42 13.35
C GLY C 289 15.25 -25.58 12.14
N PHE C 290 16.21 -24.69 12.34
CA PHE C 290 16.78 -23.93 11.23
C PHE C 290 17.55 -24.84 10.28
N THR C 291 17.53 -24.50 8.99
CA THR C 291 18.21 -25.30 7.97
C THR C 291 18.93 -24.37 7.00
N SER C 292 19.87 -24.88 6.22
CA SER C 292 20.55 -24.08 5.22
C SER C 292 19.67 -24.01 3.96
N ALA C 293 19.52 -22.82 3.40
CA ALA C 293 18.64 -22.61 2.23
C ALA C 293 19.15 -23.44 1.06
N PRO C 294 18.24 -24.12 0.35
CA PRO C 294 18.73 -24.99 -0.74
C PRO C 294 19.37 -24.18 -1.86
N ASN C 295 18.97 -22.90 -2.01
CA ASN C 295 19.52 -22.03 -3.05
C ASN C 295 19.93 -20.66 -2.50
N LYS C 296 21.23 -20.40 -2.45
CA LYS C 296 21.77 -19.18 -1.83
C LYS C 296 21.55 -17.92 -2.65
N PHE C 297 21.39 -18.08 -3.95
CA PHE C 297 21.13 -16.93 -4.83
C PHE C 297 19.74 -16.38 -4.55
N GLU C 298 18.76 -17.28 -4.50
CA GLU C 298 17.39 -16.96 -4.06
C GLU C 298 17.36 -16.34 -2.65
N ALA C 299 18.18 -16.86 -1.73
CA ALA C 299 18.19 -16.40 -0.32
C ALA C 299 18.82 -15.03 -0.12
N LEU C 300 19.68 -14.62 -1.06
CA LEU C 300 20.34 -13.30 -0.99
C LEU C 300 19.61 -12.23 -1.78
N ALA C 301 19.11 -12.60 -2.96
CA ALA C 301 18.55 -11.67 -3.93
C ALA C 301 17.09 -11.31 -3.64
N ALA C 302 16.46 -12.10 -2.78
CA ALA C 302 15.04 -11.94 -2.47
C ALA C 302 14.75 -12.46 -1.07
N HIS C 303 13.68 -11.92 -0.45
CA HIS C 303 13.22 -12.46 0.82
C HIS C 303 11.72 -12.75 0.73
N ASP C 304 11.39 -13.60 -0.25
CA ASP C 304 10.04 -13.95 -0.54
C ASP C 304 9.40 -14.73 0.61
N SER C 305 10.21 -15.50 1.35
CA SER C 305 9.71 -16.21 2.53
C SER C 305 9.17 -15.26 3.59
N VAL C 307 7.97 -12.19 2.86
CA VAL C 307 6.75 -11.65 2.26
C VAL C 307 5.56 -12.57 2.47
N PHE C 308 5.76 -13.88 2.29
CA PHE C 308 4.71 -14.88 2.49
C PHE C 308 4.35 -15.05 3.97
N SER C 309 5.37 -15.15 4.84
CA SER C 309 5.13 -15.23 6.28
C SER C 309 4.42 -13.98 6.77
N HIS C 310 4.85 -12.81 6.30
CA HIS C 310 4.14 -11.60 6.69
C HIS C 310 2.70 -11.55 6.15
N GLY C 311 2.42 -12.25 5.05
CA GLY C 311 1.03 -12.42 4.57
C GLY C 311 0.12 -13.19 5.55
N ALA C 312 0.70 -14.14 6.27
CA ALA C 312 -0.04 -14.86 7.32
C ALA C 312 -0.34 -13.94 8.52
N ILE C 313 0.60 -13.05 8.83
CA ILE C 313 0.47 -12.08 9.90
C ILE C 313 -0.50 -10.96 9.47
N ASN C 314 -0.43 -10.56 8.20
CA ASN C 314 -1.38 -9.66 7.58
C ASN C 314 -2.81 -10.23 7.66
N ALA C 315 -2.98 -11.50 7.28
CA ALA C 315 -4.29 -12.16 7.41
C ALA C 315 -4.76 -12.27 8.86
N THR C 316 -3.82 -12.49 9.78
CA THR C 316 -4.14 -12.53 11.21
C THR C 316 -4.66 -11.16 11.67
N ALA C 317 -3.99 -10.08 11.24
CA ALA C 317 -4.43 -8.73 11.59
C ALA C 317 -5.85 -8.43 11.09
N ALA C 318 -6.21 -8.90 9.89
CA ALA C 318 -7.60 -8.69 9.37
C ALA C 318 -8.64 -9.42 10.23
N ALA C 319 -8.31 -10.64 10.64
CA ALA C 319 -9.15 -11.45 11.53
C ALA C 319 -9.31 -10.78 12.91
N LEU C 320 -8.20 -10.42 13.55
CA LEU C 320 -8.26 -9.73 14.84
C LEU C 320 -8.98 -8.38 14.76
N PHE C 321 -8.77 -7.64 13.66
CA PHE C 321 -9.46 -6.37 13.47
C PHE C 321 -10.97 -6.56 13.57
N LYS C 322 -11.48 -7.55 12.83
CA LYS C 322 -12.92 -7.82 12.72
C LYS C 322 -13.50 -8.22 14.08
N ILE C 323 -12.83 -9.15 14.76
CA ILE C 323 -13.22 -9.58 16.09
C ILE C 323 -13.29 -8.39 17.06
N ALA C 324 -12.26 -7.55 17.04
CA ALA C 324 -12.17 -6.42 17.94
C ALA C 324 -13.23 -5.36 17.63
N ASN C 325 -13.45 -5.10 16.33
CA ASN C 325 -14.51 -4.21 15.86
C ASN C 325 -15.92 -4.68 16.21
N ASP C 326 -16.19 -5.97 16.06
CA ASP C 326 -17.46 -6.56 16.46
C ASP C 326 -17.72 -6.38 17.96
N ILE C 327 -16.72 -6.73 18.77
CA ILE C 327 -16.83 -6.60 20.22
C ILE C 327 -17.09 -5.16 20.64
N ARG C 328 -16.34 -4.24 20.03
CA ARG C 328 -16.55 -2.81 20.19
C ARG C 328 -18.04 -2.45 20.02
N PHE C 329 -18.62 -2.82 18.89
CA PHE C 329 -20.02 -2.51 18.62
C PHE C 329 -21.02 -3.26 19.50
N LEU C 330 -20.72 -4.50 19.83
CA LEU C 330 -21.62 -5.30 20.65
C LEU C 330 -21.68 -4.76 22.08
N GLY C 331 -20.62 -4.05 22.47
CA GLY C 331 -20.53 -3.43 23.79
C GLY C 331 -21.03 -1.99 23.81
N SER C 332 -21.49 -1.49 22.66
CA SER C 332 -21.98 -0.12 22.55
C SER C 332 -23.24 0.16 23.38
N GLY C 333 -23.37 1.42 23.82
CA GLY C 333 -24.48 1.81 24.69
C GLY C 333 -24.02 2.84 25.70
N PRO C 334 -24.50 2.72 26.95
CA PRO C 334 -25.35 1.65 27.48
C PRO C 334 -26.78 1.60 26.94
N ARG C 335 -27.31 2.71 26.42
CA ARG C 335 -28.74 2.74 26.05
C ARG C 335 -29.09 3.01 24.59
N SER C 336 -28.24 3.74 23.88
CA SER C 336 -28.46 4.03 22.45
C SER C 336 -27.60 3.19 21.51
N GLY C 337 -27.08 2.06 21.99
CA GLY C 337 -26.22 1.19 21.19
C GLY C 337 -26.87 -0.16 20.97
N LEU C 338 -26.05 -1.17 20.68
CA LEU C 338 -26.57 -2.52 20.48
C LEU C 338 -26.82 -3.22 21.80
N GLY C 339 -26.00 -2.89 22.81
CA GLY C 339 -26.27 -3.30 24.20
C GLY C 339 -26.23 -4.79 24.51
N GLU C 340 -25.40 -5.54 23.79
CA GLU C 340 -25.33 -6.99 24.04
C GLU C 340 -24.23 -7.37 25.04
N LEU C 341 -23.18 -6.55 25.10
CA LEU C 341 -22.01 -6.88 25.91
C LEU C 341 -21.65 -5.83 26.93
N SER C 342 -21.18 -6.31 28.07
CA SER C 342 -20.59 -5.49 29.10
C SER C 342 -19.09 -5.80 29.13
N LEU C 343 -18.30 -4.84 28.69
CA LEU C 343 -16.84 -4.98 28.64
C LEU C 343 -16.24 -4.40 29.91
N PRO C 344 -15.13 -5.01 30.41
CA PRO C 344 -14.54 -4.50 31.66
C PRO C 344 -14.14 -3.04 31.56
N GLU C 345 -14.30 -2.30 32.65
CA GLU C 345 -13.88 -0.91 32.72
C GLU C 345 -12.48 -0.83 33.33
N ASN C 346 -11.50 -0.49 32.47
CA ASN C 346 -10.09 -0.49 32.86
C ASN C 346 -9.56 0.86 33.32
N GLU C 347 -10.08 1.94 32.75
CA GLU C 347 -9.68 3.28 33.19
C GLU C 347 -10.89 4.05 33.75
N PRO C 348 -10.64 4.96 34.71
CA PRO C 348 -11.69 5.49 35.58
C PRO C 348 -12.81 6.23 34.86
N GLY C 349 -14.03 6.12 35.40
CA GLY C 349 -15.20 6.86 34.94
C GLY C 349 -15.48 8.04 35.88
N SER C 350 -16.72 8.56 35.85
CA SER C 350 -17.04 9.83 36.53
C SER C 350 -18.15 9.79 37.59
N PRO C 354 -22.39 7.46 34.17
CA PRO C 354 -22.55 6.09 34.67
C PRO C 354 -22.96 5.12 33.57
N GLY C 355 -22.21 4.04 33.43
CA GLY C 355 -22.49 3.04 32.41
C GLY C 355 -21.68 3.25 31.15
N LYS C 356 -21.06 4.41 31.04
CA LYS C 356 -20.25 4.75 29.87
C LYS C 356 -18.85 4.14 29.98
N VAL C 357 -18.64 3.02 29.31
CA VAL C 357 -17.35 2.34 29.32
C VAL C 357 -16.76 2.24 27.93
N ASN C 358 -15.76 3.07 27.65
CA ASN C 358 -15.10 3.08 26.35
C ASN C 358 -14.35 1.78 26.11
N PRO C 359 -14.54 1.17 24.92
CA PRO C 359 -13.89 -0.08 24.51
C PRO C 359 -12.44 0.16 24.09
N THR C 360 -11.61 0.55 25.06
CA THR C 360 -10.27 1.07 24.74
C THR C 360 -9.28 -0.03 24.32
N GLN C 361 -9.46 -1.25 24.82
CA GLN C 361 -8.67 -2.39 24.37
C GLN C 361 -8.99 -2.75 22.90
N CYS C 362 -10.28 -2.68 22.52
CA CYS C 362 -10.64 -2.79 21.09
C CYS C 362 -9.95 -1.74 20.23
N GLU C 363 -9.82 -0.54 20.78
CA GLU C 363 -9.19 0.57 20.07
C GLU C 363 -7.69 0.36 19.88
N ALA C 364 -7.01 -0.08 20.94
CA ALA C 364 -5.58 -0.35 20.84
C ALA C 364 -5.34 -1.44 19.79
N LEU C 365 -6.11 -2.53 19.85
CA LEU C 365 -5.94 -3.65 18.91
C LEU C 365 -6.27 -3.28 17.46
N THR C 366 -7.40 -2.60 17.23
CA THR C 366 -7.74 -2.25 15.84
C THR C 366 -6.69 -1.29 15.25
N GLN C 367 -6.17 -0.36 16.06
CA GLN C 367 -5.06 0.50 15.62
C GLN C 367 -3.82 -0.32 15.22
N VAL C 368 -3.47 -1.31 16.05
CA VAL C 368 -2.34 -2.21 15.76
C VAL C 368 -2.52 -2.94 14.42
N CYS C 369 -3.73 -3.45 14.18
CA CYS C 369 -4.02 -4.23 12.98
C CYS C 369 -3.84 -3.40 11.71
N VAL C 370 -4.30 -2.15 11.75
CA VAL C 370 -4.12 -1.22 10.63
C VAL C 370 -2.63 -0.88 10.38
N GLN C 371 -1.87 -0.72 11.47
CA GLN C 371 -0.41 -0.57 11.37
C GLN C 371 0.17 -1.73 10.58
N VAL C 372 -0.26 -2.95 10.92
CA VAL C 372 0.21 -4.14 10.23
C VAL C 372 -0.12 -4.12 8.74
N PHE C 373 -1.32 -3.66 8.38
CA PHE C 373 -1.68 -3.57 6.97
C PHE C 373 -0.71 -2.67 6.23
N GLY C 374 -0.30 -1.57 6.87
CA GLY C 374 0.66 -0.62 6.28
C GLY C 374 2.04 -1.23 6.16
N ASN C 375 2.49 -1.92 7.22
CA ASN C 375 3.76 -2.63 7.27
C ASN C 375 3.83 -3.66 6.17
N HIS C 376 2.71 -4.35 5.92
CA HIS C 376 2.69 -5.37 4.87
C HIS C 376 2.91 -4.78 3.47
N ALA C 377 2.37 -3.60 3.22
CA ALA C 377 2.56 -2.93 1.94
C ALA C 377 4.04 -2.54 1.74
N ALA C 378 4.64 -1.92 2.76
CA ALA C 378 6.07 -1.61 2.71
C ALA C 378 6.95 -2.88 2.53
N LEU C 379 6.65 -3.90 3.32
CA LEU C 379 7.42 -5.13 3.27
C LEU C 379 7.38 -5.77 1.88
N THR C 380 6.18 -5.83 1.31
CA THR C 380 5.96 -6.35 -0.05
C THR C 380 6.71 -5.57 -1.13
N PHE C 381 6.59 -4.25 -1.09
CA PHE C 381 7.27 -3.38 -2.03
C PHE C 381 8.78 -3.61 -1.93
N ALA C 382 9.31 -3.62 -0.71
CA ALA C 382 10.76 -3.84 -0.47
C ALA C 382 11.23 -5.18 -1.03
N GLY C 383 10.39 -6.19 -0.85
CA GLY C 383 10.66 -7.52 -1.35
C GLY C 383 10.78 -7.59 -2.87
N SER C 384 10.05 -6.72 -3.58
CA SER C 384 10.11 -6.67 -5.04
C SER C 384 11.35 -5.96 -5.58
N GLN C 385 12.09 -5.30 -4.70
CA GLN C 385 13.09 -4.33 -5.11
C GLN C 385 14.53 -4.80 -5.10
N GLY C 386 14.72 -6.12 -5.02
CA GLY C 386 16.06 -6.71 -5.17
C GLY C 386 16.69 -6.40 -6.52
N HIS C 387 18.02 -6.25 -6.53
CA HIS C 387 18.77 -6.00 -7.77
C HIS C 387 19.88 -7.00 -7.88
N PHE C 388 19.80 -7.80 -8.93
CA PHE C 388 20.77 -8.81 -9.26
C PHE C 388 21.05 -9.74 -8.10
N GLU C 389 22.26 -9.73 -7.56
CA GLU C 389 22.64 -10.72 -6.55
C GLU C 389 22.17 -10.39 -5.13
N LEU C 390 21.63 -9.20 -4.89
CA LEU C 390 21.35 -8.78 -3.52
C LEU C 390 20.15 -7.85 -3.37
N ASN C 391 19.23 -8.22 -2.48
CA ASN C 391 18.22 -7.29 -2.03
C ASN C 391 18.81 -6.37 -0.96
N VAL C 392 18.75 -5.06 -1.18
CA VAL C 392 19.28 -4.09 -0.22
C VAL C 392 18.19 -3.27 0.47
N TYR C 393 17.16 -3.98 0.92
CA TYR C 393 16.10 -3.41 1.70
C TYR C 393 15.96 -4.20 2.99
N ASN C 394 17.07 -4.80 3.47
CA ASN C 394 16.99 -5.77 4.59
C ASN C 394 16.51 -5.14 5.90
N PRO C 395 17.18 -4.05 6.37
CA PRO C 395 16.78 -3.46 7.66
C PRO C 395 15.30 -3.00 7.69
N LEU C 396 14.84 -2.44 6.57
CA LEU C 396 13.44 -2.03 6.44
C LEU C 396 12.51 -3.24 6.62
N ALA C 398 13.14 -6.28 8.01
CA ALA C 398 13.27 -6.79 9.39
C ALA C 398 12.51 -5.89 10.37
N TYR C 399 12.62 -4.58 10.22
CA TYR C 399 11.96 -3.67 11.15
C TYR C 399 10.44 -3.75 11.06
N ASN C 400 9.92 -3.73 9.83
CA ASN C 400 8.47 -3.89 9.64
C ASN C 400 7.90 -5.22 10.14
N PHE C 401 8.58 -6.34 9.85
CA PHE C 401 8.15 -7.67 10.26
C PHE C 401 8.15 -7.78 11.79
N LEU C 402 9.26 -7.38 12.41
CA LEU C 402 9.39 -7.45 13.87
C LEU C 402 8.43 -6.51 14.61
N GLN C 403 8.22 -5.32 14.07
CA GLN C 403 7.19 -4.43 14.61
C GLN C 403 5.80 -5.10 14.56
N SER C 404 5.41 -5.62 13.39
CA SER C 404 4.11 -6.29 13.27
C SER C 404 3.97 -7.36 14.32
N VAL C 405 5.02 -8.19 14.45
CA VAL C 405 4.97 -9.30 15.38
C VAL C 405 4.85 -8.80 16.83
N GLN C 406 5.66 -7.81 17.19
CA GLN C 406 5.63 -7.25 18.55
C GLN C 406 4.25 -6.67 18.86
N LEU C 407 3.76 -5.81 17.96
CA LEU C 407 2.47 -5.16 18.15
C LEU C 407 1.30 -6.14 18.30
N LEU C 408 1.21 -7.13 17.43
CA LEU C 408 0.13 -8.10 17.45
C LEU C 408 0.19 -9.06 18.63
N ALA C 409 1.41 -9.47 19.01
CA ALA C 409 1.57 -10.30 20.19
C ALA C 409 1.14 -9.53 21.44
N ASP C 410 1.70 -8.33 21.62
CA ASP C 410 1.37 -7.48 22.75
C ASP C 410 -0.12 -7.15 22.85
N ALA C 411 -0.72 -6.72 21.74
CA ALA C 411 -2.12 -6.30 21.73
C ALA C 411 -3.07 -7.49 21.90
N ALA C 412 -2.68 -8.63 21.36
CA ALA C 412 -3.45 -9.84 21.57
C ALA C 412 -3.50 -10.23 23.06
N ILE C 413 -2.37 -10.17 23.74
CA ILE C 413 -2.31 -10.44 25.18
C ILE C 413 -3.12 -9.41 25.95
N SER C 414 -2.90 -8.15 25.65
CA SER C 414 -3.63 -7.08 26.34
C SER C 414 -5.14 -7.14 26.12
N PHE C 415 -5.56 -7.35 24.87
CA PHE C 415 -6.98 -7.51 24.55
C PHE C 415 -7.59 -8.73 25.28
N THR C 416 -6.83 -9.84 25.33
CA THR C 416 -7.31 -11.03 26.05
C THR C 416 -7.48 -10.76 27.55
N ASP C 417 -6.41 -10.31 28.20
CA ASP C 417 -6.37 -10.18 29.65
C ASP C 417 -7.26 -9.05 30.16
N ASN C 418 -7.33 -7.97 29.39
CA ASN C 418 -7.99 -6.76 29.85
C ASN C 418 -9.35 -6.51 29.19
N CYS C 419 -9.77 -7.41 28.31
CA CYS C 419 -11.11 -7.29 27.73
C CYS C 419 -11.82 -8.62 27.70
N VAL C 420 -11.32 -9.55 26.88
CA VAL C 420 -12.02 -10.80 26.59
C VAL C 420 -12.41 -11.64 27.82
N VAL C 421 -11.47 -11.95 28.70
CA VAL C 421 -11.76 -12.80 29.87
C VAL C 421 -12.86 -12.21 30.78
N GLY C 422 -13.00 -10.88 30.78
CA GLY C 422 -13.95 -10.20 31.65
C GLY C 422 -15.26 -9.80 30.99
N ILE C 423 -15.41 -10.13 29.70
CA ILE C 423 -16.64 -9.81 29.00
C ILE C 423 -17.83 -10.53 29.62
N GLU C 424 -18.88 -9.77 29.87
CA GLU C 424 -20.14 -10.37 30.29
C GLU C 424 -21.26 -10.08 29.30
N ALA C 425 -22.19 -11.02 29.16
CA ALA C 425 -23.38 -10.79 28.36
C ALA C 425 -24.43 -10.04 29.17
N ARG C 426 -25.10 -9.08 28.53
CA ARG C 426 -26.24 -8.39 29.12
C ARG C 426 -27.52 -9.17 28.73
N GLU C 427 -27.80 -10.24 29.47
CA GLU C 427 -28.85 -11.21 29.11
C GLU C 427 -30.28 -10.64 29.03
N ASP C 428 -30.59 -9.67 29.90
CA ASP C 428 -31.91 -9.03 29.86
C ASP C 428 -32.07 -8.21 28.60
N ASN C 429 -31.05 -7.42 28.28
CA ASN C 429 -31.04 -6.67 27.01
C ASN C 429 -31.12 -7.55 25.78
N ILE C 430 -30.46 -8.71 25.83
CA ILE C 430 -30.46 -9.65 24.72
C ILE C 430 -31.84 -10.32 24.60
N LYS C 431 -32.42 -10.71 25.74
CA LYS C 431 -33.78 -11.25 25.79
C LYS C 431 -34.82 -10.20 25.35
N ALA C 432 -34.82 -9.06 26.02
CA ALA C 432 -35.74 -7.95 25.72
C ALA C 432 -35.73 -7.53 24.25
N ALA C 433 -34.59 -7.66 23.59
CA ALA C 433 -34.49 -7.33 22.17
C ALA C 433 -35.08 -8.45 21.33
N LEU C 434 -34.76 -9.70 21.69
CA LEU C 434 -35.26 -10.88 20.99
C LEU C 434 -36.79 -11.00 21.05
N ASP C 435 -37.35 -10.72 22.24
CA ASP C 435 -38.79 -10.73 22.46
C ASP C 435 -39.50 -9.56 21.78
N ARG C 436 -38.73 -8.54 21.41
CA ARG C 436 -39.27 -7.38 20.68
C ARG C 436 -38.78 -7.35 19.23
N SER C 437 -38.30 -8.48 18.73
CA SER C 437 -37.83 -8.57 17.36
C SER C 437 -38.98 -8.91 16.42
N LEU C 438 -38.85 -8.48 15.17
CA LEU C 438 -39.82 -8.85 14.13
C LEU C 438 -39.42 -10.14 13.44
N LEU C 440 -38.72 -13.36 14.01
CA LEU C 440 -39.22 -14.72 14.23
C LEU C 440 -40.50 -15.01 13.44
N PRO C 488 -37.56 -19.90 19.65
CA PRO C 488 -36.30 -19.54 18.99
C PRO C 488 -35.21 -20.59 19.17
N GLU C 489 -35.40 -21.51 20.11
CA GLU C 489 -34.50 -22.64 20.33
C GLU C 489 -34.57 -23.60 19.15
N THR C 490 -35.58 -23.43 18.31
CA THR C 490 -35.77 -24.30 17.16
C THR C 490 -35.27 -23.63 15.89
N ILE C 492 -31.97 -22.28 15.59
CA ILE C 492 -30.51 -22.20 15.60
C ILE C 492 -29.89 -23.52 15.18
N GLY C 493 -30.67 -24.34 14.50
CA GLY C 493 -30.20 -25.64 14.03
C GLY C 493 -30.39 -25.82 12.54
N PRO C 494 -29.66 -26.78 11.97
CA PRO C 494 -29.75 -27.06 10.53
C PRO C 494 -31.18 -27.41 10.10
N SER D 35 -39.45 -5.89 -28.11
CA SER D 35 -40.54 -6.39 -27.22
C SER D 35 -39.99 -6.89 -25.87
N THR D 36 -40.82 -6.80 -24.84
CA THR D 36 -40.39 -7.14 -23.49
C THR D 36 -41.40 -8.01 -22.75
N ARG D 37 -40.84 -8.86 -21.90
CA ARG D 37 -41.58 -9.78 -21.05
C ARG D 37 -41.75 -9.15 -19.67
N THR D 38 -42.97 -9.20 -19.12
CA THR D 38 -43.21 -8.73 -17.76
C THR D 38 -42.65 -9.75 -16.75
N GLU D 39 -41.87 -9.25 -15.80
CA GLU D 39 -41.32 -10.07 -14.71
C GLU D 39 -41.72 -9.45 -13.38
N THR D 40 -41.72 -10.27 -12.31
CA THR D 40 -42.32 -9.86 -11.05
C THR D 40 -41.50 -10.29 -9.83
N ASP D 41 -41.32 -9.36 -8.89
CA ASP D 41 -40.84 -9.68 -7.53
C ASP D 41 -41.76 -9.05 -6.47
N THR D 42 -41.37 -9.14 -5.20
CA THR D 42 -42.18 -8.58 -4.08
C THR D 42 -42.36 -7.06 -4.18
N PHE D 43 -41.48 -6.39 -4.92
CA PHE D 43 -41.59 -4.94 -5.10
C PHE D 43 -42.60 -4.50 -6.16
N GLY D 44 -42.85 -5.33 -7.16
CA GLY D 44 -43.76 -5.00 -8.27
C GLY D 44 -43.35 -5.64 -9.59
N PRO D 45 -44.03 -5.26 -10.69
CA PRO D 45 -43.67 -5.75 -12.03
C PRO D 45 -42.68 -4.86 -12.77
N ILE D 46 -41.89 -5.47 -13.65
CA ILE D 46 -40.87 -4.77 -14.42
C ILE D 46 -40.63 -5.46 -15.75
N GLU D 47 -40.30 -4.68 -16.77
CA GLU D 47 -40.13 -5.19 -18.12
C GLU D 47 -38.70 -5.68 -18.35
N VAL D 48 -38.57 -6.87 -18.94
CA VAL D 48 -37.28 -7.43 -19.31
C VAL D 48 -37.29 -7.77 -20.80
N ALA D 49 -36.26 -7.35 -21.51
CA ALA D 49 -36.07 -7.75 -22.91
C ALA D 49 -36.39 -9.23 -23.11
N SER D 50 -37.13 -9.53 -24.18
CA SER D 50 -37.68 -10.87 -24.40
C SER D 50 -36.65 -11.95 -24.72
N ASP D 51 -35.55 -11.54 -25.33
CA ASP D 51 -34.47 -12.47 -25.67
C ASP D 51 -33.43 -12.61 -24.54
N ARG D 52 -33.78 -12.18 -23.33
CA ARG D 52 -32.93 -12.38 -22.15
C ARG D 52 -33.58 -13.33 -21.12
N TYR D 53 -32.76 -14.12 -20.43
CA TYR D 53 -33.25 -15.07 -19.45
C TYR D 53 -33.33 -14.56 -18.01
N TRP D 54 -32.76 -13.37 -17.74
CA TRP D 54 -32.77 -12.85 -16.36
C TRP D 54 -34.17 -12.30 -16.01
N GLY D 55 -34.41 -12.09 -14.72
CA GLY D 55 -35.77 -11.76 -14.26
C GLY D 55 -35.84 -10.40 -13.60
N ALA D 56 -36.77 -10.27 -12.65
CA ALA D 56 -37.08 -8.98 -12.04
C ALA D 56 -35.95 -8.38 -11.19
N GLN D 57 -35.32 -9.17 -10.33
CA GLN D 57 -34.27 -8.65 -9.45
C GLN D 57 -33.01 -8.24 -10.24
N ALA D 58 -32.64 -9.02 -11.26
CA ALA D 58 -31.55 -8.62 -12.13
C ALA D 58 -31.83 -7.29 -12.82
N GLN D 59 -33.02 -7.16 -13.40
CA GLN D 59 -33.40 -5.95 -14.12
C GLN D 59 -33.36 -4.71 -13.22
N ARG D 60 -33.80 -4.86 -11.98
CA ARG D 60 -33.78 -3.76 -11.01
C ARG D 60 -32.35 -3.31 -10.72
N SER D 61 -31.46 -4.29 -10.49
CA SER D 61 -30.07 -4.02 -10.15
C SER D 61 -29.33 -3.34 -11.27
N LEU D 62 -29.66 -3.71 -12.51
CA LEU D 62 -29.13 -3.02 -13.70
C LEU D 62 -29.40 -1.51 -13.63
N GLY D 63 -30.63 -1.16 -13.26
CA GLY D 63 -30.99 0.25 -13.10
C GLY D 63 -30.48 0.90 -11.82
N ASN D 64 -30.31 0.12 -10.76
CA ASN D 64 -29.94 0.65 -9.44
C ASN D 64 -28.42 0.77 -9.22
N PHE D 65 -27.64 0.01 -9.98
CA PHE D 65 -26.18 -0.01 -9.79
C PHE D 65 -25.41 0.29 -11.07
N LYS D 66 -25.57 1.51 -11.55
CA LYS D 66 -24.89 1.99 -12.75
C LYS D 66 -23.52 2.51 -12.35
N ILE D 67 -22.65 1.56 -12.00
CA ILE D 67 -21.35 1.89 -11.43
C ILE D 67 -20.25 1.07 -12.10
N GLY D 68 -19.32 1.77 -12.75
CA GLY D 68 -18.08 1.17 -13.20
C GLY D 68 -18.12 0.46 -14.55
N TRP D 69 -16.99 -0.10 -14.94
CA TRP D 69 -16.86 -0.77 -16.24
C TRP D 69 -17.04 -2.26 -16.08
N GLU D 70 -16.87 -2.75 -14.85
CA GLU D 70 -16.65 -4.17 -14.59
C GLU D 70 -17.93 -4.92 -14.25
N LYS D 71 -18.31 -5.83 -15.13
CA LYS D 71 -19.29 -6.84 -14.84
C LYS D 71 -18.65 -7.93 -13.98
N GLN D 72 -19.49 -8.72 -13.31
CA GLN D 72 -19.04 -9.88 -12.56
C GLN D 72 -18.12 -10.74 -13.46
N PRO D 73 -16.96 -11.16 -12.92
CA PRO D 73 -16.06 -12.07 -13.62
C PRO D 73 -16.80 -13.34 -14.06
N LEU D 74 -16.57 -13.76 -15.30
CA LEU D 74 -17.21 -14.95 -15.88
C LEU D 74 -16.95 -16.19 -15.04
N ALA D 75 -15.79 -16.23 -14.40
CA ALA D 75 -15.47 -17.32 -13.50
C ALA D 75 -16.48 -17.43 -12.35
N ILE D 76 -16.98 -16.29 -11.87
CA ILE D 76 -18.01 -16.26 -10.81
C ILE D 76 -19.38 -16.72 -11.36
N VAL D 77 -19.72 -16.26 -12.55
CA VAL D 77 -20.92 -16.71 -13.26
C VAL D 77 -20.91 -18.24 -13.36
N ARG D 78 -19.85 -18.80 -13.92
CA ARG D 78 -19.65 -20.25 -13.94
C ARG D 78 -19.84 -20.89 -12.58
N ALA D 79 -19.21 -20.32 -11.55
CA ALA D 79 -19.25 -20.92 -10.21
C ALA D 79 -20.64 -20.90 -9.60
N LEU D 80 -21.39 -19.84 -9.89
CA LEU D 80 -22.80 -19.78 -9.50
C LEU D 80 -23.59 -20.92 -10.16
N GLY D 81 -23.40 -21.12 -11.47
CA GLY D 81 -23.99 -22.28 -12.14
C GLY D 81 -23.66 -23.60 -11.47
N ILE D 82 -22.40 -23.75 -11.04
CA ILE D 82 -21.94 -24.94 -10.35
C ILE D 82 -22.71 -25.17 -9.05
N VAL D 83 -22.87 -24.11 -8.26
CA VAL D 83 -23.60 -24.17 -7.00
C VAL D 83 -25.08 -24.57 -7.23
N LYS D 84 -25.74 -23.93 -8.19
CA LYS D 84 -27.14 -24.25 -8.56
C LYS D 84 -27.33 -25.69 -9.01
N GLN D 85 -26.42 -26.18 -9.86
CA GLN D 85 -26.44 -27.58 -10.30
C GLN D 85 -26.23 -28.53 -9.12
N ALA D 86 -25.24 -28.23 -8.29
CA ALA D 86 -24.92 -29.05 -7.14
C ALA D 86 -26.03 -29.04 -6.09
N ALA D 87 -26.62 -27.87 -5.86
CA ALA D 87 -27.69 -27.74 -4.89
C ALA D 87 -28.92 -28.53 -5.34
N ALA D 88 -29.26 -28.46 -6.63
CA ALA D 88 -30.39 -29.23 -7.17
C ALA D 88 -30.20 -30.74 -6.95
N ARG D 89 -29.02 -31.25 -7.33
CA ARG D 89 -28.66 -32.66 -7.08
C ARG D 89 -28.66 -33.02 -5.60
N ALA D 90 -28.13 -32.13 -4.76
CA ALA D 90 -28.20 -32.36 -3.32
C ALA D 90 -29.65 -32.35 -2.79
N ASN D 91 -30.47 -31.42 -3.27
CA ASN D 91 -31.89 -31.35 -2.88
C ASN D 91 -32.74 -32.56 -3.36
N ALA D 93 -31.42 -35.67 -3.93
CA ALA D 93 -30.90 -36.80 -3.14
C ALA D 93 -31.46 -36.84 -1.73
N LEU D 94 -31.87 -35.69 -1.21
CA LEU D 94 -32.50 -35.62 0.11
C LEU D 94 -34.03 -35.49 0.00
N GLY D 95 -34.55 -35.77 -1.20
CA GLY D 95 -36.00 -35.81 -1.45
C GLY D 95 -36.78 -34.54 -1.15
N ARG D 96 -36.18 -33.38 -1.40
CA ARG D 96 -36.85 -32.09 -1.20
C ARG D 96 -37.25 -31.50 -2.54
N LEU D 97 -36.64 -31.98 -3.60
CA LEU D 97 -36.88 -31.45 -4.93
C LEU D 97 -37.35 -32.54 -5.86
N ASP D 98 -38.43 -32.26 -6.60
CA ASP D 98 -38.97 -33.21 -7.57
C ASP D 98 -38.03 -33.33 -8.77
N PRO D 99 -37.60 -34.56 -9.10
CA PRO D 99 -36.70 -34.83 -10.24
C PRO D 99 -37.17 -34.23 -11.56
N ALA D 100 -38.47 -34.09 -11.78
CA ALA D 100 -38.96 -33.41 -12.98
C ALA D 100 -38.42 -31.97 -13.04
N ILE D 101 -38.51 -31.26 -11.90
CA ILE D 101 -38.01 -29.89 -11.78
C ILE D 101 -36.47 -29.92 -11.73
N GLY D 102 -35.94 -30.76 -10.85
CA GLY D 102 -34.50 -30.87 -10.63
C GLY D 102 -33.68 -31.17 -11.87
N ASP D 103 -34.18 -32.05 -12.74
CA ASP D 103 -33.42 -32.46 -13.93
C ASP D 103 -33.33 -31.33 -14.92
N ALA D 104 -34.37 -30.50 -14.97
CA ALA D 104 -34.36 -29.35 -15.87
C ALA D 104 -33.38 -28.28 -15.36
N ILE D 105 -33.34 -28.09 -14.04
CA ILE D 105 -32.41 -27.14 -13.39
C ILE D 105 -30.95 -27.51 -13.70
N VAL D 106 -30.60 -28.78 -13.49
CA VAL D 106 -29.29 -29.33 -13.82
C VAL D 106 -28.85 -28.99 -15.25
N LYS D 107 -29.72 -29.27 -16.23
CA LYS D 107 -29.42 -29.00 -17.64
C LYS D 107 -29.28 -27.50 -17.90
N ALA D 108 -30.12 -26.70 -17.24
CA ALA D 108 -30.07 -25.26 -17.41
C ALA D 108 -28.77 -24.74 -16.80
N ALA D 109 -28.47 -25.19 -15.58
CA ALA D 109 -27.23 -24.79 -14.90
C ALA D 109 -25.99 -25.18 -15.73
N GLN D 110 -26.03 -26.38 -16.32
CA GLN D 110 -24.96 -26.85 -17.21
C GLN D 110 -24.61 -25.82 -18.27
N GLU D 111 -25.64 -25.21 -18.86
CA GLU D 111 -25.41 -24.19 -19.86
C GLU D 111 -24.69 -22.96 -19.27
N VAL D 112 -25.06 -22.58 -18.04
CA VAL D 112 -24.34 -21.52 -17.30
C VAL D 112 -22.89 -21.94 -17.03
N ILE D 113 -22.71 -23.20 -16.61
CA ILE D 113 -21.38 -23.74 -16.28
C ILE D 113 -20.47 -23.71 -17.51
N ASP D 114 -21.01 -24.15 -18.65
CA ASP D 114 -20.27 -24.19 -19.91
C ASP D 114 -20.01 -22.81 -20.50
N GLY D 115 -20.57 -21.78 -19.89
CA GLY D 115 -20.38 -20.41 -20.38
C GLY D 115 -21.24 -20.04 -21.58
N LYS D 116 -22.30 -20.81 -21.81
CA LYS D 116 -23.22 -20.54 -22.93
C LYS D 116 -24.21 -19.40 -22.68
N LEU D 117 -24.37 -19.01 -21.41
CA LEU D 117 -25.38 -18.03 -21.03
C LEU D 117 -24.80 -16.75 -20.40
N ASP D 118 -23.52 -16.48 -20.68
CA ASP D 118 -22.83 -15.30 -20.16
C ASP D 118 -23.47 -13.95 -20.51
N GLU D 119 -24.10 -13.85 -21.66
CA GLU D 119 -24.79 -12.61 -22.04
C GLU D 119 -26.04 -12.31 -21.18
N HIS D 120 -26.42 -13.25 -20.32
CA HIS D 120 -27.57 -13.10 -19.44
C HIS D 120 -27.17 -12.73 -18.02
N PHE D 121 -25.96 -12.21 -17.87
CA PHE D 121 -25.46 -11.72 -16.58
C PHE D 121 -24.92 -10.31 -16.82
N PRO D 122 -25.79 -9.30 -16.70
CA PRO D 122 -25.38 -7.93 -17.03
C PRO D 122 -24.99 -7.09 -15.80
N LEU D 123 -24.89 -7.71 -14.63
CA LEU D 123 -24.68 -6.97 -13.37
C LEU D 123 -23.22 -6.66 -13.08
N VAL D 124 -23.01 -5.48 -12.48
CA VAL D 124 -21.67 -5.02 -12.15
C VAL D 124 -21.12 -5.73 -10.91
N VAL D 125 -19.80 -5.63 -10.73
CA VAL D 125 -19.16 -6.00 -9.47
C VAL D 125 -19.71 -5.11 -8.34
N TRP D 126 -19.94 -3.84 -8.66
CA TRP D 126 -20.17 -2.82 -7.64
C TRP D 126 -21.63 -2.75 -7.20
N GLN D 127 -22.10 -3.89 -6.68
CA GLN D 127 -23.47 -4.09 -6.25
C GLN D 127 -23.53 -4.32 -4.73
N THR D 128 -24.64 -4.86 -4.25
CA THR D 128 -24.77 -5.29 -2.85
C THR D 128 -23.59 -6.17 -2.40
N GLY D 129 -23.16 -5.99 -1.16
CA GLY D 129 -21.92 -6.58 -0.68
C GLY D 129 -21.91 -8.07 -0.42
N SER D 130 -23.09 -8.66 -0.37
CA SER D 130 -23.25 -10.10 -0.23
C SER D 130 -23.25 -10.79 -1.60
N GLY D 131 -23.37 -10.03 -2.69
CA GLY D 131 -23.54 -10.65 -4.00
C GLY D 131 -24.97 -11.16 -4.22
N THR D 132 -25.92 -10.69 -3.41
CA THR D 132 -27.34 -11.08 -3.52
C THR D 132 -27.89 -11.01 -4.95
N GLN D 133 -27.61 -9.90 -5.61
CA GLN D 133 -28.22 -9.64 -6.89
C GLN D 133 -27.68 -10.57 -8.00
N SER D 134 -26.41 -10.92 -7.91
CA SER D 134 -25.87 -11.92 -8.82
C SER D 134 -26.40 -13.30 -8.50
N ASN D 135 -26.56 -13.63 -7.22
CA ASN D 135 -27.19 -14.89 -6.87
C ASN D 135 -28.59 -14.97 -7.50
N ASN D 137 -29.67 -13.20 -10.02
CA ASN D 137 -29.44 -13.23 -11.46
C ASN D 137 -29.29 -14.67 -11.92
N ALA D 138 -28.54 -15.46 -11.15
CA ALA D 138 -28.36 -16.89 -11.40
C ALA D 138 -29.64 -17.69 -11.20
N ASN D 139 -30.37 -17.43 -10.11
CA ASN D 139 -31.64 -18.10 -9.90
C ASN D 139 -32.62 -17.87 -11.07
N GLU D 140 -32.74 -16.61 -11.48
CA GLU D 140 -33.65 -16.18 -12.54
C GLU D 140 -33.30 -16.71 -13.94
N VAL D 141 -31.99 -16.79 -14.23
CA VAL D 141 -31.54 -17.27 -15.52
C VAL D 141 -31.76 -18.79 -15.61
N VAL D 142 -31.37 -19.52 -14.57
CA VAL D 142 -31.52 -20.97 -14.54
C VAL D 142 -33.01 -21.38 -14.53
N SER D 143 -33.84 -20.61 -13.83
CA SER D 143 -35.29 -20.85 -13.79
C SER D 143 -35.94 -20.66 -15.17
N ASN D 144 -35.73 -19.50 -15.77
CA ASN D 144 -36.30 -19.21 -17.10
C ASN D 144 -35.81 -20.14 -18.20
N ARG D 145 -34.56 -20.59 -18.12
CA ARG D 145 -34.04 -21.51 -19.11
C ARG D 145 -34.62 -22.89 -18.91
N ALA D 146 -34.68 -23.33 -17.66
CA ALA D 146 -35.26 -24.62 -17.33
C ALA D 146 -36.76 -24.62 -17.71
N ILE D 147 -37.46 -23.51 -17.46
CA ILE D 147 -38.86 -23.34 -17.89
C ILE D 147 -38.98 -23.51 -19.41
N GLU D 148 -38.20 -22.73 -20.15
CA GLU D 148 -38.14 -22.86 -21.60
C GLU D 148 -37.78 -24.28 -22.05
N LEU D 149 -36.97 -24.98 -21.26
CA LEU D 149 -36.64 -26.39 -21.55
C LEU D 149 -37.81 -27.33 -21.30
N LEU D 150 -38.69 -26.97 -20.38
CA LEU D 150 -39.87 -27.78 -20.10
C LEU D 150 -41.13 -27.29 -20.86
N GLY D 151 -40.93 -26.41 -21.85
CA GLY D 151 -42.04 -25.88 -22.64
C GLY D 151 -43.02 -24.95 -21.93
N GLY D 152 -42.63 -24.45 -20.75
CA GLY D 152 -43.46 -23.53 -19.98
C GLY D 152 -43.33 -22.08 -20.45
N VAL D 153 -43.88 -21.17 -19.68
CA VAL D 153 -43.87 -19.72 -20.00
C VAL D 153 -42.83 -18.96 -19.16
N GLY D 155 -40.97 -16.14 -17.24
CA GLY D 155 -41.48 -15.02 -16.45
C GLY D 155 -42.57 -15.44 -15.49
N SER D 156 -43.02 -16.68 -15.58
CA SER D 156 -44.19 -17.15 -14.84
C SER D 156 -43.80 -17.88 -13.56
N LYS D 157 -42.50 -18.22 -13.47
CA LYS D 157 -41.97 -18.96 -12.31
C LYS D 157 -42.54 -20.37 -12.18
N LYS D 158 -43.05 -20.89 -13.30
CA LYS D 158 -43.64 -22.22 -13.34
C LYS D 158 -43.19 -23.01 -14.58
N PRO D 159 -42.90 -24.30 -14.41
CA PRO D 159 -42.90 -25.03 -13.14
C PRO D 159 -41.62 -24.84 -12.30
N VAL D 160 -40.69 -23.99 -12.77
CA VAL D 160 -39.43 -23.77 -12.04
C VAL D 160 -39.35 -22.37 -11.41
N HIS D 161 -39.51 -22.32 -10.10
CA HIS D 161 -39.46 -21.08 -9.34
C HIS D 161 -38.01 -20.71 -8.98
N PRO D 162 -37.59 -19.48 -9.33
CA PRO D 162 -36.21 -19.01 -9.03
C PRO D 162 -35.86 -19.09 -7.54
N ASN D 163 -36.81 -18.75 -6.68
CA ASN D 163 -36.60 -18.82 -5.23
C ASN D 163 -36.85 -20.19 -4.67
N ASP D 164 -38.06 -20.71 -4.86
CA ASP D 164 -38.48 -21.94 -4.20
C ASP D 164 -37.76 -23.18 -4.69
N HIS D 165 -37.34 -23.18 -5.95
CA HIS D 165 -36.62 -24.34 -6.49
C HIS D 165 -35.11 -24.09 -6.70
N VAL D 166 -34.76 -23.12 -7.54
CA VAL D 166 -33.35 -22.91 -7.87
C VAL D 166 -32.53 -22.46 -6.65
N ASN D 167 -33.15 -21.65 -5.80
CA ASN D 167 -32.50 -21.16 -4.59
C ASN D 167 -32.80 -22.02 -3.35
N SER D 169 -32.92 -24.34 -0.21
CA SER D 169 -31.95 -24.73 0.84
C SER D 169 -30.75 -23.79 0.97
N GLN D 170 -30.75 -22.72 0.20
CA GLN D 170 -29.61 -21.82 0.20
C GLN D 170 -30.01 -20.37 0.47
N SER D 171 -29.00 -19.56 0.77
CA SER D 171 -29.12 -18.11 0.91
C SER D 171 -28.07 -17.46 -0.02
N SER D 172 -28.23 -16.18 -0.31
CA SER D 172 -27.19 -15.43 -1.00
C SER D 172 -25.94 -15.38 -0.14
N ASN D 173 -26.17 -15.30 1.17
CA ASN D 173 -25.09 -15.18 2.13
C ASN D 173 -24.18 -16.38 2.15
N ASP D 174 -24.68 -17.57 1.79
CA ASP D 174 -23.79 -18.71 1.69
C ASP D 174 -23.42 -19.15 0.28
N THR D 175 -24.24 -18.79 -0.71
CA THR D 175 -24.00 -19.17 -2.11
C THR D 175 -22.93 -18.30 -2.82
N TYR D 176 -23.00 -17.00 -2.61
CA TYR D 176 -22.03 -16.12 -3.26
C TYR D 176 -20.58 -16.36 -2.77
N PRO D 177 -20.35 -16.39 -1.45
CA PRO D 177 -19.04 -16.80 -0.91
C PRO D 177 -18.56 -18.19 -1.35
N THR D 178 -19.49 -19.13 -1.47
CA THR D 178 -19.19 -20.45 -2.03
C THR D 178 -18.70 -20.33 -3.48
N ALA D 179 -19.44 -19.57 -4.30
CA ALA D 179 -19.06 -19.34 -5.69
C ALA D 179 -17.72 -18.61 -5.82
N HIS D 181 -15.15 -18.82 -3.73
CA HIS D 181 -14.12 -19.80 -3.43
C HIS D 181 -13.94 -20.81 -4.53
N ILE D 182 -15.04 -21.26 -5.14
CA ILE D 182 -14.92 -22.17 -6.28
C ILE D 182 -14.16 -21.47 -7.41
N ALA D 183 -14.61 -20.27 -7.76
CA ALA D 183 -14.00 -19.51 -8.86
C ALA D 183 -12.50 -19.29 -8.61
N CYS D 184 -12.17 -18.78 -7.41
CA CYS D 184 -10.77 -18.49 -7.07
C CYS D 184 -9.93 -19.77 -7.11
N ALA D 185 -10.43 -20.86 -6.53
CA ALA D 185 -9.69 -22.10 -6.54
C ALA D 185 -9.55 -22.68 -7.96
N GLU D 186 -10.61 -22.64 -8.76
CA GLU D 186 -10.53 -23.13 -10.14
C GLU D 186 -9.49 -22.38 -10.98
N ARG D 187 -9.49 -21.06 -10.88
CA ARG D 187 -8.57 -20.27 -11.68
C ARG D 187 -7.11 -20.43 -11.22
N VAL D 188 -6.88 -20.54 -9.91
CA VAL D 188 -5.54 -20.79 -9.42
C VAL D 188 -5.03 -22.14 -9.92
N ILE D 189 -5.85 -23.17 -9.76
CA ILE D 189 -5.48 -24.54 -10.19
C ILE D 189 -5.33 -24.66 -11.73
N HIS D 190 -6.26 -24.11 -12.49
CA HIS D 190 -6.23 -24.34 -13.96
C HIS D 190 -5.45 -23.30 -14.74
N ASP D 191 -5.28 -22.12 -14.18
CA ASP D 191 -4.61 -21.06 -14.92
C ASP D 191 -3.25 -20.72 -14.31
N LEU D 192 -3.24 -20.27 -13.05
CA LEU D 192 -2.03 -19.71 -12.48
C LEU D 192 -0.92 -20.73 -12.25
N LEU D 193 -1.24 -21.85 -11.61
CA LEU D 193 -0.22 -22.85 -11.30
C LEU D 193 0.44 -23.45 -12.57
N PRO D 194 -0.37 -23.85 -13.60
CA PRO D 194 0.24 -24.30 -14.86
C PRO D 194 1.10 -23.23 -15.54
N ALA D 195 0.66 -21.97 -15.48
CA ALA D 195 1.43 -20.85 -16.03
C ALA D 195 2.76 -20.69 -15.30
N LEU D 196 2.74 -20.86 -13.97
CA LEU D 196 3.96 -20.81 -13.19
C LEU D 196 4.87 -22.00 -13.44
N LYS D 197 4.32 -23.20 -13.59
CA LYS D 197 5.15 -24.37 -13.91
C LYS D 197 5.81 -24.23 -15.27
N HIS D 198 5.06 -23.69 -16.23
CA HIS D 198 5.56 -23.37 -17.58
C HIS D 198 6.78 -22.40 -17.53
N LEU D 199 6.65 -21.33 -16.75
CA LEU D 199 7.76 -20.40 -16.59
C LEU D 199 8.97 -21.04 -15.91
N HIS D 200 8.72 -21.86 -14.88
CA HIS D 200 9.79 -22.52 -14.14
C HIS D 200 10.60 -23.44 -15.06
N LYS D 201 9.89 -24.28 -15.83
CA LYS D 201 10.50 -25.14 -16.84
C LYS D 201 11.37 -24.33 -17.81
N ALA D 202 10.86 -23.20 -18.29
CA ALA D 202 11.64 -22.36 -19.22
C ALA D 202 12.87 -21.76 -18.54
N LEU D 203 12.73 -21.36 -17.28
CA LEU D 203 13.88 -20.87 -16.51
C LEU D 203 14.93 -21.95 -16.30
N GLU D 204 14.51 -23.17 -16.01
CA GLU D 204 15.44 -24.30 -15.79
C GLU D 204 16.25 -24.65 -17.04
N GLU D 205 15.67 -24.45 -18.22
CA GLU D 205 16.39 -24.65 -19.48
C GLU D 205 17.48 -23.61 -19.67
N LYS D 206 17.21 -22.37 -19.27
CA LYS D 206 18.23 -21.31 -19.32
C LYS D 206 19.35 -21.57 -18.30
N VAL D 207 19.00 -22.11 -17.13
CA VAL D 207 20.02 -22.52 -16.14
C VAL D 207 21.05 -23.48 -16.79
N LYS D 208 20.55 -24.51 -17.48
CA LYS D 208 21.39 -25.49 -18.16
C LYS D 208 22.20 -24.85 -19.28
N ALA D 209 21.54 -24.03 -20.09
CA ALA D 209 22.19 -23.39 -21.22
C ALA D 209 23.28 -22.40 -20.81
N PHE D 210 23.10 -21.74 -19.65
CA PHE D 210 24.00 -20.65 -19.21
C PHE D 210 25.00 -21.05 -18.13
N ASP D 211 24.95 -22.29 -17.69
CA ASP D 211 25.85 -22.80 -16.64
C ASP D 211 27.34 -22.61 -16.91
N HIS D 212 27.73 -22.52 -18.17
CA HIS D 212 29.15 -22.40 -18.52
C HIS D 212 29.61 -20.94 -18.57
N ILE D 213 28.67 -20.00 -18.49
CA ILE D 213 28.97 -18.58 -18.75
C ILE D 213 29.24 -17.88 -17.43
N ILE D 214 30.50 -17.52 -17.21
CA ILE D 214 30.90 -16.86 -15.98
C ILE D 214 30.79 -15.36 -16.17
N LYS D 215 30.13 -14.69 -15.22
CA LYS D 215 29.90 -13.25 -15.29
C LYS D 215 30.24 -12.57 -13.95
N ILE D 216 30.27 -11.25 -13.96
CA ILE D 216 30.53 -10.49 -12.74
C ILE D 216 29.23 -10.32 -11.94
N GLY D 217 29.26 -10.68 -10.67
CA GLY D 217 28.12 -10.43 -9.78
C GLY D 217 27.97 -8.95 -9.48
N ARG D 218 26.76 -8.56 -9.04
CA ARG D 218 26.50 -7.19 -8.66
C ARG D 218 25.78 -7.16 -7.33
N THR D 219 26.38 -6.45 -6.37
CA THR D 219 25.80 -6.24 -5.04
C THR D 219 25.79 -4.75 -4.78
N HIS D 220 24.66 -4.22 -4.34
CA HIS D 220 24.44 -2.75 -4.23
C HIS D 220 24.56 -2.06 -5.60
N THR D 221 24.43 -2.86 -6.67
CA THR D 221 24.70 -2.48 -8.07
C THR D 221 26.20 -2.32 -8.37
N GLN D 222 27.05 -2.57 -7.39
CA GLN D 222 28.50 -2.49 -7.57
C GLN D 222 29.06 -3.82 -8.07
N ASP D 223 30.14 -3.74 -8.84
CA ASP D 223 30.88 -4.94 -9.26
C ASP D 223 31.22 -5.77 -8.03
N ALA D 224 31.02 -7.08 -8.11
CA ALA D 224 31.30 -7.98 -7.01
C ALA D 224 32.02 -9.22 -7.53
N THR D 225 32.06 -10.30 -6.77
CA THR D 225 32.76 -11.50 -7.21
C THR D 225 31.95 -12.28 -8.27
N PRO D 226 32.61 -13.21 -8.99
CA PRO D 226 31.95 -13.92 -10.07
C PRO D 226 30.88 -14.92 -9.66
N LEU D 227 29.97 -15.17 -10.57
CA LEU D 227 29.04 -16.29 -10.50
C LEU D 227 28.70 -16.61 -11.96
N THR D 228 28.12 -17.77 -12.23
CA THR D 228 27.68 -18.01 -13.61
C THR D 228 26.28 -17.45 -13.86
N LEU D 229 25.99 -17.18 -15.12
CA LEU D 229 24.67 -16.78 -15.52
C LEU D 229 23.66 -17.89 -15.19
N GLY D 230 24.11 -19.15 -15.25
CA GLY D 230 23.30 -20.29 -14.83
C GLY D 230 22.88 -20.23 -13.36
N GLN D 231 23.85 -19.97 -12.48
CA GLN D 231 23.59 -19.78 -11.05
C GLN D 231 22.62 -18.62 -10.81
N GLU D 232 22.81 -17.50 -11.50
CA GLU D 232 21.89 -16.37 -11.35
C GLU D 232 20.47 -16.78 -11.73
N PHE D 233 20.35 -17.46 -12.87
CA PHE D 233 19.06 -17.96 -13.34
C PHE D 233 18.44 -19.04 -12.46
N SER D 234 19.27 -19.82 -11.75
CA SER D 234 18.79 -20.80 -10.76
C SER D 234 18.12 -20.14 -9.57
N GLY D 235 18.53 -18.91 -9.26
CA GLY D 235 17.83 -18.12 -8.22
C GLY D 235 16.41 -17.80 -8.70
N TYR D 236 16.30 -17.31 -9.93
CA TYR D 236 14.98 -17.04 -10.53
C TYR D 236 14.11 -18.30 -10.57
N ALA D 237 14.69 -19.41 -11.02
CA ALA D 237 13.94 -20.67 -11.10
C ALA D 237 13.49 -21.08 -9.70
N ALA D 238 14.38 -20.97 -8.72
CA ALA D 238 13.99 -21.33 -7.35
C ALA D 238 12.90 -20.43 -6.76
N GLN D 239 12.93 -19.14 -7.09
CA GLN D 239 11.86 -18.22 -6.63
C GLN D 239 10.49 -18.62 -7.18
N VAL D 240 10.46 -19.04 -8.44
CA VAL D 240 9.20 -19.46 -9.05
C VAL D 240 8.69 -20.77 -8.43
N ALA D 241 9.59 -21.75 -8.27
CA ALA D 241 9.25 -23.02 -7.63
C ALA D 241 8.75 -22.81 -6.21
N SER D 242 9.43 -21.95 -5.45
CA SER D 242 9.00 -21.63 -4.09
C SER D 242 7.62 -20.98 -4.08
N SER D 243 7.33 -20.14 -5.07
CA SER D 243 6.04 -19.44 -5.21
C SER D 243 4.93 -20.43 -5.47
N ILE D 244 5.23 -21.41 -6.31
CA ILE D 244 4.29 -22.44 -6.64
C ILE D 244 3.90 -23.16 -5.37
N LYS D 245 4.90 -23.49 -4.55
CA LYS D 245 4.66 -24.22 -3.29
C LYS D 245 3.83 -23.40 -2.31
N ARG D 246 4.08 -22.10 -2.26
CA ARG D 246 3.36 -21.22 -1.31
C ARG D 246 1.90 -21.17 -1.71
N ILE D 247 1.65 -21.04 -3.01
CA ILE D 247 0.28 -20.99 -3.51
C ILE D 247 -0.47 -22.29 -3.16
N GLU D 248 0.14 -23.44 -3.48
CA GLU D 248 -0.46 -24.76 -3.28
C GLU D 248 -0.88 -24.99 -1.82
N THR D 250 -1.91 -22.93 0.30
CA THR D 250 -3.07 -22.12 0.71
C THR D 250 -4.40 -22.66 0.18
N LEU D 251 -4.33 -23.57 -0.79
CA LEU D 251 -5.52 -24.09 -1.48
C LEU D 251 -6.50 -24.87 -0.59
N PRO D 252 -5.98 -25.70 0.35
CA PRO D 252 -6.94 -26.36 1.24
C PRO D 252 -7.91 -25.40 1.95
N GLY D 253 -7.38 -24.27 2.42
CA GLY D 253 -8.19 -23.22 3.03
C GLY D 253 -9.23 -22.66 2.08
N LEU D 254 -8.84 -22.41 0.82
CA LEU D 254 -9.76 -21.92 -0.21
C LEU D 254 -10.85 -22.93 -0.53
N CYS D 255 -10.54 -24.21 -0.39
CA CYS D 255 -11.48 -25.24 -0.78
C CYS D 255 -12.52 -25.61 0.30
N GLU D 256 -12.54 -24.85 1.41
CA GLU D 256 -13.56 -25.00 2.44
C GLU D 256 -14.70 -24.05 2.12
N LEU D 257 -15.90 -24.60 1.98
CA LEU D 257 -17.01 -23.83 1.44
C LEU D 257 -18.03 -23.42 2.49
N ALA D 258 -18.61 -22.24 2.29
CA ALA D 258 -19.64 -21.74 3.20
C ALA D 258 -21.02 -22.40 3.01
N GLN D 259 -21.27 -22.98 1.84
CA GLN D 259 -22.59 -23.55 1.50
C GLN D 259 -23.21 -24.42 2.62
N GLY D 260 -24.41 -24.07 3.05
CA GLY D 260 -25.04 -24.80 4.15
C GLY D 260 -25.17 -23.98 5.42
N GLY D 261 -24.39 -22.90 5.52
CA GLY D 261 -24.51 -22.00 6.66
C GLY D 261 -25.79 -21.19 6.61
N THR D 262 -26.41 -21.14 5.42
CA THR D 262 -27.56 -20.25 5.12
C THR D 262 -27.39 -18.82 5.62
N ALA D 263 -28.45 -18.23 6.17
CA ALA D 263 -28.52 -16.76 6.34
C ALA D 263 -27.48 -16.16 7.30
N VAL D 264 -27.32 -16.76 8.48
CA VAL D 264 -26.43 -16.21 9.51
C VAL D 264 -25.37 -17.20 9.96
N GLY D 265 -25.43 -18.43 9.45
CA GLY D 265 -24.41 -19.42 9.76
C GLY D 265 -24.90 -20.65 10.50
N THR D 266 -26.14 -20.61 10.99
CA THR D 266 -26.71 -21.71 11.79
C THR D 266 -27.16 -22.91 10.95
N GLY D 267 -27.39 -22.71 9.66
CA GLY D 267 -27.84 -23.80 8.78
C GLY D 267 -29.36 -23.89 8.68
N LEU D 268 -30.04 -22.90 9.28
CA LEU D 268 -31.51 -22.83 9.29
C LEU D 268 -32.09 -22.79 7.88
N ASN D 269 -33.16 -23.56 7.68
CA ASN D 269 -33.87 -23.70 6.42
C ASN D 269 -33.12 -24.49 5.35
N ALA D 270 -32.12 -25.23 5.76
CA ALA D 270 -31.45 -26.19 4.89
C ALA D 270 -31.58 -27.57 5.52
N PRO D 271 -31.91 -28.60 4.72
CA PRO D 271 -32.04 -29.95 5.25
C PRO D 271 -30.76 -30.43 5.96
N VAL D 272 -30.95 -31.27 6.97
CA VAL D 272 -29.87 -31.95 7.68
C VAL D 272 -29.03 -32.74 6.66
N GLY D 273 -27.72 -32.50 6.66
CA GLY D 273 -26.85 -33.21 5.73
C GLY D 273 -26.63 -32.51 4.39
N PHE D 274 -27.30 -31.36 4.19
CA PHE D 274 -27.19 -30.61 2.93
C PHE D 274 -25.79 -30.02 2.71
N ALA D 275 -25.21 -29.50 3.79
CA ALA D 275 -23.87 -28.88 3.77
C ALA D 275 -22.83 -29.85 3.23
N GLU D 276 -22.77 -31.04 3.83
CA GLU D 276 -21.85 -32.11 3.41
C GLU D 276 -22.12 -32.56 1.98
N LYS D 277 -23.39 -32.82 1.66
CA LYS D 277 -23.81 -33.31 0.35
C LYS D 277 -23.52 -32.35 -0.79
N VAL D 278 -23.88 -31.08 -0.62
CA VAL D 278 -23.69 -30.12 -1.71
C VAL D 278 -22.18 -29.90 -2.02
N ALA D 279 -21.35 -29.88 -0.98
CA ALA D 279 -19.89 -29.85 -1.14
C ALA D 279 -19.38 -31.06 -1.93
N GLU D 280 -19.87 -32.26 -1.60
CA GLU D 280 -19.60 -33.48 -2.38
C GLU D 280 -20.01 -33.31 -3.85
N GLU D 281 -21.19 -32.75 -4.08
CA GLU D 281 -21.66 -32.53 -5.45
C GLU D 281 -20.75 -31.55 -6.19
N ILE D 282 -20.34 -30.48 -5.51
CA ILE D 282 -19.45 -29.47 -6.09
C ILE D 282 -18.06 -30.06 -6.45
N ALA D 283 -17.52 -30.86 -5.54
CA ALA D 283 -16.28 -31.62 -5.78
C ALA D 283 -16.40 -32.53 -7.01
N ALA D 284 -17.53 -33.23 -7.14
CA ALA D 284 -17.77 -34.09 -8.31
C ALA D 284 -17.79 -33.29 -9.60
N ILE D 285 -18.42 -32.12 -9.57
CA ILE D 285 -18.53 -31.29 -10.78
C ILE D 285 -17.20 -30.69 -11.23
N THR D 286 -16.40 -30.20 -10.29
CA THR D 286 -15.18 -29.44 -10.60
C THR D 286 -13.94 -30.33 -10.71
N GLY D 287 -13.98 -31.51 -10.10
CA GLY D 287 -12.80 -32.39 -10.06
C GLY D 287 -11.79 -31.94 -9.03
N ILE D 288 -12.22 -31.05 -8.13
CA ILE D 288 -11.34 -30.48 -7.13
C ILE D 288 -11.87 -30.86 -5.75
N GLY D 289 -10.99 -31.15 -4.80
CA GLY D 289 -11.40 -31.58 -3.47
C GLY D 289 -11.99 -30.55 -2.51
N PHE D 290 -13.07 -29.87 -2.93
CA PHE D 290 -13.77 -28.92 -2.05
C PHE D 290 -14.41 -29.62 -0.87
N THR D 291 -14.44 -28.92 0.27
CA THR D 291 -15.08 -29.47 1.47
C THR D 291 -16.05 -28.44 2.06
N SER D 292 -16.85 -28.88 3.01
CA SER D 292 -17.72 -27.98 3.73
C SER D 292 -16.95 -27.38 4.91
N ALA D 293 -16.97 -26.06 5.05
CA ALA D 293 -16.20 -25.38 6.11
C ALA D 293 -16.66 -25.86 7.50
N PRO D 294 -15.68 -26.19 8.39
CA PRO D 294 -16.04 -26.74 9.69
C PRO D 294 -16.74 -25.75 10.61
N ASN D 295 -16.59 -24.45 10.36
CA ASN D 295 -17.33 -23.43 11.11
C ASN D 295 -17.99 -22.41 10.16
N LYS D 296 -19.30 -22.47 10.06
CA LYS D 296 -20.00 -21.66 9.08
C LYS D 296 -20.04 -20.18 9.44
N PHE D 297 -19.97 -19.89 10.74
CA PHE D 297 -19.90 -18.52 11.21
C PHE D 297 -18.62 -17.81 10.72
N GLU D 298 -17.49 -18.51 10.84
CA GLU D 298 -16.21 -18.05 10.30
C GLU D 298 -16.26 -17.89 8.77
N ALA D 299 -16.96 -18.80 8.10
CA ALA D 299 -17.05 -18.81 6.64
C ALA D 299 -17.92 -17.70 6.04
N LEU D 300 -18.83 -17.14 6.82
CA LEU D 300 -19.72 -16.08 6.33
C LEU D 300 -19.26 -14.70 6.80
N ALA D 301 -18.76 -14.63 8.03
CA ALA D 301 -18.44 -13.37 8.68
C ALA D 301 -17.07 -12.82 8.25
N ALA D 302 -16.25 -13.68 7.64
CA ALA D 302 -14.88 -13.33 7.27
C ALA D 302 -14.45 -14.19 6.09
N HIS D 303 -13.46 -13.72 5.36
CA HIS D 303 -12.92 -14.47 4.23
C HIS D 303 -11.39 -14.49 4.32
N ASP D 304 -10.94 -14.82 5.53
CA ASP D 304 -9.53 -14.81 5.89
C ASP D 304 -8.70 -15.71 5.00
N SER D 305 -9.26 -16.84 4.60
CA SER D 305 -8.53 -17.78 3.74
C SER D 305 -8.25 -17.20 2.34
N VAL D 307 -7.65 -13.90 2.00
CA VAL D 307 -6.56 -12.96 2.33
C VAL D 307 -5.22 -13.72 2.37
N PHE D 308 -5.24 -14.90 2.97
CA PHE D 308 -4.03 -15.72 3.07
C PHE D 308 -3.61 -16.21 1.69
N SER D 309 -4.55 -16.74 0.90
CA SER D 309 -4.20 -17.24 -0.45
C SER D 309 -3.67 -16.12 -1.30
N HIS D 310 -4.33 -14.97 -1.23
CA HIS D 310 -3.87 -13.82 -1.99
C HIS D 310 -2.51 -13.32 -1.51
N GLY D 311 -2.20 -13.57 -0.24
CA GLY D 311 -0.85 -13.36 0.28
C GLY D 311 0.22 -14.19 -0.44
N ALA D 312 -0.13 -15.40 -0.87
CA ALA D 312 0.79 -16.22 -1.68
C ALA D 312 0.98 -15.62 -3.07
N ILE D 313 -0.10 -15.12 -3.62
CA ILE D 313 -0.11 -14.48 -4.94
C ILE D 313 0.66 -13.14 -4.92
N ASN D 314 0.46 -12.38 -3.85
CA ASN D 314 1.21 -11.15 -3.54
C ASN D 314 2.72 -11.43 -3.50
N ALA D 315 3.10 -12.50 -2.80
CA ALA D 315 4.49 -12.91 -2.69
C ALA D 315 5.03 -13.38 -4.05
N THR D 316 4.19 -14.03 -4.83
CA THR D 316 4.56 -14.44 -6.20
C THR D 316 4.82 -13.25 -7.10
N ALA D 317 3.95 -12.23 -7.03
CA ALA D 317 4.12 -11.00 -7.79
C ALA D 317 5.41 -10.25 -7.45
N ALA D 318 5.78 -10.23 -6.16
CA ALA D 318 7.07 -9.65 -5.73
C ALA D 318 8.23 -10.44 -6.35
N ALA D 319 8.12 -11.77 -6.37
CA ALA D 319 9.18 -12.61 -6.95
C ALA D 319 9.32 -12.37 -8.46
N LEU D 320 8.19 -12.51 -9.19
CA LEU D 320 8.14 -12.20 -10.63
C LEU D 320 8.58 -10.80 -10.95
N PHE D 321 8.21 -9.82 -10.12
CA PHE D 321 8.65 -8.44 -10.35
C PHE D 321 10.19 -8.33 -10.39
N LYS D 322 10.85 -8.93 -9.41
CA LYS D 322 12.31 -8.88 -9.32
C LYS D 322 12.95 -9.58 -10.53
N ILE D 323 12.46 -10.77 -10.86
CA ILE D 323 12.97 -11.50 -12.02
C ILE D 323 12.88 -10.65 -13.31
N ALA D 324 11.70 -10.12 -13.61
CA ALA D 324 11.48 -9.33 -14.83
C ALA D 324 12.34 -8.07 -14.84
N ASN D 325 12.43 -7.42 -13.69
CA ASN D 325 13.24 -6.22 -13.53
C ASN D 325 14.75 -6.47 -13.72
N ASP D 326 15.28 -7.55 -13.14
CA ASP D 326 16.65 -7.98 -13.42
C ASP D 326 16.91 -8.21 -14.92
N ILE D 327 15.98 -8.90 -15.56
CA ILE D 327 16.16 -9.26 -16.97
C ILE D 327 16.13 -8.00 -17.86
N ARG D 328 15.18 -7.11 -17.58
CA ARG D 328 15.14 -5.76 -18.14
C ARG D 328 16.53 -5.06 -18.10
N PHE D 329 17.12 -4.97 -16.92
CA PHE D 329 18.46 -4.36 -16.77
C PHE D 329 19.61 -5.17 -17.37
N LEU D 330 19.51 -6.50 -17.33
CA LEU D 330 20.56 -7.33 -17.90
C LEU D 330 20.55 -7.29 -19.42
N GLY D 331 19.38 -7.06 -19.99
CA GLY D 331 19.23 -6.89 -21.42
C GLY D 331 19.45 -5.46 -21.92
N SER D 332 19.79 -4.54 -21.02
CA SER D 332 19.97 -3.14 -21.40
C SER D 332 21.22 -2.89 -22.25
N GLY D 333 21.14 -1.85 -23.08
CA GLY D 333 22.18 -1.55 -24.06
C GLY D 333 21.53 -0.94 -25.30
N PRO D 334 22.08 -1.24 -26.51
CA PRO D 334 23.13 -2.24 -26.75
C PRO D 334 24.54 -1.84 -26.26
N ARG D 335 24.81 -0.55 -26.10
CA ARG D 335 26.18 -0.10 -25.78
C ARG D 335 26.42 0.65 -24.46
N SER D 336 25.41 1.35 -23.95
CA SER D 336 25.54 2.13 -22.70
C SER D 336 24.79 1.47 -21.52
N GLY D 337 24.51 0.18 -21.63
CA GLY D 337 23.84 -0.54 -20.57
C GLY D 337 24.71 -1.61 -19.95
N LEU D 338 24.08 -2.65 -19.41
CA LEU D 338 24.78 -3.78 -18.83
C LEU D 338 25.23 -4.80 -19.90
N GLY D 339 24.42 -4.95 -20.93
CA GLY D 339 24.82 -5.64 -22.15
C GLY D 339 25.10 -7.11 -21.98
N GLU D 340 24.41 -7.75 -21.04
CA GLU D 340 24.65 -9.16 -20.79
C GLU D 340 23.71 -10.08 -21.57
N LEU D 341 22.47 -9.62 -21.77
CA LEU D 341 21.45 -10.42 -22.43
C LEU D 341 20.97 -9.77 -23.73
N SER D 342 20.65 -10.64 -24.69
CA SER D 342 19.96 -10.24 -25.89
C SER D 342 18.53 -10.76 -25.75
N LEU D 343 17.55 -9.85 -25.67
CA LEU D 343 16.14 -10.24 -25.54
C LEU D 343 15.46 -10.25 -26.91
N PRO D 344 14.51 -11.18 -27.14
CA PRO D 344 13.83 -11.23 -28.44
C PRO D 344 13.09 -9.93 -28.72
N GLU D 345 13.24 -9.39 -29.93
CA GLU D 345 12.46 -8.21 -30.28
C GLU D 345 11.16 -8.63 -30.94
N ASN D 346 10.07 -8.31 -30.26
CA ASN D 346 8.73 -8.70 -30.69
C ASN D 346 8.03 -7.59 -31.45
N GLU D 347 8.50 -6.35 -31.27
CA GLU D 347 7.94 -5.20 -31.99
C GLU D 347 8.96 -4.59 -32.94
N PRO D 348 8.49 -4.15 -34.12
CA PRO D 348 9.30 -3.57 -35.19
C PRO D 348 10.22 -2.44 -34.73
N GLY D 349 11.47 -2.49 -35.15
CA GLY D 349 12.40 -1.39 -34.94
C GLY D 349 12.67 -0.66 -36.25
N SER D 350 13.62 0.26 -36.23
CA SER D 350 14.10 0.90 -37.46
C SER D 350 15.34 0.16 -37.93
N SER D 351 15.60 0.22 -39.23
CA SER D 351 16.86 -0.28 -39.79
C SER D 351 18.06 0.50 -39.23
N ILE D 352 17.88 1.80 -38.99
CA ILE D 352 18.93 2.68 -38.41
C ILE D 352 19.17 2.48 -36.91
N PRO D 354 19.79 -0.78 -35.21
CA PRO D 354 19.95 -2.23 -35.09
C PRO D 354 20.19 -2.69 -33.65
N GLY D 355 20.58 -1.77 -32.78
CA GLY D 355 20.78 -2.11 -31.38
C GLY D 355 19.51 -2.27 -30.54
N LYS D 356 18.65 -1.25 -30.61
CA LYS D 356 17.54 -1.04 -29.66
C LYS D 356 16.53 -2.19 -29.66
N VAL D 357 16.42 -2.85 -28.51
CA VAL D 357 15.31 -3.77 -28.22
C VAL D 357 14.70 -3.38 -26.87
N ASN D 358 13.52 -2.77 -26.90
CA ASN D 358 12.78 -2.48 -25.66
C ASN D 358 12.26 -3.73 -24.97
N PRO D 359 12.54 -3.86 -23.65
CA PRO D 359 12.10 -5.01 -22.86
C PRO D 359 10.59 -4.95 -22.53
N THR D 360 9.77 -5.10 -23.56
CA THR D 360 8.35 -4.81 -23.45
C THR D 360 7.57 -5.87 -22.67
N GLN D 361 8.00 -7.12 -22.75
CA GLN D 361 7.38 -8.19 -21.96
C GLN D 361 7.71 -8.01 -20.47
N CYS D 362 8.93 -7.55 -20.18
CA CYS D 362 9.34 -7.17 -18.84
C CYS D 362 8.42 -6.08 -18.29
N GLU D 363 8.13 -5.07 -19.11
CA GLU D 363 7.27 -3.95 -18.73
C GLU D 363 5.82 -4.34 -18.49
N ALA D 364 5.29 -5.24 -19.33
CA ALA D 364 3.93 -5.74 -19.12
C ALA D 364 3.83 -6.49 -17.78
N LEU D 365 4.81 -7.37 -17.53
CA LEU D 365 4.83 -8.17 -16.29
C LEU D 365 5.01 -7.33 -15.03
N THR D 366 5.97 -6.40 -15.05
CA THR D 366 6.21 -5.56 -13.86
C THR D 366 4.98 -4.69 -13.55
N GLN D 367 4.32 -4.20 -14.58
CA GLN D 367 3.06 -3.47 -14.43
C GLN D 367 1.98 -4.32 -13.77
N VAL D 368 1.86 -5.57 -14.23
CA VAL D 368 0.91 -6.52 -13.67
C VAL D 368 1.22 -6.80 -12.19
N CYS D 369 2.50 -6.99 -11.88
CA CYS D 369 2.89 -7.30 -10.51
C CYS D 369 2.47 -6.18 -9.57
N VAL D 370 2.71 -4.93 -9.99
CA VAL D 370 2.34 -3.73 -9.18
C VAL D 370 0.82 -3.61 -9.01
N GLN D 371 0.06 -3.95 -10.06
CA GLN D 371 -1.39 -4.05 -9.95
C GLN D 371 -1.80 -5.05 -8.84
N VAL D 372 -1.14 -6.20 -8.79
CA VAL D 372 -1.39 -7.20 -7.74
C VAL D 372 -1.11 -6.63 -6.32
N PHE D 373 -0.06 -5.83 -6.17
CA PHE D 373 0.21 -5.22 -4.86
C PHE D 373 -0.96 -4.34 -4.40
N GLY D 374 -1.53 -3.55 -5.32
CA GLY D 374 -2.72 -2.75 -5.04
C GLY D 374 -3.93 -3.60 -4.68
N ASN D 375 -4.18 -4.66 -5.46
CA ASN D 375 -5.30 -5.57 -5.22
C ASN D 375 -5.21 -6.19 -3.84
N HIS D 376 -3.99 -6.49 -3.41
CA HIS D 376 -3.78 -7.15 -2.13
C HIS D 376 -4.14 -6.21 -0.98
N ALA D 377 -3.78 -4.94 -1.11
CA ALA D 377 -4.14 -3.96 -0.11
C ALA D 377 -5.68 -3.83 0.02
N ALA D 378 -6.37 -3.73 -1.11
CA ALA D 378 -7.84 -3.62 -1.11
C ALA D 378 -8.50 -4.85 -0.52
N LEU D 379 -8.05 -6.01 -0.97
CA LEU D 379 -8.60 -7.27 -0.52
C LEU D 379 -8.42 -7.48 0.99
N THR D 380 -7.24 -7.12 1.50
CA THR D 380 -6.93 -7.22 2.92
C THR D 380 -7.87 -6.32 3.76
N PHE D 381 -7.98 -5.06 3.34
CA PHE D 381 -8.81 -4.08 4.01
C PHE D 381 -10.28 -4.55 4.02
N ALA D 382 -10.75 -5.02 2.87
CA ALA D 382 -12.09 -5.57 2.73
C ALA D 382 -12.28 -6.72 3.66
N GLY D 383 -11.26 -7.59 3.74
CA GLY D 383 -11.23 -8.73 4.65
C GLY D 383 -11.37 -8.35 6.13
N SER D 384 -10.93 -7.15 6.48
CA SER D 384 -11.06 -6.69 7.87
C SER D 384 -12.46 -6.11 8.16
N GLN D 385 -13.25 -5.89 7.13
CA GLN D 385 -14.45 -5.06 7.30
C GLN D 385 -15.77 -5.81 7.47
N GLY D 386 -15.71 -7.08 7.84
CA GLY D 386 -16.94 -7.82 8.14
C GLY D 386 -17.63 -7.21 9.35
N HIS D 387 -18.96 -7.38 9.41
CA HIS D 387 -19.77 -6.91 10.54
C HIS D 387 -20.66 -8.02 11.02
N PHE D 388 -20.47 -8.40 12.28
CA PHE D 388 -21.31 -9.42 12.90
C PHE D 388 -21.35 -10.71 12.06
N GLU D 389 -22.50 -11.10 11.54
CA GLU D 389 -22.63 -12.43 10.92
C GLU D 389 -22.21 -12.46 9.46
N LEU D 390 -21.97 -11.28 8.87
CA LEU D 390 -21.70 -11.23 7.44
C LEU D 390 -20.67 -10.19 7.00
N ASN D 391 -19.72 -10.65 6.20
CA ASN D 391 -18.85 -9.72 5.51
C ASN D 391 -19.54 -9.31 4.22
N VAL D 392 -19.68 -8.01 4.00
CA VAL D 392 -20.38 -7.52 2.81
C VAL D 392 -19.46 -6.73 1.85
N TYR D 393 -18.29 -7.30 1.60
CA TYR D 393 -17.40 -6.80 0.57
C TYR D 393 -17.06 -7.92 -0.41
N ASN D 394 -17.93 -8.93 -0.49
CA ASN D 394 -17.64 -10.11 -1.30
C ASN D 394 -17.25 -9.80 -2.77
N PRO D 395 -18.11 -9.05 -3.50
CA PRO D 395 -17.78 -8.88 -4.91
C PRO D 395 -16.45 -8.17 -5.13
N LEU D 396 -16.17 -7.15 -4.29
CA LEU D 396 -14.87 -6.48 -4.32
C LEU D 396 -13.74 -7.51 -4.18
N ALA D 398 -13.78 -10.89 -4.55
CA ALA D 398 -13.81 -11.83 -5.69
C ALA D 398 -13.14 -11.20 -6.91
N TYR D 399 -13.52 -9.96 -7.19
CA TYR D 399 -13.00 -9.24 -8.36
C TYR D 399 -11.47 -9.05 -8.27
N ASN D 400 -10.99 -8.56 -7.14
CA ASN D 400 -9.57 -8.33 -6.96
C ASN D 400 -8.74 -9.60 -7.03
N PHE D 401 -9.22 -10.66 -6.36
CA PHE D 401 -8.51 -11.95 -6.37
C PHE D 401 -8.44 -12.50 -7.80
N LEU D 402 -9.58 -12.54 -8.48
CA LEU D 402 -9.66 -13.09 -9.82
C LEU D 402 -8.89 -12.27 -10.83
N GLN D 403 -8.94 -10.93 -10.72
CA GLN D 403 -8.11 -10.06 -11.56
C GLN D 403 -6.63 -10.39 -11.37
N SER D 404 -6.18 -10.48 -10.12
CA SER D 404 -4.80 -10.85 -9.83
C SER D 404 -4.42 -12.18 -10.48
N VAL D 405 -5.26 -13.20 -10.36
CA VAL D 405 -4.97 -14.52 -10.90
C VAL D 405 -4.87 -14.44 -12.44
N GLN D 406 -5.80 -13.72 -13.06
CA GLN D 406 -5.90 -13.62 -14.51
C GLN D 406 -4.66 -12.94 -15.07
N LEU D 407 -4.27 -11.82 -14.46
CA LEU D 407 -3.17 -11.03 -14.93
C LEU D 407 -1.84 -11.74 -14.76
N LEU D 408 -1.65 -12.35 -13.59
CA LEU D 408 -0.40 -13.06 -13.31
C LEU D 408 -0.22 -14.26 -14.19
N ALA D 409 -1.30 -15.01 -14.42
CA ALA D 409 -1.24 -16.21 -15.26
C ALA D 409 -0.94 -15.82 -16.71
N ASP D 410 -1.70 -14.85 -17.23
CA ASP D 410 -1.54 -14.34 -18.60
C ASP D 410 -0.15 -13.77 -18.82
N ALA D 411 0.28 -12.91 -17.91
CA ALA D 411 1.57 -12.24 -18.05
C ALA D 411 2.75 -13.20 -17.92
N ALA D 412 2.62 -14.18 -17.02
CA ALA D 412 3.63 -15.23 -16.88
C ALA D 412 3.75 -16.05 -18.17
N ILE D 413 2.61 -16.41 -18.76
CA ILE D 413 2.61 -17.13 -20.05
C ILE D 413 3.31 -16.31 -21.11
N SER D 414 2.92 -15.04 -21.23
CA SER D 414 3.45 -14.16 -22.25
C SER D 414 4.94 -13.82 -22.09
N PHE D 415 5.38 -13.52 -20.87
CA PHE D 415 6.80 -13.30 -20.57
C PHE D 415 7.66 -14.55 -20.83
N THR D 416 7.11 -15.74 -20.59
CA THR D 416 7.81 -17.01 -20.90
C THR D 416 7.99 -17.23 -22.42
N ASP D 417 6.88 -17.28 -23.15
CA ASP D 417 6.91 -17.57 -24.59
C ASP D 417 7.56 -16.48 -25.40
N ASN D 418 7.33 -15.25 -24.98
CA ASN D 418 7.69 -14.08 -25.77
C ASN D 418 8.96 -13.38 -25.31
N CYS D 419 9.54 -13.85 -24.20
CA CYS D 419 10.80 -13.30 -23.72
C CYS D 419 11.74 -14.39 -23.27
N VAL D 420 11.37 -15.15 -22.23
CA VAL D 420 12.32 -16.08 -21.59
C VAL D 420 12.93 -17.12 -22.55
N VAL D 421 12.09 -17.85 -23.30
CA VAL D 421 12.59 -18.94 -24.16
C VAL D 421 13.59 -18.43 -25.22
N GLY D 422 13.40 -17.21 -25.69
CA GLY D 422 14.27 -16.63 -26.71
C GLY D 422 15.47 -15.85 -26.21
N ILE D 423 15.69 -15.83 -24.90
CA ILE D 423 16.82 -15.07 -24.34
C ILE D 423 18.14 -15.70 -24.78
N GLU D 424 19.05 -14.88 -25.31
CA GLU D 424 20.42 -15.32 -25.55
C GLU D 424 21.42 -14.50 -24.73
N ALA D 425 22.47 -15.16 -24.25
CA ALA D 425 23.54 -14.47 -23.55
C ALA D 425 24.48 -13.82 -24.56
N ARG D 426 24.94 -12.59 -24.26
CA ARG D 426 25.94 -11.92 -25.09
C ARG D 426 27.33 -12.28 -24.56
N GLU D 427 27.81 -13.45 -25.00
CA GLU D 427 29.03 -14.06 -24.46
C GLU D 427 30.31 -13.24 -24.61
N ASP D 428 30.52 -12.69 -25.81
CA ASP D 428 31.69 -11.85 -26.07
C ASP D 428 31.67 -10.64 -25.17
N ASN D 429 30.50 -10.00 -25.08
CA ASN D 429 30.32 -8.89 -24.15
C ASN D 429 30.58 -9.22 -22.68
N ILE D 430 30.05 -10.36 -22.22
CA ILE D 430 30.23 -10.80 -20.83
C ILE D 430 31.71 -11.12 -20.56
N LYS D 431 32.37 -11.76 -21.52
CA LYS D 431 33.80 -12.08 -21.41
C LYS D 431 34.67 -10.82 -21.44
N ALA D 432 34.38 -9.91 -22.36
CA ALA D 432 35.08 -8.63 -22.43
C ALA D 432 34.93 -7.86 -21.12
N ALA D 433 33.75 -7.92 -20.53
CA ALA D 433 33.49 -7.25 -19.25
C ALA D 433 34.31 -7.89 -18.14
N LEU D 434 34.37 -9.23 -18.16
CA LEU D 434 35.09 -10.00 -17.16
C LEU D 434 36.61 -9.76 -17.17
N ASP D 435 37.15 -9.42 -18.34
CA ASP D 435 38.59 -9.18 -18.53
C ASP D 435 38.96 -7.70 -18.31
N ARG D 436 37.97 -6.82 -18.45
CA ARG D 436 38.11 -5.39 -18.12
C ARG D 436 37.82 -5.11 -16.62
N SER D 437 37.37 -6.13 -15.90
CA SER D 437 36.99 -6.00 -14.48
C SER D 437 38.18 -5.74 -13.58
N LEU D 438 37.93 -5.18 -12.40
CA LEU D 438 38.95 -5.00 -11.37
C LEU D 438 38.72 -5.95 -10.18
N LEU D 440 38.84 -9.42 -9.99
CA LEU D 440 39.58 -10.67 -9.93
C LEU D 440 40.96 -10.49 -9.31
N VAL D 441 41.21 -9.31 -8.75
CA VAL D 441 42.51 -8.96 -8.16
C VAL D 441 42.98 -9.89 -7.04
N THR D 442 42.04 -10.40 -6.24
CA THR D 442 42.36 -11.26 -5.09
C THR D 442 43.04 -12.56 -5.51
N GLY D 449 53.03 -13.66 -5.93
CA GLY D 449 52.07 -12.58 -6.22
C GLY D 449 52.62 -11.20 -5.93
N TYR D 450 52.94 -10.97 -4.65
CA TYR D 450 53.36 -9.66 -4.10
C TYR D 450 52.15 -9.02 -3.41
N ASP D 451 52.23 -7.73 -3.09
CA ASP D 451 51.02 -6.97 -2.73
C ASP D 451 50.98 -5.55 -3.31
N ASN D 452 51.36 -5.48 -4.60
CA ASN D 452 50.96 -4.40 -5.48
C ASN D 452 49.78 -4.90 -6.32
N ALA D 453 49.04 -5.86 -5.75
CA ALA D 453 47.72 -6.24 -6.26
C ALA D 453 46.79 -5.03 -6.17
N ALA D 454 46.91 -4.29 -5.06
CA ALA D 454 46.17 -3.04 -4.88
C ALA D 454 46.72 -1.91 -5.75
N LYS D 455 48.04 -1.96 -6.04
CA LYS D 455 48.69 -0.94 -6.87
C LYS D 455 48.45 -1.14 -8.37
N ILE D 456 48.41 -2.41 -8.80
CA ILE D 456 47.99 -2.77 -10.17
C ILE D 456 46.53 -2.34 -10.36
N ALA D 457 45.68 -2.68 -9.37
CA ALA D 457 44.28 -2.25 -9.34
C ALA D 457 44.14 -0.72 -9.46
N LYS D 458 44.80 0.00 -8.56
CA LYS D 458 44.72 1.45 -8.51
C LYS D 458 45.32 2.17 -9.71
N THR D 459 46.22 1.50 -10.42
CA THR D 459 46.81 2.08 -11.65
C THR D 459 45.89 1.85 -12.84
N ALA D 460 45.44 0.60 -13.03
CA ALA D 460 44.43 0.28 -14.02
C ALA D 460 43.21 1.19 -13.83
N HIS D 461 42.78 1.34 -12.57
CA HIS D 461 41.68 2.25 -12.22
C HIS D 461 42.00 3.69 -12.62
N LYS D 462 43.21 4.14 -12.26
CA LYS D 462 43.68 5.48 -12.60
C LYS D 462 43.79 5.68 -14.12
N ASN D 463 44.32 4.67 -14.82
CA ASN D 463 44.64 4.78 -16.26
C ASN D 463 43.50 4.40 -17.22
N GLY D 464 42.51 3.66 -16.73
CA GLY D 464 41.42 3.17 -17.58
C GLY D 464 41.82 1.95 -18.40
N THR D 465 42.84 1.23 -17.92
CA THR D 465 43.39 0.05 -18.59
C THR D 465 42.85 -1.24 -17.95
N THR D 466 43.44 -2.39 -18.32
CA THR D 466 43.04 -3.70 -17.76
C THR D 466 44.01 -4.18 -16.67
N LEU D 467 43.63 -5.25 -15.98
CA LEU D 467 44.50 -5.88 -14.98
C LEU D 467 45.72 -6.54 -15.65
N ARG D 468 45.51 -7.08 -16.86
CA ARG D 468 46.59 -7.66 -17.64
C ARG D 468 47.62 -6.59 -18.03
N GLU D 469 47.13 -5.47 -18.57
CA GLU D 469 47.99 -4.39 -19.05
C GLU D 469 48.89 -3.79 -17.96
N GLU D 470 48.46 -3.87 -16.70
CA GLU D 470 49.27 -3.35 -15.58
C GLU D 470 50.06 -4.43 -14.84
N ALA D 471 49.52 -5.65 -14.78
CA ALA D 471 50.21 -6.76 -14.11
C ALA D 471 51.37 -7.33 -14.95
N VAL D 472 51.21 -7.29 -16.27
CA VAL D 472 52.23 -7.79 -17.21
C VAL D 472 53.05 -6.62 -17.79
N GLY D 473 52.35 -5.59 -18.28
CA GLY D 473 53.01 -4.37 -18.78
C GLY D 473 53.77 -3.59 -17.72
N GLY D 474 53.42 -3.82 -16.45
CA GLY D 474 54.10 -3.20 -15.32
C GLY D 474 55.22 -4.04 -14.75
N GLY D 475 55.40 -5.24 -15.30
CA GLY D 475 56.50 -6.13 -14.95
C GLY D 475 56.34 -6.93 -13.67
N TYR D 476 55.11 -7.05 -13.17
CA TYR D 476 54.84 -7.75 -11.91
C TYR D 476 54.85 -9.28 -12.04
N VAL D 477 54.26 -9.76 -13.13
CA VAL D 477 54.24 -11.19 -13.42
C VAL D 477 54.11 -11.35 -14.94
N THR D 478 54.44 -12.54 -15.45
CA THR D 478 54.38 -12.80 -16.89
C THR D 478 52.92 -13.09 -17.33
N ASP D 479 52.71 -13.18 -18.64
CA ASP D 479 51.40 -13.57 -19.18
C ASP D 479 50.95 -14.97 -18.71
N GLU D 480 51.85 -15.95 -18.78
CA GLU D 480 51.51 -17.33 -18.37
C GLU D 480 51.31 -17.46 -16.85
N GLU D 481 51.95 -16.59 -16.08
CA GLU D 481 51.73 -16.57 -14.63
C GLU D 481 50.41 -15.88 -14.30
N PHE D 482 50.11 -14.81 -15.04
CA PHE D 482 48.83 -14.10 -14.96
C PHE D 482 47.69 -15.08 -15.25
N ASP D 483 47.81 -15.79 -16.38
CA ASP D 483 46.78 -16.74 -16.83
C ASP D 483 46.60 -17.98 -15.94
N ALA D 484 47.67 -18.38 -15.25
CA ALA D 484 47.60 -19.52 -14.32
C ALA D 484 46.99 -19.12 -12.98
N VAL D 485 47.10 -17.84 -12.65
CA VAL D 485 46.64 -17.31 -11.38
C VAL D 485 45.20 -16.75 -11.43
N VAL D 486 44.96 -15.79 -12.31
CA VAL D 486 43.65 -15.12 -12.45
C VAL D 486 42.67 -16.06 -13.17
N ARG D 487 41.98 -16.89 -12.40
CA ARG D 487 41.05 -17.86 -12.96
C ARG D 487 39.65 -17.77 -12.34
N PRO D 488 38.70 -17.16 -13.06
CA PRO D 488 37.32 -17.00 -12.58
C PRO D 488 36.63 -18.31 -12.21
N GLU D 489 36.95 -19.41 -12.90
CA GLU D 489 36.29 -20.70 -12.67
C GLU D 489 36.62 -21.32 -11.32
N THR D 490 37.65 -20.82 -10.67
CA THR D 490 37.98 -21.29 -9.32
C THR D 490 37.32 -20.42 -8.24
N ILE D 492 33.90 -19.48 -8.10
CA ILE D 492 32.43 -19.57 -8.18
C ILE D 492 31.86 -20.66 -7.28
N GLY D 493 32.65 -21.07 -6.29
CA GLY D 493 32.23 -22.08 -5.31
C GLY D 493 33.10 -22.08 -4.06
N PRO D 494 32.67 -22.79 -3.00
CA PRO D 494 33.38 -22.87 -1.70
C PRO D 494 34.76 -23.49 -1.80
#